data_6IUN
#
_entry.id   6IUN
#
_cell.length_a   89.471
_cell.length_b   102.169
_cell.length_c   96.672
_cell.angle_alpha   90.000
_cell.angle_beta   106.630
_cell.angle_gamma   90.000
#
_symmetry.space_group_name_H-M   'P 1 21 1'
#
loop_
_entity.id
_entity.type
_entity.pdbx_description
1 polymer 'Enoyl-CoA hydratase/Delta(3)-cis-delta(2)-trans-enoyl-CoA isomerase'
2 non-polymer GLYCEROL
3 non-polymer NICOTINAMIDE-ADENINE-DINUCLEOTIDE
4 water water
#
_entity_poly.entity_id   1
_entity_poly.type   'polypeptide(L)'
_entity_poly.pdbx_seq_one_letter_code
;MTAQYQVQDGVAVITLDNPPVNGLGHSTRLGIVEGMTRALDDAAVKAIVITGAGKAFSGGADIREFNTPKAMQEPTLHSV
IRVLEGSSKPVVAAVHSVAMGGGLELALGCNYRVASKGAQIALPEVKLGLLPGAGGTQRLPRVIGLEAAANMIVSGTPVL
SEKFAGTKLFDEIVDGDVLPAAVKFAQNVGAATGPHPKVRDLKVRHENPEGYLGFARNTVAAMAKNFPAPLKCLEAVAGS
LKPFEQGLKQEREGFLYLVTTPESRALRHAFFGERAASKIPDVPEGTPTRKIEKVAVIGAGTMGGGISMNFLNAGIPVTI
LETKQEALDRGVGIIRKNYENSAKKGKLTQEKVEQRMGLLSTTLSYDDLKDADLIIEAVFEEMGVKETVFKKLDEVAKQG
AILASNTSTLDVNKIASFTKRPQDVVGMHFFSPANVMKLLEVVRGEKTGKDVLATVMQVGKKIKKTAVVSGVCDGFIGNR
MIEQYSRQAGYLLDEGALPEQVDKAIEKFGFAMGPFRMGDLAGNDIGWAIRKRRAVDKPEIQYSKTADLLCEMGRFGQKT
GAGWYDYKAGDRKPYPNQQVNDMIVQHSKDLGITRRKISDEEIVERLVFALVNEGARILEEGIASKASDIDMVYLTGYGF
PLFRGGPMLYADQVGLYNVALSMKRYAKGYHGEAWQVAPLLQKLADEGKGFNGLEHHHHHH
;
_entity_poly.pdbx_strand_id   B,A
#
loop_
_chem_comp.id
_chem_comp.type
_chem_comp.name
_chem_comp.formula
GOL non-polymer GLYCEROL 'C3 H8 O3'
NAD non-polymer NICOTINAMIDE-ADENINE-DINUCLEOTIDE 'C21 H27 N7 O14 P2'
#
# COMPACT_ATOMS: atom_id res chain seq x y z
N THR A 2 -22.19 22.88 -15.99
CA THR A 2 -22.88 23.09 -17.29
C THR A 2 -23.54 21.80 -17.68
N ALA A 3 -24.24 21.84 -18.80
CA ALA A 3 -24.86 20.70 -19.39
C ALA A 3 -24.52 20.69 -20.86
N GLN A 4 -24.02 19.56 -21.36
CA GLN A 4 -23.93 19.31 -22.80
C GLN A 4 -25.31 18.98 -23.30
N TYR A 5 -25.52 19.25 -24.60
CA TYR A 5 -26.75 19.02 -25.36
C TYR A 5 -26.37 18.35 -26.68
N GLN A 6 -26.94 17.21 -27.02
CA GLN A 6 -26.66 16.56 -28.31
C GLN A 6 -27.92 15.92 -28.81
N VAL A 7 -28.29 16.16 -30.05
CA VAL A 7 -29.40 15.40 -30.63
C VAL A 7 -28.81 14.15 -31.22
N GLN A 8 -29.57 13.06 -31.10
CA GLN A 8 -29.22 11.81 -31.77
C GLN A 8 -30.48 11.01 -31.98
N ASP A 9 -30.85 10.85 -33.24
CA ASP A 9 -31.88 9.95 -33.68
C ASP A 9 -33.28 10.32 -33.14
N GLY A 10 -33.57 11.61 -33.19
CA GLY A 10 -34.81 12.16 -32.63
C GLY A 10 -34.89 12.31 -31.11
N VAL A 11 -33.75 12.20 -30.41
CA VAL A 11 -33.67 12.31 -28.96
C VAL A 11 -32.63 13.35 -28.55
N ALA A 12 -33.07 14.44 -27.91
CA ALA A 12 -32.13 15.37 -27.27
C ALA A 12 -31.53 14.69 -26.01
N VAL A 13 -30.21 14.71 -25.87
CA VAL A 13 -29.56 14.21 -24.65
C VAL A 13 -28.95 15.36 -23.93
N ILE A 14 -29.39 15.57 -22.70
CA ILE A 14 -28.84 16.65 -21.91
C ILE A 14 -27.93 15.95 -20.94
N THR A 15 -26.69 16.38 -20.87
CA THR A 15 -25.69 15.69 -20.08
C THR A 15 -25.11 16.64 -19.04
N LEU A 16 -25.38 16.37 -17.77
CA LEU A 16 -24.81 17.18 -16.71
C LEU A 16 -23.32 16.93 -16.67
N ASP A 17 -22.56 18.01 -16.57
CA ASP A 17 -21.09 17.95 -16.61
C ASP A 17 -20.48 19.00 -15.67
N ASN A 18 -20.23 18.60 -14.44
CA ASN A 18 -19.63 19.52 -13.49
C ASN A 18 -18.95 18.62 -12.49
N PRO A 19 -17.74 18.16 -12.84
CA PRO A 19 -17.03 17.18 -11.97
C PRO A 19 -16.74 17.75 -10.59
N PRO A 20 -16.50 16.89 -9.60
CA PRO A 20 -16.44 15.42 -9.75
C PRO A 20 -17.78 14.64 -9.77
N VAL A 21 -18.88 15.23 -9.22
CA VAL A 21 -20.20 14.54 -9.10
C VAL A 21 -21.42 15.21 -9.81
N ASN A 22 -21.20 16.08 -10.79
CA ASN A 22 -22.28 16.84 -11.41
C ASN A 22 -23.17 17.55 -10.40
N GLY A 23 -22.55 18.21 -9.43
CA GLY A 23 -23.28 19.07 -8.54
C GLY A 23 -24.19 20.00 -9.36
N LEU A 24 -25.40 20.19 -8.87
CA LEU A 24 -26.37 21.01 -9.59
C LEU A 24 -26.12 22.50 -9.29
N GLY A 25 -24.99 23.04 -9.75
CA GLY A 25 -24.64 24.44 -9.54
C GLY A 25 -25.38 25.28 -10.56
N HIS A 26 -25.28 26.58 -10.42
CA HIS A 26 -26.05 27.49 -11.26
C HIS A 26 -25.84 27.22 -12.74
N SER A 27 -24.58 27.07 -13.13
CA SER A 27 -24.30 26.92 -14.57
C SER A 27 -24.95 25.60 -15.09
N THR A 28 -24.89 24.55 -14.27
CA THR A 28 -25.54 23.29 -14.59
C THR A 28 -27.06 23.40 -14.59
N ARG A 29 -27.59 24.03 -13.58
CA ARG A 29 -29.06 24.22 -13.61
C ARG A 29 -29.54 24.99 -14.90
N LEU A 30 -28.84 26.07 -15.24
CA LEU A 30 -29.16 26.92 -16.39
C LEU A 30 -29.06 26.10 -17.66
N GLY A 31 -27.92 25.40 -17.77
CA GLY A 31 -27.69 24.41 -18.80
C GLY A 31 -28.80 23.41 -19.05
N ILE A 32 -29.36 22.83 -17.98
CA ILE A 32 -30.48 21.90 -18.15
C ILE A 32 -31.66 22.63 -18.78
N VAL A 33 -31.90 23.88 -18.40
CA VAL A 33 -33.10 24.62 -18.88
C VAL A 33 -32.86 25.09 -20.32
N GLU A 34 -31.70 25.68 -20.56
CA GLU A 34 -31.35 26.05 -21.93
C GLU A 34 -31.50 24.87 -22.87
N GLY A 35 -31.03 23.70 -22.45
CA GLY A 35 -31.13 22.48 -23.26
C GLY A 35 -32.57 22.13 -23.51
N MET A 36 -33.41 22.20 -22.47
CA MET A 36 -34.83 21.90 -22.60
C MET A 36 -35.52 22.89 -23.54
N THR A 37 -35.17 24.18 -23.42
CA THR A 37 -35.66 25.22 -24.35
C THR A 37 -35.28 24.75 -25.78
N ARG A 38 -34.01 24.43 -26.02
CA ARG A 38 -33.57 23.95 -27.36
C ARG A 38 -34.34 22.73 -27.84
N ALA A 39 -34.64 21.81 -26.90
CA ALA A 39 -35.29 20.58 -27.27
C ALA A 39 -36.73 20.76 -27.68
N LEU A 40 -37.46 21.57 -26.93
CA LEU A 40 -38.86 21.84 -27.21
C LEU A 40 -38.99 22.64 -28.50
N ASP A 41 -38.16 23.66 -28.65
CA ASP A 41 -38.02 24.43 -29.92
C ASP A 41 -37.83 23.57 -31.20
N ASP A 42 -36.96 22.55 -31.13
CA ASP A 42 -36.57 21.70 -32.28
C ASP A 42 -37.62 20.60 -32.63
N ALA A 43 -38.29 20.80 -33.76
CA ALA A 43 -39.33 19.86 -34.22
C ALA A 43 -38.88 18.45 -34.47
N ALA A 44 -37.59 18.28 -34.79
CA ALA A 44 -37.03 16.96 -35.06
C ALA A 44 -36.92 16.10 -33.77
N VAL A 45 -36.73 16.79 -32.61
CA VAL A 45 -36.65 16.14 -31.31
C VAL A 45 -38.04 15.73 -30.80
N LYS A 46 -38.24 14.44 -30.56
CA LYS A 46 -39.51 13.86 -30.14
C LYS A 46 -39.51 13.38 -28.66
N ALA A 47 -38.31 13.19 -28.08
CA ALA A 47 -38.13 12.86 -26.64
C ALA A 47 -36.80 13.36 -26.11
N ILE A 48 -36.72 13.45 -24.79
CA ILE A 48 -35.54 13.98 -24.09
C ILE A 48 -34.96 12.94 -23.11
N VAL A 49 -33.62 12.78 -23.13
CA VAL A 49 -32.92 12.06 -22.08
C VAL A 49 -32.05 13.01 -21.29
N ILE A 50 -32.15 12.91 -19.97
CA ILE A 50 -31.24 13.61 -19.05
C ILE A 50 -30.34 12.54 -18.43
N THR A 51 -29.05 12.82 -18.50
CA THR A 51 -28.05 11.99 -17.89
C THR A 51 -26.86 12.84 -17.35
N GLY A 52 -25.90 12.16 -16.75
CA GLY A 52 -24.70 12.79 -16.19
C GLY A 52 -23.44 12.22 -16.82
N ALA A 53 -22.42 13.05 -16.98
CA ALA A 53 -21.10 12.59 -17.45
C ALA A 53 -20.30 11.97 -16.31
N GLY A 54 -19.29 11.19 -16.68
CA GLY A 54 -18.30 10.73 -15.74
C GLY A 54 -18.83 9.68 -14.79
N LYS A 55 -18.49 9.89 -13.53
CA LYS A 55 -18.77 8.92 -12.49
C LYS A 55 -20.07 9.21 -11.69
N ALA A 56 -21.01 9.99 -12.24
CA ALA A 56 -22.30 10.35 -11.59
C ALA A 56 -23.39 10.73 -12.60
N PHE A 57 -24.66 10.44 -12.27
CA PHE A 57 -25.86 11.20 -12.77
C PHE A 57 -25.78 12.49 -12.05
N SER A 58 -25.95 12.48 -10.72
CA SER A 58 -25.69 13.70 -9.94
C SER A 58 -25.72 13.46 -8.47
N GLY A 59 -24.72 13.98 -7.76
CA GLY A 59 -24.64 13.90 -6.34
C GLY A 59 -25.37 14.99 -5.60
N GLY A 60 -26.06 15.86 -6.30
CA GLY A 60 -26.95 16.84 -5.66
C GLY A 60 -26.45 18.27 -5.67
N ALA A 61 -26.56 18.95 -4.53
CA ALA A 61 -26.11 20.34 -4.47
C ALA A 61 -24.60 20.42 -4.61
N ASP A 62 -24.13 21.35 -5.43
CA ASP A 62 -22.72 21.66 -5.53
C ASP A 62 -22.24 22.38 -4.24
N ILE A 63 -21.48 21.69 -3.38
CA ILE A 63 -20.98 22.28 -2.10
C ILE A 63 -20.15 23.56 -2.25
N ARG A 64 -19.48 23.73 -3.40
CA ARG A 64 -18.80 24.96 -3.75
C ARG A 64 -19.72 26.15 -4.04
N GLU A 65 -21.03 26.03 -3.81
CA GLU A 65 -21.95 27.15 -3.86
C GLU A 65 -22.64 27.46 -2.55
N PHE A 66 -22.52 26.61 -1.52
CA PHE A 66 -23.33 26.78 -0.30
C PHE A 66 -23.53 28.25 0.11
N ASN A 67 -22.43 28.93 0.41
CA ASN A 67 -22.52 30.24 1.03
C ASN A 67 -22.69 31.39 0.03
N THR A 68 -22.91 31.07 -1.25
CA THR A 68 -23.03 32.09 -2.28
C THR A 68 -24.50 32.41 -2.52
N PRO A 69 -24.77 33.63 -3.03
CA PRO A 69 -26.01 33.92 -3.79
C PRO A 69 -26.32 32.93 -4.94
N LYS A 70 -25.29 32.46 -5.65
CA LYS A 70 -25.45 31.50 -6.77
C LYS A 70 -26.22 30.23 -6.36
N ALA A 71 -26.07 29.77 -5.12
CA ALA A 71 -26.94 28.75 -4.52
C ALA A 71 -28.43 28.92 -4.84
N MET A 72 -28.93 30.14 -4.66
CA MET A 72 -30.35 30.46 -4.79
C MET A 72 -30.70 31.17 -6.11
N GLN A 73 -29.71 31.44 -6.95
CA GLN A 73 -29.94 32.12 -8.20
C GLN A 73 -30.69 31.24 -9.25
N GLU A 74 -31.60 31.86 -9.97
CA GLU A 74 -32.56 31.15 -10.78
C GLU A 74 -31.95 30.80 -12.13
N PRO A 75 -32.40 29.76 -12.85
CA PRO A 75 -33.33 28.75 -12.34
C PRO A 75 -32.74 27.90 -11.18
N THR A 76 -33.52 27.78 -10.11
CA THR A 76 -33.25 26.87 -8.98
C THR A 76 -33.76 25.51 -9.37
N LEU A 77 -33.51 24.53 -8.52
CA LEU A 77 -33.89 23.15 -8.72
C LEU A 77 -35.38 23.08 -8.72
N HIS A 78 -36.01 23.91 -7.89
CA HIS A 78 -37.49 23.99 -7.96
C HIS A 78 -37.93 24.44 -9.38
N SER A 79 -37.29 25.49 -9.90
CA SER A 79 -37.60 25.95 -11.24
C SER A 79 -37.26 24.93 -12.36
N VAL A 80 -36.11 24.26 -12.24
CA VAL A 80 -35.72 23.20 -13.22
C VAL A 80 -36.73 22.07 -13.27
N ILE A 81 -37.15 21.60 -12.11
CA ILE A 81 -38.10 20.55 -12.05
C ILE A 81 -39.40 20.95 -12.65
N ARG A 82 -39.83 22.17 -12.32
CA ARG A 82 -41.07 22.75 -12.86
C ARG A 82 -40.97 22.66 -14.40
N VAL A 83 -39.84 23.10 -14.93
CA VAL A 83 -39.66 22.96 -16.38
C VAL A 83 -39.77 21.50 -16.88
N LEU A 84 -39.14 20.54 -16.19
CA LEU A 84 -39.23 19.14 -16.63
C LEU A 84 -40.64 18.54 -16.54
N GLU A 85 -41.38 18.81 -15.47
CA GLU A 85 -42.77 18.30 -15.36
C GLU A 85 -43.74 18.90 -16.38
N GLY A 86 -43.58 20.18 -16.69
CA GLY A 86 -44.40 20.77 -17.74
C GLY A 86 -43.92 20.62 -19.16
N SER A 87 -43.01 19.69 -19.43
CA SER A 87 -42.49 19.48 -20.77
C SER A 87 -43.51 18.67 -21.57
N SER A 88 -43.85 19.13 -22.78
CA SER A 88 -44.82 18.43 -23.65
C SER A 88 -44.17 17.20 -24.25
N LYS A 89 -42.89 17.28 -24.52
CA LYS A 89 -42.17 16.11 -24.94
C LYS A 89 -41.69 15.37 -23.67
N PRO A 90 -41.81 14.02 -23.67
CA PRO A 90 -41.41 13.14 -22.57
C PRO A 90 -39.93 13.12 -22.23
N VAL A 91 -39.66 13.16 -20.91
CA VAL A 91 -38.34 13.27 -20.37
C VAL A 91 -38.02 11.96 -19.69
N VAL A 92 -36.87 11.36 -20.09
CA VAL A 92 -36.36 10.14 -19.50
C VAL A 92 -35.05 10.43 -18.80
N ALA A 93 -35.03 10.17 -17.48
CA ALA A 93 -33.77 10.28 -16.73
C ALA A 93 -33.04 8.98 -16.88
N ALA A 94 -31.78 9.06 -17.23
CA ALA A 94 -30.96 7.86 -17.41
C ALA A 94 -29.89 7.90 -16.31
N VAL A 95 -30.14 7.15 -15.25
CA VAL A 95 -29.39 7.18 -13.98
C VAL A 95 -28.32 6.08 -13.89
N HIS A 96 -27.12 6.45 -13.44
CA HIS A 96 -26.04 5.52 -13.21
C HIS A 96 -25.20 6.07 -12.11
N SER A 97 -24.52 5.15 -11.42
CA SER A 97 -23.39 5.48 -10.54
C SER A 97 -23.83 6.16 -9.26
N VAL A 98 -24.23 7.43 -9.36
CA VAL A 98 -24.73 8.20 -8.22
C VAL A 98 -25.97 9.02 -8.59
N ALA A 99 -27.05 8.92 -7.80
CA ALA A 99 -28.21 9.78 -7.95
C ALA A 99 -28.60 10.11 -6.52
N MET A 100 -28.05 11.21 -5.99
CA MET A 100 -28.21 11.59 -4.58
C MET A 100 -28.77 12.99 -4.42
N GLY A 101 -29.61 13.18 -3.38
CA GLY A 101 -30.19 14.46 -2.97
C GLY A 101 -30.92 15.09 -4.11
N GLY A 102 -30.50 16.32 -4.47
CA GLY A 102 -31.15 17.04 -5.57
C GLY A 102 -31.11 16.25 -6.88
N GLY A 103 -30.10 15.40 -7.04
CA GLY A 103 -29.97 14.58 -8.24
C GLY A 103 -31.08 13.56 -8.33
N LEU A 104 -31.42 12.92 -7.23
CA LEU A 104 -32.55 12.04 -7.23
C LEU A 104 -33.81 12.84 -7.44
N GLU A 105 -33.88 13.99 -6.76
CA GLU A 105 -35.04 14.86 -6.89
C GLU A 105 -35.30 15.26 -8.32
N LEU A 106 -34.25 15.56 -9.05
CA LEU A 106 -34.42 15.92 -10.47
C LEU A 106 -34.94 14.71 -11.27
N ALA A 107 -34.46 13.52 -10.95
CA ALA A 107 -34.79 12.32 -11.68
C ALA A 107 -36.22 12.01 -11.48
N LEU A 108 -36.72 12.29 -10.27
CA LEU A 108 -38.14 12.06 -9.90
C LEU A 108 -39.09 13.06 -10.55
N GLY A 109 -38.57 14.24 -10.88
CA GLY A 109 -39.28 15.20 -11.70
C GLY A 109 -39.50 14.90 -13.17
N CYS A 110 -38.85 13.87 -13.70
CA CYS A 110 -38.94 13.45 -15.12
C CYS A 110 -40.06 12.47 -15.31
N ASN A 111 -40.53 12.27 -16.55
CA ASN A 111 -41.69 11.41 -16.78
C ASN A 111 -41.35 9.98 -16.59
N TYR A 112 -40.17 9.58 -17.06
CA TYR A 112 -39.73 8.20 -16.90
C TYR A 112 -38.32 8.18 -16.39
N ARG A 113 -37.96 7.06 -15.75
CA ARG A 113 -36.59 6.85 -15.27
C ARG A 113 -36.09 5.48 -15.67
N VAL A 114 -34.86 5.44 -16.14
CA VAL A 114 -34.20 4.20 -16.44
C VAL A 114 -32.85 4.22 -15.74
N ALA A 115 -32.55 3.08 -15.08
CA ALA A 115 -31.27 2.86 -14.36
C ALA A 115 -30.46 1.63 -14.76
N SER A 116 -29.14 1.78 -14.67
CA SER A 116 -28.23 0.69 -14.65
C SER A 116 -27.98 0.25 -13.22
N LYS A 117 -27.51 -0.97 -13.11
CA LYS A 117 -27.28 -1.55 -11.81
C LYS A 117 -26.09 -0.92 -11.13
N GLY A 118 -26.04 -1.08 -9.84
CA GLY A 118 -24.90 -0.57 -9.07
C GLY A 118 -24.87 0.93 -8.91
N ALA A 119 -26.01 1.59 -9.08
CA ALA A 119 -26.05 3.03 -8.87
C ALA A 119 -26.46 3.26 -7.42
N GLN A 120 -25.78 4.20 -6.77
CA GLN A 120 -26.07 4.59 -5.40
C GLN A 120 -27.18 5.61 -5.37
N ILE A 121 -28.30 5.27 -4.72
CA ILE A 121 -29.48 6.14 -4.62
C ILE A 121 -29.66 6.58 -3.16
N ALA A 122 -29.79 7.88 -2.91
CA ALA A 122 -29.95 8.38 -1.50
C ALA A 122 -30.61 9.75 -1.50
N LEU A 123 -31.21 10.10 -0.38
CA LEU A 123 -31.52 11.46 -0.03
C LEU A 123 -30.80 11.74 1.30
N PRO A 124 -29.53 12.13 1.26
CA PRO A 124 -28.76 12.33 2.51
C PRO A 124 -28.91 13.66 3.23
N GLU A 125 -29.92 14.46 2.91
CA GLU A 125 -30.05 15.81 3.41
C GLU A 125 -30.16 15.87 4.93
N VAL A 126 -30.75 14.85 5.54
CA VAL A 126 -30.78 14.72 6.96
C VAL A 126 -29.41 14.79 7.66
N LYS A 127 -28.35 14.40 6.98
CA LYS A 127 -27.02 14.40 7.55
C LYS A 127 -26.48 15.81 7.83
N LEU A 128 -27.05 16.79 7.13
CA LEU A 128 -26.77 18.21 7.35
C LEU A 128 -27.87 18.93 8.13
N GLY A 129 -28.78 18.17 8.73
CA GLY A 129 -29.86 18.70 9.49
C GLY A 129 -30.95 19.36 8.69
N LEU A 130 -31.15 18.97 7.45
CA LEU A 130 -32.20 19.54 6.63
C LEU A 130 -33.06 18.42 6.20
N LEU A 131 -33.80 18.57 5.12
CA LEU A 131 -34.58 17.48 4.59
C LEU A 131 -34.67 17.69 3.09
N PRO A 132 -35.14 16.69 2.36
CA PRO A 132 -35.22 16.86 0.90
C PRO A 132 -36.24 17.93 0.48
N GLY A 133 -35.75 19.06 0.02
CA GLY A 133 -36.55 20.26 -0.14
C GLY A 133 -37.07 20.60 -1.53
N ALA A 134 -36.93 19.68 -2.49
CA ALA A 134 -37.38 19.89 -3.84
C ALA A 134 -38.32 18.78 -4.32
N GLY A 135 -39.19 18.36 -3.42
CA GLY A 135 -40.19 17.37 -3.75
C GLY A 135 -39.87 15.93 -3.42
N GLY A 136 -38.65 15.67 -2.99
CA GLY A 136 -38.25 14.29 -2.68
C GLY A 136 -39.11 13.59 -1.68
N THR A 137 -39.50 14.30 -0.62
CA THR A 137 -40.35 13.69 0.42
C THR A 137 -41.71 13.36 -0.10
N GLN A 138 -42.13 14.02 -1.17
CA GLN A 138 -43.45 13.78 -1.76
C GLN A 138 -43.43 12.80 -2.90
N ARG A 139 -42.46 12.91 -3.77
CA ARG A 139 -42.43 12.04 -4.94
C ARG A 139 -41.95 10.65 -4.56
N LEU A 140 -40.93 10.53 -3.70
CA LEU A 140 -40.33 9.20 -3.39
C LEU A 140 -41.26 8.21 -2.79
N PRO A 141 -42.07 8.61 -1.79
CA PRO A 141 -43.02 7.64 -1.24
C PRO A 141 -44.08 7.23 -2.24
N ARG A 142 -44.29 8.06 -3.25
CA ARG A 142 -45.24 7.77 -4.29
C ARG A 142 -44.73 6.68 -5.25
N VAL A 143 -43.41 6.50 -5.35
CA VAL A 143 -42.82 5.46 -6.17
C VAL A 143 -42.30 4.26 -5.37
N ILE A 144 -41.98 4.38 -4.07
CA ILE A 144 -41.56 3.21 -3.32
C ILE A 144 -42.36 2.87 -2.11
N GLY A 145 -43.41 3.62 -1.84
CA GLY A 145 -44.20 3.44 -0.63
C GLY A 145 -43.65 4.26 0.52
N LEU A 146 -44.50 4.45 1.52
CA LEU A 146 -44.26 5.35 2.64
C LEU A 146 -43.11 4.86 3.52
N GLU A 147 -43.07 3.57 3.79
CA GLU A 147 -42.10 3.02 4.74
C GLU A 147 -40.70 3.00 4.15
N ALA A 148 -40.54 2.50 2.95
CA ALA A 148 -39.25 2.50 2.30
C ALA A 148 -38.69 3.93 2.16
N ALA A 149 -39.54 4.84 1.71
CA ALA A 149 -39.21 6.26 1.60
C ALA A 149 -38.82 6.90 2.93
N ALA A 150 -39.56 6.58 3.95
CA ALA A 150 -39.33 7.16 5.28
C ALA A 150 -37.98 6.73 5.78
N ASN A 151 -37.70 5.45 5.57
CA ASN A 151 -36.45 4.85 5.97
C ASN A 151 -35.20 5.47 5.24
N MET A 152 -35.25 5.55 3.91
CA MET A 152 -34.20 6.27 3.18
C MET A 152 -34.04 7.71 3.63
N ILE A 153 -35.15 8.43 3.86
CA ILE A 153 -35.06 9.85 4.11
C ILE A 153 -34.61 10.19 5.54
N VAL A 154 -35.07 9.38 6.50
CA VAL A 154 -34.74 9.58 7.91
C VAL A 154 -33.29 9.24 8.16
N SER A 155 -32.84 8.17 7.53
CA SER A 155 -31.53 7.63 7.73
C SER A 155 -30.49 8.27 6.83
N GLY A 156 -30.90 8.74 5.64
CA GLY A 156 -29.94 9.27 4.65
C GLY A 156 -28.98 8.26 4.02
N THR A 157 -29.22 6.97 4.21
CA THR A 157 -28.36 5.94 3.71
C THR A 157 -28.63 5.58 2.22
N PRO A 158 -27.56 5.41 1.41
CA PRO A 158 -27.75 4.98 0.01
C PRO A 158 -28.20 3.56 -0.14
N VAL A 159 -28.74 3.27 -1.30
CA VAL A 159 -29.33 1.98 -1.60
C VAL A 159 -29.04 1.73 -3.06
N LEU A 160 -28.53 0.55 -3.39
CA LEU A 160 -28.21 0.24 -4.76
C LEU A 160 -29.45 0.21 -5.67
N SER A 161 -29.31 0.73 -6.87
CA SER A 161 -30.42 0.78 -7.82
C SER A 161 -31.19 -0.53 -8.06
N GLU A 162 -30.46 -1.64 -8.14
CA GLU A 162 -31.10 -2.94 -8.48
C GLU A 162 -32.05 -3.42 -7.37
N LYS A 163 -31.90 -2.91 -6.15
CA LYS A 163 -32.82 -3.24 -5.05
C LYS A 163 -34.23 -2.60 -5.17
N PHE A 164 -34.45 -1.70 -6.11
CA PHE A 164 -35.78 -1.10 -6.33
C PHE A 164 -36.63 -1.87 -7.38
N ALA A 165 -36.14 -2.99 -7.93
CA ALA A 165 -36.97 -3.87 -8.82
C ALA A 165 -38.39 -4.11 -8.30
N GLY A 166 -39.41 -3.91 -9.10
CA GLY A 166 -40.79 -4.06 -8.54
C GLY A 166 -41.34 -2.91 -7.68
N THR A 167 -40.60 -1.81 -7.53
CA THR A 167 -41.21 -0.55 -7.16
C THR A 167 -41.39 0.17 -8.49
N LYS A 168 -42.06 1.31 -8.45
CA LYS A 168 -42.15 2.20 -9.61
C LYS A 168 -40.98 3.18 -9.81
N LEU A 169 -39.96 3.16 -8.96
CA LEU A 169 -38.92 4.17 -9.07
C LEU A 169 -38.31 4.20 -10.47
N PHE A 170 -37.94 3.03 -10.98
CA PHE A 170 -37.35 2.90 -12.30
C PHE A 170 -38.37 2.17 -13.15
N ASP A 171 -38.54 2.61 -14.37
CA ASP A 171 -39.44 1.91 -15.28
C ASP A 171 -38.74 0.72 -15.94
N GLU A 172 -37.40 0.74 -16.00
CA GLU A 172 -36.57 -0.31 -16.60
C GLU A 172 -35.20 -0.22 -15.92
N ILE A 173 -34.77 -1.34 -15.30
CA ILE A 173 -33.44 -1.45 -14.73
C ILE A 173 -32.61 -2.36 -15.66
N VAL A 174 -31.49 -1.87 -16.21
CA VAL A 174 -30.65 -2.62 -17.16
C VAL A 174 -29.28 -2.97 -16.59
N ASP A 175 -28.65 -3.99 -17.19
CA ASP A 175 -27.22 -4.22 -17.05
C ASP A 175 -26.55 -3.51 -18.21
N GLY A 176 -25.36 -3.02 -17.96
CA GLY A 176 -24.57 -2.40 -19.01
C GLY A 176 -24.82 -0.92 -18.96
N ASP A 177 -24.57 -0.24 -20.06
CA ASP A 177 -24.60 1.19 -20.07
C ASP A 177 -26.06 1.67 -20.09
N VAL A 178 -26.33 2.72 -19.30
CA VAL A 178 -27.69 3.25 -19.18
C VAL A 178 -28.10 4.00 -20.46
N LEU A 179 -27.21 4.82 -21.01
CA LEU A 179 -27.57 5.74 -22.11
C LEU A 179 -28.20 5.04 -23.32
N PRO A 180 -27.54 4.01 -23.89
CA PRO A 180 -28.15 3.36 -25.06
C PRO A 180 -29.55 2.88 -24.78
N ALA A 181 -29.75 2.24 -23.64
CA ALA A 181 -31.06 1.70 -23.28
C ALA A 181 -32.10 2.81 -23.05
N ALA A 182 -31.62 3.94 -22.52
CA ALA A 182 -32.49 5.08 -22.25
C ALA A 182 -32.92 5.83 -23.53
N VAL A 183 -32.02 5.92 -24.51
CA VAL A 183 -32.36 6.45 -25.83
C VAL A 183 -33.37 5.58 -26.52
N LYS A 184 -33.22 4.27 -26.42
CA LYS A 184 -34.17 3.38 -27.08
C LYS A 184 -35.52 3.56 -26.40
N PHE A 185 -35.51 3.68 -25.08
CA PHE A 185 -36.73 3.90 -24.28
C PHE A 185 -37.46 5.19 -24.68
N ALA A 186 -36.68 6.25 -24.80
CA ALA A 186 -37.12 7.54 -25.23
C ALA A 186 -37.75 7.49 -26.63
N GLN A 187 -37.18 6.70 -27.54
CA GLN A 187 -37.70 6.62 -28.92
C GLN A 187 -39.14 6.09 -28.98
N ASN A 188 -39.43 5.10 -28.15
CA ASN A 188 -40.75 4.52 -28.12
C ASN A 188 -41.72 5.53 -27.55
N VAL A 189 -41.41 6.10 -26.37
CA VAL A 189 -42.40 6.97 -25.73
C VAL A 189 -42.65 8.21 -26.54
N GLY A 190 -41.62 8.75 -27.18
CA GLY A 190 -41.76 9.90 -28.04
C GLY A 190 -42.56 9.69 -29.33
N ALA A 191 -42.93 8.44 -29.63
CA ALA A 191 -43.74 8.10 -30.77
C ALA A 191 -45.18 7.81 -30.36
N ALA A 192 -45.46 7.70 -29.07
CA ALA A 192 -46.83 7.73 -28.61
C ALA A 192 -47.18 9.19 -28.33
N THR A 193 -48.46 9.52 -28.42
CA THR A 193 -48.99 10.75 -27.78
C THR A 193 -50.28 10.38 -27.07
N GLY A 194 -50.88 11.39 -26.43
CA GLY A 194 -51.49 11.22 -25.14
C GLY A 194 -50.43 11.87 -24.26
N PRO A 195 -50.82 12.39 -23.09
CA PRO A 195 -49.84 13.06 -22.24
C PRO A 195 -49.06 12.00 -21.44
N HIS A 196 -47.92 12.36 -20.87
CA HIS A 196 -47.00 11.36 -20.23
C HIS A 196 -47.10 11.42 -18.75
N PRO A 197 -46.96 10.27 -18.06
CA PRO A 197 -47.14 10.26 -16.60
C PRO A 197 -46.14 11.12 -15.81
N LYS A 198 -46.61 11.52 -14.64
CA LYS A 198 -45.95 12.40 -13.69
C LYS A 198 -46.07 11.71 -12.36
N VAL A 199 -44.98 11.74 -11.59
CA VAL A 199 -44.97 11.13 -10.29
C VAL A 199 -46.00 11.75 -9.38
N ARG A 200 -46.22 13.06 -9.46
CA ARG A 200 -47.24 13.76 -8.60
C ARG A 200 -48.69 13.21 -8.69
N ASP A 201 -49.07 12.58 -9.82
CA ASP A 201 -50.40 11.92 -10.03
C ASP A 201 -50.57 10.56 -9.33
N LEU A 202 -49.48 9.98 -8.81
CA LEU A 202 -49.55 8.68 -8.16
C LEU A 202 -50.01 8.85 -6.73
N LYS A 203 -50.47 7.79 -6.09
CA LYS A 203 -50.89 7.95 -4.71
C LYS A 203 -50.21 7.04 -3.75
N VAL A 204 -49.81 7.59 -2.62
CA VAL A 204 -49.24 6.75 -1.58
C VAL A 204 -50.36 5.89 -1.03
N ARG A 205 -50.25 4.60 -1.27
CA ARG A 205 -51.28 3.67 -0.81
C ARG A 205 -50.73 2.92 0.38
N HIS A 206 -51.35 3.05 1.53
CA HIS A 206 -50.90 2.31 2.68
C HIS A 206 -52.09 1.98 3.60
N GLU A 207 -52.13 0.74 4.11
CA GLU A 207 -53.34 0.21 4.75
C GLU A 207 -53.47 0.56 6.24
N ASN A 208 -52.37 0.92 6.90
CA ASN A 208 -52.48 1.58 8.22
C ASN A 208 -51.40 2.66 8.58
N PRO A 209 -51.52 3.90 8.04
CA PRO A 209 -50.52 4.95 8.22
C PRO A 209 -50.19 5.29 9.68
N GLU A 210 -51.22 5.53 10.49
CA GLU A 210 -51.01 5.91 11.92
C GLU A 210 -50.43 4.76 12.75
N GLY A 211 -50.80 3.53 12.38
CA GLY A 211 -50.14 2.33 12.91
C GLY A 211 -48.64 2.44 12.72
N TYR A 212 -48.21 2.61 11.48
CA TYR A 212 -46.78 2.69 11.17
C TYR A 212 -46.11 3.95 11.74
N LEU A 213 -46.71 5.12 11.48
CA LEU A 213 -46.13 6.38 11.87
C LEU A 213 -45.94 6.51 13.35
N GLY A 214 -46.91 5.99 14.12
CA GLY A 214 -46.83 5.91 15.59
C GLY A 214 -45.56 5.21 16.04
N PHE A 215 -45.28 4.04 15.46
CA PHE A 215 -44.08 3.28 15.80
C PHE A 215 -42.80 3.92 15.27
N ALA A 216 -42.85 4.42 14.05
CA ALA A 216 -41.73 5.15 13.48
C ALA A 216 -41.37 6.40 14.35
N ARG A 217 -42.36 7.21 14.72
CA ARG A 217 -42.19 8.38 15.61
C ARG A 217 -41.31 8.07 16.83
N ASN A 218 -41.65 6.99 17.52
CA ASN A 218 -40.95 6.52 18.73
C ASN A 218 -39.51 6.12 18.47
N THR A 219 -39.31 5.26 17.47
CA THR A 219 -37.95 4.80 17.15
C THR A 219 -37.08 5.95 16.61
N VAL A 220 -37.67 6.84 15.81
CA VAL A 220 -36.94 8.01 15.31
C VAL A 220 -36.64 8.96 16.49
N ALA A 221 -37.63 9.23 17.34
CA ALA A 221 -37.36 10.14 18.49
C ALA A 221 -36.23 9.66 19.41
N ALA A 222 -36.30 8.37 19.75
CA ALA A 222 -35.26 7.70 20.53
C ALA A 222 -33.84 7.71 19.89
N MET A 223 -33.73 7.38 18.61
CA MET A 223 -32.45 7.47 17.88
C MET A 223 -31.92 8.90 17.61
N ALA A 224 -32.81 9.91 17.64
CA ALA A 224 -32.54 11.21 17.06
C ALA A 224 -31.92 12.14 18.06
N LYS A 225 -32.39 12.14 19.31
CA LYS A 225 -31.60 12.63 20.46
C LYS A 225 -30.96 14.03 20.26
N ASN A 226 -31.74 15.07 20.35
CA ASN A 226 -31.19 16.42 20.13
C ASN A 226 -31.03 16.91 18.68
N PHE A 227 -31.26 16.03 17.72
CA PHE A 227 -31.34 16.43 16.33
C PHE A 227 -32.79 16.50 15.89
N PRO A 228 -33.28 17.68 15.46
CA PRO A 228 -34.71 17.80 15.07
C PRO A 228 -35.01 17.39 13.64
N ALA A 229 -33.99 17.30 12.78
CA ALA A 229 -34.20 16.94 11.39
C ALA A 229 -34.90 15.59 11.15
N PRO A 230 -34.48 14.54 11.90
CA PRO A 230 -35.06 13.25 11.58
C PRO A 230 -36.56 13.16 11.74
N LEU A 231 -37.10 13.71 12.83
CA LEU A 231 -38.57 13.75 13.00
C LEU A 231 -39.27 14.62 11.94
N LYS A 232 -38.69 15.77 11.60
CA LYS A 232 -39.27 16.56 10.52
C LYS A 232 -39.28 15.89 9.16
N CYS A 233 -38.30 15.04 8.87
CA CYS A 233 -38.24 14.31 7.65
C CYS A 233 -39.39 13.33 7.65
N LEU A 234 -39.64 12.74 8.79
CA LEU A 234 -40.71 11.74 8.93
C LEU A 234 -42.05 12.42 8.72
N GLU A 235 -42.19 13.56 9.37
CA GLU A 235 -43.38 14.41 9.17
C GLU A 235 -43.59 14.80 7.69
N ALA A 236 -42.53 15.32 7.05
CA ALA A 236 -42.65 15.60 5.65
C ALA A 236 -43.16 14.36 4.82
N VAL A 237 -42.56 13.21 5.08
CA VAL A 237 -42.90 12.01 4.36
C VAL A 237 -44.36 11.66 4.59
N ALA A 238 -44.82 11.91 5.81
CA ALA A 238 -46.24 11.64 6.19
C ALA A 238 -47.25 12.43 5.37
N GLY A 239 -46.78 13.59 4.92
CA GLY A 239 -47.51 14.48 4.06
C GLY A 239 -47.73 14.02 2.66
N SER A 240 -47.01 12.99 2.21
CA SER A 240 -47.25 12.36 0.92
C SER A 240 -48.65 11.68 0.77
N LEU A 241 -49.29 11.38 1.90
CA LEU A 241 -50.66 10.95 1.94
C LEU A 241 -51.64 12.06 1.49
N LYS A 242 -51.27 13.34 1.59
CA LYS A 242 -52.10 14.48 1.20
C LYS A 242 -51.96 14.70 -0.28
N PRO A 243 -52.81 15.58 -0.88
CA PRO A 243 -52.62 15.93 -2.30
C PRO A 243 -51.30 16.67 -2.55
N PHE A 244 -50.78 16.44 -3.74
CA PHE A 244 -49.43 16.75 -3.96
C PHE A 244 -49.05 18.16 -3.49
N GLU A 245 -49.84 19.16 -3.88
CA GLU A 245 -49.52 20.55 -3.60
C GLU A 245 -49.50 20.88 -2.11
N GLN A 246 -50.32 20.20 -1.32
CA GLN A 246 -50.32 20.36 0.15
C GLN A 246 -49.10 19.74 0.80
N GLY A 247 -48.82 18.51 0.38
CA GLY A 247 -47.60 17.84 0.81
C GLY A 247 -46.36 18.68 0.57
N LEU A 248 -46.24 19.21 -0.61
CA LEU A 248 -45.14 20.04 -1.00
C LEU A 248 -44.99 21.34 -0.21
N LYS A 249 -46.11 21.99 0.05
CA LYS A 249 -46.17 23.13 0.92
C LYS A 249 -45.72 22.78 2.34
N GLN A 250 -46.21 21.66 2.87
CA GLN A 250 -45.77 21.14 4.17
C GLN A 250 -44.26 20.74 4.20
N GLU A 251 -43.72 20.24 3.09
CA GLU A 251 -42.29 19.95 2.98
C GLU A 251 -41.41 21.19 3.04
N ARG A 252 -41.76 22.18 2.23
CA ARG A 252 -41.10 23.48 2.22
C ARG A 252 -41.09 24.16 3.60
N GLU A 253 -42.19 24.07 4.33
CA GLU A 253 -42.23 24.59 5.68
C GLU A 253 -41.24 23.85 6.59
N GLY A 254 -41.25 22.51 6.52
CA GLY A 254 -40.28 21.66 7.15
C GLY A 254 -38.87 22.09 6.83
N PHE A 255 -38.60 22.31 5.57
CA PHE A 255 -37.28 22.74 5.18
C PHE A 255 -36.86 24.09 5.82
N LEU A 256 -37.71 25.11 5.69
CA LEU A 256 -37.47 26.42 6.19
C LEU A 256 -37.34 26.46 7.72
N TYR A 257 -38.09 25.61 8.40
CA TYR A 257 -37.91 25.48 9.85
C TYR A 257 -36.50 24.88 10.20
N LEU A 258 -36.06 23.80 9.51
CA LEU A 258 -34.76 23.18 9.78
C LEU A 258 -33.60 24.09 9.49
N VAL A 259 -33.76 24.91 8.44
CA VAL A 259 -32.78 25.89 8.02
C VAL A 259 -32.53 26.93 9.12
N THR A 260 -33.53 27.27 9.94
CA THR A 260 -33.37 28.22 11.07
C THR A 260 -32.68 27.55 12.25
N THR A 261 -32.66 26.20 12.32
CA THR A 261 -32.28 25.55 13.58
C THR A 261 -30.78 25.65 13.82
N PRO A 262 -30.40 25.77 15.10
CA PRO A 262 -28.94 25.80 15.37
C PRO A 262 -28.26 24.47 15.12
N GLU A 263 -28.98 23.38 15.30
CA GLU A 263 -28.51 22.04 14.95
C GLU A 263 -28.00 21.87 13.48
N SER A 264 -28.66 22.49 12.52
CA SER A 264 -28.18 22.30 11.13
C SER A 264 -27.04 23.26 10.82
N ARG A 265 -27.06 24.40 11.49
CA ARG A 265 -25.91 25.34 11.53
C ARG A 265 -24.69 24.59 12.08
N ALA A 266 -24.89 23.83 13.15
CA ALA A 266 -23.84 23.03 13.77
C ALA A 266 -23.25 21.95 12.83
N LEU A 267 -24.12 21.21 12.13
CA LEU A 267 -23.71 20.12 11.28
C LEU A 267 -22.93 20.72 10.09
N ARG A 268 -23.41 21.81 9.56
CA ARG A 268 -22.72 22.51 8.47
C ARG A 268 -21.34 23.03 8.87
N HIS A 269 -21.23 23.63 10.07
CA HIS A 269 -19.98 24.02 10.61
C HIS A 269 -19.03 22.84 10.76
N ALA A 270 -19.52 21.70 11.27
CA ALA A 270 -18.70 20.48 11.41
C ALA A 270 -18.15 19.99 10.07
N PHE A 271 -19.02 19.98 9.05
CA PHE A 271 -18.69 19.50 7.74
C PHE A 271 -17.60 20.33 7.10
N PHE A 272 -17.78 21.64 7.05
CA PHE A 272 -16.77 22.57 6.57
C PHE A 272 -15.59 22.73 7.46
N GLY A 273 -15.73 22.56 8.78
CA GLY A 273 -14.57 22.60 9.65
C GLY A 273 -13.60 21.47 9.37
N GLU A 274 -14.10 20.27 9.06
CA GLU A 274 -13.23 19.14 8.76
C GLU A 274 -12.40 19.44 7.51
N ARG A 275 -13.02 20.09 6.52
CA ARG A 275 -12.28 20.46 5.33
C ARG A 275 -11.26 21.61 5.58
N ALA A 276 -11.64 22.61 6.35
CA ALA A 276 -10.77 23.74 6.64
C ALA A 276 -9.63 23.45 7.56
N ALA A 277 -9.68 22.33 8.29
CA ALA A 277 -8.66 21.90 9.25
C ALA A 277 -7.26 21.76 8.67
N SER A 278 -7.24 21.32 7.42
CA SER A 278 -5.99 21.04 6.69
C SER A 278 -5.24 22.32 6.20
N LYS A 279 -5.96 23.44 6.06
CA LYS A 279 -5.41 24.74 5.68
C LYS A 279 -4.59 25.38 6.82
N ILE A 280 -3.32 25.64 6.55
CA ILE A 280 -2.46 26.35 7.43
C ILE A 280 -2.09 27.68 6.76
N PRO A 281 -2.30 28.84 7.45
CA PRO A 281 -1.98 30.18 6.94
C PRO A 281 -0.76 30.34 5.96
N ASP A 282 0.40 29.80 6.30
CA ASP A 282 1.66 30.03 5.52
C ASP A 282 2.24 28.76 4.86
N VAL A 283 1.38 27.78 4.60
CA VAL A 283 1.78 26.58 3.87
C VAL A 283 0.74 26.35 2.80
N PRO A 284 1.01 26.77 1.57
CA PRO A 284 -0.04 26.79 0.53
C PRO A 284 -0.33 25.45 -0.03
N GLU A 285 -1.54 25.23 -0.59
CA GLU A 285 -1.83 23.95 -1.22
C GLU A 285 -0.85 23.82 -2.33
N GLY A 286 -0.42 22.59 -2.59
CA GLY A 286 0.56 22.35 -3.64
C GLY A 286 1.98 22.34 -3.14
N THR A 287 2.18 22.72 -1.87
CA THR A 287 3.45 22.45 -1.16
C THR A 287 3.65 20.95 -1.24
N PRO A 288 4.83 20.47 -1.65
CA PRO A 288 5.01 19.04 -1.84
C PRO A 288 5.38 18.26 -0.61
N THR A 289 4.91 17.04 -0.60
CA THR A 289 4.92 16.17 0.55
C THR A 289 5.94 15.09 0.27
N ARG A 290 6.52 14.55 1.33
CA ARG A 290 7.31 13.33 1.24
C ARG A 290 6.41 12.10 1.15
N LYS A 291 6.95 11.02 0.62
CA LYS A 291 6.19 9.78 0.44
C LYS A 291 6.31 9.04 1.75
N ILE A 292 5.18 8.65 2.34
CA ILE A 292 5.22 7.86 3.57
C ILE A 292 4.71 6.52 3.25
N GLU A 293 5.61 5.54 3.14
CA GLU A 293 5.22 4.19 2.76
C GLU A 293 5.26 3.18 3.89
N LYS A 294 6.21 3.32 4.81
CA LYS A 294 6.33 2.44 5.96
C LYS A 294 6.51 3.31 7.19
N VAL A 295 6.03 2.79 8.32
CA VAL A 295 5.92 3.54 9.54
C VAL A 295 6.52 2.71 10.64
N ALA A 296 7.12 3.40 11.61
CA ALA A 296 7.54 2.79 12.86
C ALA A 296 6.95 3.50 14.05
N VAL A 297 6.67 2.74 15.11
CA VAL A 297 6.24 3.28 16.40
C VAL A 297 7.11 2.77 17.55
N ILE A 298 7.50 3.68 18.44
CA ILE A 298 8.26 3.37 19.64
C ILE A 298 7.30 3.28 20.83
N GLY A 299 7.09 2.09 21.36
CA GLY A 299 6.17 1.86 22.44
C GLY A 299 5.05 0.99 21.91
N ALA A 300 4.69 -0.02 22.69
CA ALA A 300 3.56 -0.88 22.40
C ALA A 300 2.57 -0.82 23.52
N GLY A 301 2.49 0.31 24.20
CA GLY A 301 1.43 0.50 25.17
C GLY A 301 0.18 0.89 24.46
N THR A 302 -0.76 1.42 25.23
CA THR A 302 -2.10 1.68 24.75
C THR A 302 -2.05 2.67 23.59
N MET A 303 -1.26 3.74 23.74
CA MET A 303 -1.10 4.73 22.68
C MET A 303 -0.39 4.16 21.50
N GLY A 304 0.81 3.64 21.73
CA GLY A 304 1.64 3.07 20.69
C GLY A 304 0.90 2.02 19.90
N GLY A 305 0.16 1.14 20.56
CA GLY A 305 -0.63 0.08 19.93
C GLY A 305 -1.83 0.67 19.23
N GLY A 306 -2.37 1.73 19.83
CA GLY A 306 -3.46 2.48 19.19
C GLY A 306 -3.08 3.22 17.92
N ILE A 307 -2.00 4.01 17.98
CA ILE A 307 -1.42 4.74 16.84
C ILE A 307 -1.24 3.73 15.68
N SER A 308 -0.59 2.62 15.97
CA SER A 308 -0.24 1.59 14.99
C SER A 308 -1.44 1.07 14.24
N MET A 309 -2.51 0.80 14.97
CA MET A 309 -3.71 0.26 14.33
C MET A 309 -4.24 1.21 13.24
N ASN A 310 -4.08 2.52 13.43
CA ASN A 310 -4.55 3.48 12.38
C ASN A 310 -3.82 3.28 11.07
N PHE A 311 -2.53 3.03 11.16
CA PHE A 311 -1.77 2.80 9.94
C PHE A 311 -2.10 1.44 9.31
N LEU A 312 -2.24 0.42 10.15
CA LEU A 312 -2.60 -0.92 9.70
C LEU A 312 -3.96 -0.96 8.98
N ASN A 313 -4.98 -0.37 9.61
CA ASN A 313 -6.32 -0.15 9.02
C ASN A 313 -6.32 0.50 7.65
N ALA A 314 -5.37 1.41 7.42
CA ALA A 314 -5.20 2.04 6.12
C ALA A 314 -4.32 1.20 5.13
N GLY A 315 -3.77 0.09 5.58
CA GLY A 315 -2.82 -0.69 4.79
C GLY A 315 -1.33 -0.29 4.84
N ILE A 316 -0.92 0.57 5.74
CA ILE A 316 0.46 1.01 5.81
C ILE A 316 1.17 0.19 6.88
N PRO A 317 2.23 -0.59 6.51
CA PRO A 317 2.96 -1.41 7.46
C PRO A 317 3.67 -0.60 8.52
N VAL A 318 3.71 -1.20 9.69
CA VAL A 318 4.23 -0.57 10.88
C VAL A 318 5.23 -1.55 11.47
N THR A 319 6.27 -0.98 12.05
CA THR A 319 7.20 -1.74 12.87
C THR A 319 7.11 -1.15 14.25
N ILE A 320 6.63 -1.89 15.22
CA ILE A 320 6.67 -1.44 16.62
C ILE A 320 7.99 -1.85 17.25
N LEU A 321 8.63 -0.91 17.93
CA LEU A 321 9.82 -1.17 18.72
C LEU A 321 9.52 -1.05 20.23
N GLU A 322 9.85 -2.08 21.01
CA GLU A 322 9.87 -1.98 22.47
C GLU A 322 11.28 -2.20 23.10
N THR A 323 11.39 -2.08 24.43
CA THR A 323 12.64 -2.44 25.14
C THR A 323 12.76 -3.96 25.31
N LYS A 324 11.66 -4.60 25.73
CA LYS A 324 11.63 -6.02 26.12
C LYS A 324 10.58 -6.82 25.35
N GLN A 325 10.88 -8.10 25.11
CA GLN A 325 10.05 -9.02 24.34
C GLN A 325 8.67 -9.32 24.97
N GLU A 326 8.51 -9.08 26.27
CA GLU A 326 7.19 -9.15 26.94
C GLU A 326 6.31 -7.92 26.70
N ALA A 327 6.86 -6.72 26.84
CA ALA A 327 6.13 -5.48 26.50
C ALA A 327 5.62 -5.53 25.04
N LEU A 328 6.42 -6.12 24.16
CA LEU A 328 6.05 -6.32 22.77
C LEU A 328 4.87 -7.28 22.61
N ASP A 329 5.04 -8.49 23.15
CA ASP A 329 4.08 -9.57 22.97
C ASP A 329 2.82 -9.35 23.81
N ARG A 330 2.92 -8.44 24.79
CA ARG A 330 1.76 -7.91 25.54
C ARG A 330 0.94 -6.92 24.67
N GLY A 331 1.65 -5.99 24.01
CA GLY A 331 1.06 -5.01 23.11
C GLY A 331 0.43 -5.66 21.89
N VAL A 332 1.15 -6.57 21.23
CA VAL A 332 0.63 -7.23 20.06
C VAL A 332 -0.60 -8.03 20.37
N GLY A 333 -0.63 -8.65 21.54
CA GLY A 333 -1.85 -9.31 22.01
C GLY A 333 -3.01 -8.37 22.27
N ILE A 334 -2.77 -7.21 22.89
CA ILE A 334 -3.84 -6.21 23.09
C ILE A 334 -4.38 -5.67 21.75
N ILE A 335 -3.50 -5.54 20.75
CA ILE A 335 -3.90 -5.09 19.43
C ILE A 335 -4.85 -6.11 18.84
N ARG A 336 -4.38 -7.35 18.77
CA ARG A 336 -5.18 -8.47 18.30
C ARG A 336 -6.52 -8.65 19.08
N LYS A 337 -6.52 -8.39 20.38
CA LYS A 337 -7.76 -8.49 21.18
C LYS A 337 -8.68 -7.33 20.84
N ASN A 338 -8.13 -6.12 20.67
CA ASN A 338 -8.97 -5.03 20.15
C ASN A 338 -9.69 -5.36 18.83
N TYR A 339 -8.96 -5.93 17.87
CA TYR A 339 -9.52 -6.24 16.55
C TYR A 339 -10.59 -7.34 16.60
N GLU A 340 -10.16 -8.56 16.95
CA GLU A 340 -11.04 -9.71 17.20
C GLU A 340 -11.82 -9.33 18.42
N ASN A 341 -13.06 -8.87 18.26
CA ASN A 341 -13.72 -8.10 19.32
C ASN A 341 -14.53 -7.03 18.64
N SER A 342 -13.85 -6.20 17.85
CA SER A 342 -14.54 -5.42 16.84
C SER A 342 -15.19 -6.37 15.86
N ALA A 343 -14.46 -7.41 15.47
CA ALA A 343 -14.98 -8.38 14.51
C ALA A 343 -16.27 -9.07 14.98
N LYS A 344 -16.39 -9.32 16.28
CA LYS A 344 -17.57 -9.96 16.82
C LYS A 344 -18.77 -8.98 16.83
N LYS A 345 -18.53 -7.69 17.09
CA LYS A 345 -19.59 -6.66 16.98
C LYS A 345 -20.01 -6.36 15.52
N GLY A 346 -19.44 -7.05 14.52
CA GLY A 346 -19.75 -6.84 13.11
C GLY A 346 -19.05 -5.67 12.44
N LYS A 347 -18.00 -5.13 13.07
CA LYS A 347 -17.22 -4.01 12.50
C LYS A 347 -16.17 -4.43 11.44
N LEU A 348 -15.73 -5.70 11.47
CA LEU A 348 -14.74 -6.23 10.53
C LEU A 348 -14.97 -7.71 10.42
N THR A 349 -14.55 -8.33 9.33
CA THR A 349 -14.48 -9.78 9.24
C THR A 349 -13.16 -10.19 9.89
N GLN A 350 -13.06 -11.46 10.29
CA GLN A 350 -11.80 -12.05 10.77
C GLN A 350 -10.74 -12.02 9.66
N GLU A 351 -11.14 -12.21 8.40
CA GLU A 351 -10.17 -12.12 7.27
C GLU A 351 -9.44 -10.76 7.27
N LYS A 352 -10.23 -9.69 7.36
CA LYS A 352 -9.75 -8.32 7.51
C LYS A 352 -8.83 -8.12 8.71
N VAL A 353 -9.13 -8.79 9.84
CA VAL A 353 -8.26 -8.73 11.03
C VAL A 353 -6.86 -9.25 10.70
N GLU A 354 -6.79 -10.38 10.00
CA GLU A 354 -5.51 -11.04 9.69
C GLU A 354 -4.64 -10.29 8.64
N GLN A 355 -5.29 -9.69 7.65
CA GLN A 355 -4.58 -8.87 6.67
C GLN A 355 -3.98 -7.66 7.37
N ARG A 356 -4.66 -7.16 8.40
CA ARG A 356 -4.12 -6.06 9.20
C ARG A 356 -2.94 -6.44 10.04
N MET A 357 -3.07 -7.54 10.77
CA MET A 357 -2.00 -8.06 11.63
C MET A 357 -0.81 -8.52 10.83
N GLY A 358 -1.08 -9.02 9.62
CA GLY A 358 0.00 -9.31 8.68
C GLY A 358 0.88 -8.13 8.26
N LEU A 359 0.46 -6.87 8.47
CA LEU A 359 1.29 -5.68 8.15
C LEU A 359 2.12 -5.14 9.33
N LEU A 360 1.95 -5.74 10.50
CA LEU A 360 2.61 -5.36 11.74
C LEU A 360 3.93 -6.16 11.95
N SER A 361 5.02 -5.44 12.24
CA SER A 361 6.32 -6.02 12.52
C SER A 361 6.77 -5.55 13.90
N THR A 362 7.58 -6.36 14.55
CA THR A 362 8.03 -6.15 15.92
C THR A 362 9.52 -6.30 15.96
N THR A 363 10.22 -5.36 16.60
CA THR A 363 11.65 -5.48 16.83
C THR A 363 12.01 -4.96 18.21
N LEU A 364 13.17 -5.35 18.67
CA LEU A 364 13.71 -4.86 19.93
C LEU A 364 14.87 -3.98 19.62
N SER A 365 15.16 -3.77 18.32
CA SER A 365 16.38 -3.12 17.86
C SER A 365 16.10 -1.93 16.92
N TYR A 366 16.86 -0.85 17.13
CA TYR A 366 16.72 0.39 16.37
C TYR A 366 17.15 0.25 14.92
N ASP A 367 17.92 -0.79 14.59
CA ASP A 367 18.39 -1.02 13.23
C ASP A 367 17.24 -1.44 12.28
N ASP A 368 16.18 -2.03 12.80
CA ASP A 368 15.05 -2.40 11.91
C ASP A 368 14.18 -1.20 11.42
N LEU A 369 14.30 -0.06 12.09
CA LEU A 369 13.60 1.19 11.76
C LEU A 369 14.31 2.01 10.65
N LYS A 370 15.29 1.37 10.04
CA LYS A 370 16.19 1.98 9.06
C LYS A 370 15.52 2.54 7.79
N ASP A 371 14.44 1.91 7.29
CA ASP A 371 13.71 2.46 6.10
C ASP A 371 12.24 2.90 6.36
N ALA A 372 12.01 3.42 7.56
CA ALA A 372 10.73 3.98 7.96
C ALA A 372 10.75 5.43 7.56
N ASP A 373 9.69 5.84 6.89
CA ASP A 373 9.55 7.20 6.39
C ASP A 373 9.04 8.11 7.48
N LEU A 374 8.30 7.56 8.44
CA LEU A 374 7.76 8.31 9.58
C LEU A 374 7.94 7.42 10.78
N ILE A 375 8.49 7.99 11.86
CA ILE A 375 8.65 7.27 13.11
C ILE A 375 7.88 8.02 14.19
N ILE A 376 7.04 7.35 14.98
CA ILE A 376 6.19 8.04 15.99
C ILE A 376 6.60 7.56 17.37
N GLU A 377 7.20 8.45 18.13
CA GLU A 377 7.60 8.15 19.50
C GLU A 377 6.38 8.20 20.42
N ALA A 378 6.08 7.08 21.11
CA ALA A 378 4.98 6.99 22.08
C ALA A 378 5.43 6.31 23.41
N VAL A 379 6.44 6.88 24.05
CA VAL A 379 7.02 6.31 25.27
C VAL A 379 6.77 7.20 26.46
N PHE A 380 7.21 6.78 27.65
CA PHE A 380 6.83 7.45 28.92
C PHE A 380 7.14 8.95 28.89
N GLU A 381 6.27 9.74 29.50
CA GLU A 381 6.43 11.19 29.56
C GLU A 381 7.48 11.58 30.56
N GLU A 382 8.72 11.56 30.07
CA GLU A 382 9.82 12.09 30.83
C GLU A 382 10.90 12.48 29.83
N MET A 383 11.30 13.75 29.86
CA MET A 383 12.29 14.31 28.92
C MET A 383 13.56 13.45 28.79
N GLY A 384 14.04 12.91 29.92
CA GLY A 384 15.15 11.97 29.91
C GLY A 384 14.95 10.77 28.99
N VAL A 385 13.81 10.11 29.08
CA VAL A 385 13.54 8.96 28.21
C VAL A 385 13.44 9.40 26.74
N LYS A 386 12.79 10.53 26.48
CA LYS A 386 12.62 11.07 25.13
C LYS A 386 13.96 11.32 24.49
N GLU A 387 14.85 11.99 25.24
CA GLU A 387 16.24 12.26 24.82
C GLU A 387 16.91 10.97 24.35
N THR A 388 16.78 9.88 25.10
CA THR A 388 17.31 8.55 24.69
C THR A 388 16.77 8.11 23.31
N VAL A 389 15.45 8.19 23.13
CA VAL A 389 14.79 7.76 21.89
C VAL A 389 15.11 8.67 20.71
N PHE A 390 15.02 9.97 20.91
CA PHE A 390 15.36 10.85 19.81
C PHE A 390 16.87 10.86 19.46
N LYS A 391 17.74 10.48 20.40
CA LYS A 391 19.16 10.31 20.06
C LYS A 391 19.33 9.05 19.25
N LYS A 392 18.93 7.90 19.80
CA LYS A 392 18.93 6.66 19.00
C LYS A 392 18.25 6.85 17.58
N LEU A 393 17.10 7.52 17.50
CA LEU A 393 16.41 7.73 16.20
C LEU A 393 17.19 8.63 15.24
N ASP A 394 17.87 9.64 15.79
CA ASP A 394 18.66 10.56 14.96
C ASP A 394 19.92 9.88 14.35
N GLU A 395 20.42 8.80 14.98
CA GLU A 395 21.44 7.95 14.36
C GLU A 395 20.85 7.19 13.18
N VAL A 396 19.80 6.42 13.46
CA VAL A 396 19.34 5.41 12.52
C VAL A 396 18.47 5.92 11.39
N ALA A 397 17.43 6.69 11.72
CA ALA A 397 16.40 7.03 10.75
C ALA A 397 16.98 7.53 9.45
N LYS A 398 16.48 7.05 8.33
CA LYS A 398 17.05 7.47 7.06
C LYS A 398 16.97 8.94 6.89
N GLN A 399 17.80 9.48 6.01
CA GLN A 399 17.76 10.91 5.77
C GLN A 399 16.45 11.14 5.07
N GLY A 400 15.61 11.95 5.68
CA GLY A 400 14.36 12.42 5.11
C GLY A 400 13.20 11.85 5.90
N ALA A 401 13.44 10.87 6.72
CA ALA A 401 12.40 10.36 7.57
C ALA A 401 11.82 11.49 8.42
N ILE A 402 10.59 11.31 8.91
CA ILE A 402 9.98 12.28 9.79
C ILE A 402 9.87 11.62 11.15
N LEU A 403 10.26 12.41 12.15
CA LEU A 403 10.37 11.95 13.53
C LEU A 403 9.34 12.67 14.37
N ALA A 404 8.42 11.93 14.97
CA ALA A 404 7.27 12.59 15.62
C ALA A 404 7.15 12.08 17.04
N SER A 405 6.66 12.98 17.89
CA SER A 405 6.46 12.67 19.27
C SER A 405 4.97 12.73 19.59
N ASN A 406 4.48 11.73 20.28
CA ASN A 406 3.10 11.72 20.77
C ASN A 406 2.95 12.41 22.12
N THR A 407 3.91 13.29 22.48
CA THR A 407 3.86 13.96 23.79
C THR A 407 2.69 14.92 23.87
N SER A 408 2.17 15.05 25.06
CA SER A 408 1.00 15.90 25.31
C SER A 408 1.34 17.01 26.32
N THR A 409 2.52 16.92 26.93
CA THR A 409 3.01 17.81 27.98
C THR A 409 4.48 18.30 27.77
N LEU A 410 5.32 17.57 27.05
CA LEU A 410 6.73 17.96 26.90
C LEU A 410 6.96 18.94 25.74
N ASP A 411 7.98 19.79 25.86
CA ASP A 411 8.18 20.85 24.87
C ASP A 411 8.69 20.27 23.53
N VAL A 412 7.87 20.39 22.49
CA VAL A 412 8.24 19.77 21.23
C VAL A 412 9.57 20.34 20.74
N ASN A 413 9.84 21.62 20.99
CA ASN A 413 11.08 22.24 20.49
C ASN A 413 12.31 21.70 21.13
N LYS A 414 12.19 21.34 22.41
CA LYS A 414 13.31 20.79 23.15
C LYS A 414 13.59 19.37 22.62
N ILE A 415 12.58 18.51 22.57
CA ILE A 415 12.72 17.17 21.95
C ILE A 415 13.40 17.30 20.57
N ALA A 416 13.04 18.31 19.77
CA ALA A 416 13.69 18.53 18.46
C ALA A 416 15.22 18.84 18.48
N SER A 417 15.67 19.66 19.43
CA SER A 417 17.10 20.01 19.55
C SER A 417 18.04 18.87 20.11
N PHE A 418 17.45 17.74 20.52
CA PHE A 418 18.20 16.49 20.73
C PHE A 418 18.56 15.79 19.42
N THR A 419 18.30 16.44 18.29
CA THR A 419 18.67 15.93 16.98
C THR A 419 19.31 17.06 16.25
N LYS A 420 19.97 16.69 15.15
CA LYS A 420 20.67 17.60 14.26
C LYS A 420 19.77 17.83 13.01
N ARG A 421 18.49 17.50 13.12
CA ARG A 421 17.52 17.73 12.06
C ARG A 421 16.17 18.14 12.67
N PRO A 422 16.18 19.26 13.41
CA PRO A 422 14.93 19.73 14.01
C PRO A 422 13.88 20.08 12.98
N GLN A 423 14.26 20.40 11.77
CA GLN A 423 13.28 20.73 10.75
C GLN A 423 12.36 19.53 10.39
N ASP A 424 12.78 18.34 10.81
CA ASP A 424 12.08 17.09 10.56
C ASP A 424 11.31 16.56 11.77
N VAL A 425 11.30 17.31 12.86
CA VAL A 425 10.64 16.86 14.08
C VAL A 425 9.29 17.57 14.17
N VAL A 426 8.31 16.86 14.71
CA VAL A 426 6.95 17.36 14.69
C VAL A 426 6.22 16.71 15.85
N GLY A 427 5.30 17.43 16.51
CA GLY A 427 4.28 16.77 17.37
C GLY A 427 3.23 16.01 16.52
N MET A 428 2.88 14.81 16.91
CA MET A 428 1.66 14.15 16.38
C MET A 428 0.99 13.61 17.61
N HIS A 429 0.12 14.42 18.21
CA HIS A 429 -0.57 14.10 19.48
C HIS A 429 -1.90 13.44 19.18
N PHE A 430 -1.94 12.12 19.36
CA PHE A 430 -3.16 11.34 19.20
C PHE A 430 -3.91 11.34 20.54
N PHE A 431 -5.14 10.88 20.53
CA PHE A 431 -6.03 10.95 21.65
C PHE A 431 -6.54 9.59 21.97
N SER A 432 -6.49 9.22 23.25
CA SER A 432 -6.84 7.86 23.70
C SER A 432 -8.34 7.59 23.67
N PRO A 433 -8.84 6.39 23.27
CA PRO A 433 -8.15 5.37 22.42
C PRO A 433 -7.86 5.80 20.97
N ALA A 434 -6.63 5.61 20.54
CA ALA A 434 -6.09 6.27 19.38
C ALA A 434 -6.60 5.72 18.09
N ASN A 435 -7.12 4.49 18.10
CA ASN A 435 -7.74 3.96 16.90
C ASN A 435 -9.21 4.30 16.80
N VAL A 436 -9.80 4.98 17.81
CA VAL A 436 -11.21 5.41 17.67
C VAL A 436 -11.33 6.92 17.61
N MET A 437 -10.66 7.62 18.54
CA MET A 437 -10.74 9.07 18.54
C MET A 437 -10.19 9.66 17.20
N LYS A 438 -11.01 10.47 16.55
CA LYS A 438 -10.70 11.08 15.23
C LYS A 438 -9.64 12.17 15.28
N LEU A 439 -9.38 12.73 16.46
CA LEU A 439 -8.55 13.92 16.56
C LEU A 439 -7.06 13.60 16.51
N LEU A 440 -6.32 14.23 15.60
CA LEU A 440 -4.87 14.27 15.65
C LEU A 440 -4.43 15.74 15.82
N GLU A 441 -3.75 16.04 16.89
CA GLU A 441 -3.23 17.39 17.07
C GLU A 441 -1.80 17.38 16.49
N VAL A 442 -1.54 18.19 15.48
CA VAL A 442 -0.23 18.25 14.84
C VAL A 442 0.52 19.50 15.40
N VAL A 443 1.50 19.28 16.23
CA VAL A 443 2.21 20.40 16.90
C VAL A 443 3.39 20.85 16.03
N ARG A 444 3.28 22.04 15.46
CA ARG A 444 4.34 22.67 14.71
C ARG A 444 5.44 23.28 15.61
N GLY A 445 6.63 22.67 15.60
CA GLY A 445 7.81 23.24 16.23
C GLY A 445 8.23 24.52 15.53
N GLU A 446 8.92 25.39 16.24
CA GLU A 446 9.62 26.53 15.58
C GLU A 446 10.42 26.19 14.31
N LYS A 447 11.14 25.07 14.35
CA LYS A 447 11.99 24.68 13.24
C LYS A 447 11.27 23.78 12.19
N THR A 448 10.13 23.17 12.55
CA THR A 448 9.44 22.20 11.69
C THR A 448 9.29 22.78 10.32
N GLY A 449 9.86 22.13 9.31
CA GLY A 449 9.71 22.58 7.91
C GLY A 449 8.27 22.49 7.43
N LYS A 450 7.94 23.31 6.46
CA LYS A 450 6.62 23.35 5.90
C LYS A 450 6.29 22.11 5.12
N ASP A 451 7.30 21.49 4.52
CA ASP A 451 7.09 20.25 3.74
C ASP A 451 6.71 19.10 4.71
N VAL A 452 7.24 19.17 5.93
CA VAL A 452 7.02 18.15 6.95
C VAL A 452 5.59 18.26 7.42
N LEU A 453 5.15 19.48 7.70
CA LEU A 453 3.77 19.76 8.03
C LEU A 453 2.77 19.36 6.95
N ALA A 454 3.12 19.58 5.71
CA ALA A 454 2.20 19.25 4.64
C ALA A 454 2.02 17.72 4.64
N THR A 455 3.11 17.02 4.83
CA THR A 455 3.10 15.59 4.82
C THR A 455 2.27 14.96 5.94
N VAL A 456 2.45 15.46 7.14
CA VAL A 456 1.72 14.97 8.30
C VAL A 456 0.20 15.12 8.13
N MET A 457 -0.23 16.27 7.61
CA MET A 457 -1.62 16.52 7.25
C MET A 457 -2.18 15.53 6.21
N GLN A 458 -1.36 15.19 5.24
CA GLN A 458 -1.77 14.28 4.20
C GLN A 458 -1.88 12.89 4.78
N VAL A 459 -0.90 12.52 5.62
CA VAL A 459 -0.93 11.27 6.38
C VAL A 459 -2.18 11.21 7.25
N GLY A 460 -2.38 12.25 8.06
CA GLY A 460 -3.61 12.44 8.83
C GLY A 460 -4.85 12.06 8.05
N LYS A 461 -4.95 12.55 6.83
CA LYS A 461 -6.12 12.29 6.00
C LYS A 461 -6.17 10.84 5.59
N LYS A 462 -5.03 10.23 5.25
CA LYS A 462 -4.97 8.81 4.86
C LYS A 462 -5.33 7.82 5.94
N ILE A 463 -5.01 8.16 7.19
CA ILE A 463 -5.48 7.37 8.30
C ILE A 463 -6.78 7.84 8.93
N LYS A 464 -7.48 8.73 8.25
CA LYS A 464 -8.87 9.06 8.57
C LYS A 464 -8.97 9.76 9.91
N LYS A 465 -7.98 10.58 10.24
CA LYS A 465 -8.02 11.49 11.40
C LYS A 465 -8.42 12.87 10.97
N THR A 466 -9.02 13.64 11.88
CA THR A 466 -9.20 15.08 11.67
C THR A 466 -7.96 15.73 12.30
N ALA A 467 -7.05 16.17 11.45
CA ALA A 467 -5.78 16.68 11.88
C ALA A 467 -5.84 18.19 11.93
N VAL A 468 -5.47 18.76 13.09
CA VAL A 468 -5.53 20.19 13.34
C VAL A 468 -4.14 20.61 13.82
N VAL A 469 -3.63 21.66 13.21
CA VAL A 469 -2.33 22.21 13.53
C VAL A 469 -2.41 23.20 14.71
N SER A 470 -1.64 22.91 15.75
CA SER A 470 -1.46 23.75 16.91
C SER A 470 -0.01 24.21 17.02
N GLY A 471 0.22 25.44 17.41
CA GLY A 471 1.58 25.85 17.83
C GLY A 471 1.94 25.30 19.19
N VAL A 472 3.12 25.68 19.67
CA VAL A 472 3.69 25.22 20.94
C VAL A 472 3.38 26.13 22.14
N CYS A 473 2.75 25.54 23.16
CA CYS A 473 2.42 26.17 24.42
C CYS A 473 2.06 25.00 25.36
N ASP A 474 1.93 25.24 26.63
CA ASP A 474 1.54 24.19 27.56
C ASP A 474 0.10 23.76 27.19
N GLY A 475 -0.08 22.48 26.89
CA GLY A 475 -1.38 21.91 26.54
C GLY A 475 -1.90 22.12 25.13
N PHE A 476 -1.14 22.78 24.27
CA PHE A 476 -1.50 22.92 22.84
C PHE A 476 -2.89 23.51 22.73
N ILE A 477 -3.84 22.92 21.98
CA ILE A 477 -5.17 23.55 21.91
C ILE A 477 -6.11 22.91 22.91
N GLY A 478 -6.29 21.60 22.78
CA GLY A 478 -7.28 20.90 23.59
C GLY A 478 -7.08 20.85 25.11
N ASN A 479 -5.94 20.37 25.55
CA ASN A 479 -5.63 20.28 26.98
C ASN A 479 -5.53 21.65 27.63
N ARG A 480 -4.97 22.61 26.93
CA ARG A 480 -4.91 23.95 27.49
C ARG A 480 -6.28 24.51 27.83
N MET A 481 -7.23 24.25 26.94
CA MET A 481 -8.63 24.63 27.16
C MET A 481 -9.34 23.77 28.22
N ILE A 482 -9.11 22.46 28.20
CA ILE A 482 -9.75 21.57 29.13
C ILE A 482 -9.31 21.87 30.60
N GLU A 483 -8.08 22.35 30.80
CA GLU A 483 -7.59 22.85 32.10
C GLU A 483 -8.49 23.96 32.71
N GLN A 484 -8.94 24.90 31.90
CA GLN A 484 -9.77 25.99 32.40
C GLN A 484 -11.15 25.46 32.74
N TYR A 485 -11.66 24.58 31.90
CA TYR A 485 -12.90 23.87 32.18
C TYR A 485 -12.81 23.07 33.47
N SER A 486 -11.78 22.27 33.61
CA SER A 486 -11.60 21.48 34.83
C SER A 486 -11.40 22.33 36.15
N ARG A 487 -10.72 23.47 36.05
CA ARG A 487 -10.64 24.48 37.13
C ARG A 487 -12.08 24.98 37.62
N GLN A 488 -12.94 25.40 36.69
CA GLN A 488 -14.31 25.77 37.05
C GLN A 488 -15.02 24.58 37.67
N ALA A 489 -14.83 23.37 37.13
CA ALA A 489 -15.46 22.24 37.77
C ALA A 489 -15.04 22.18 39.25
N GLY A 490 -13.74 22.21 39.52
CA GLY A 490 -13.23 22.19 40.91
C GLY A 490 -13.80 23.30 41.78
N TYR A 491 -13.76 24.51 41.26
CA TYR A 491 -14.33 25.65 41.97
C TYR A 491 -15.81 25.46 42.29
N LEU A 492 -16.57 24.82 41.40
CA LEU A 492 -17.99 24.50 41.66
C LEU A 492 -18.20 23.52 42.82
N LEU A 493 -17.28 22.59 42.99
CA LEU A 493 -17.30 21.75 44.19
C LEU A 493 -17.10 22.63 45.40
N ASP A 494 -16.12 23.51 45.39
CA ASP A 494 -15.89 24.36 46.59
C ASP A 494 -17.20 25.08 47.01
N GLU A 495 -17.86 25.67 46.01
CA GLU A 495 -19.05 26.55 46.24
C GLU A 495 -20.38 25.85 46.53
N GLY A 496 -20.47 24.56 46.22
CA GLY A 496 -21.70 23.83 46.49
C GLY A 496 -22.16 22.77 45.54
N ALA A 497 -21.28 22.22 44.70
CA ALA A 497 -21.68 21.21 43.73
C ALA A 497 -21.05 19.93 44.17
N LEU A 498 -21.60 18.81 43.72
CA LEU A 498 -20.91 17.50 43.86
C LEU A 498 -20.57 16.93 42.46
N PRO A 499 -19.76 15.89 42.39
CA PRO A 499 -19.35 15.42 41.07
C PRO A 499 -20.51 14.98 40.19
N GLU A 500 -21.40 14.16 40.70
CA GLU A 500 -22.46 13.61 39.87
C GLU A 500 -23.33 14.74 39.29
N GLN A 501 -23.62 15.73 40.12
CA GLN A 501 -24.40 16.89 39.75
C GLN A 501 -23.78 17.66 38.55
N VAL A 502 -22.49 17.92 38.63
CA VAL A 502 -21.78 18.64 37.59
C VAL A 502 -21.79 17.78 36.31
N ASP A 503 -21.42 16.52 36.42
CA ASP A 503 -21.38 15.63 35.26
C ASP A 503 -22.74 15.55 34.58
N LYS A 504 -23.81 15.34 35.36
CA LYS A 504 -25.14 15.19 34.81
C LYS A 504 -25.61 16.44 34.05
N ALA A 505 -25.32 17.60 34.60
CA ALA A 505 -25.68 18.85 33.92
C ALA A 505 -25.00 19.04 32.59
N ILE A 506 -23.72 18.72 32.55
CA ILE A 506 -22.94 18.97 31.39
C ILE A 506 -23.20 17.82 30.37
N GLU A 507 -23.51 16.61 30.83
CA GLU A 507 -23.99 15.53 29.93
C GLU A 507 -25.36 15.82 29.28
N LYS A 508 -26.21 16.55 29.96
CA LYS A 508 -27.53 16.88 29.44
C LYS A 508 -27.42 18.03 28.40
N PHE A 509 -26.58 19.02 28.70
CA PHE A 509 -26.13 19.98 27.73
C PHE A 509 -25.65 19.29 26.43
N GLY A 510 -25.08 18.08 26.55
CA GLY A 510 -24.70 17.19 25.43
C GLY A 510 -23.27 16.62 25.31
N PHE A 511 -22.40 16.92 26.27
CA PHE A 511 -21.10 16.26 26.35
C PHE A 511 -21.33 14.77 26.55
N ALA A 512 -20.47 13.96 25.92
CA ALA A 512 -20.52 12.50 26.08
C ALA A 512 -20.20 12.11 27.53
N MET A 513 -19.31 12.86 28.17
CA MET A 513 -18.81 12.51 29.47
C MET A 513 -18.32 13.77 30.21
N GLY A 514 -18.82 13.97 31.42
CA GLY A 514 -18.47 15.13 32.22
C GLY A 514 -17.04 15.10 32.77
N PRO A 515 -16.60 16.20 33.36
CA PRO A 515 -15.24 16.38 33.91
C PRO A 515 -14.77 15.32 34.94
N PHE A 516 -15.67 14.93 35.81
CA PHE A 516 -15.33 13.93 36.86
C PHE A 516 -15.19 12.51 36.35
N ARG A 517 -16.20 12.05 35.64
CA ARG A 517 -16.09 10.79 34.89
C ARG A 517 -14.87 10.72 33.98
N MET A 518 -14.57 11.83 33.30
CA MET A 518 -13.43 11.91 32.40
C MET A 518 -12.11 11.80 33.17
N GLY A 519 -11.95 12.59 34.23
CA GLY A 519 -10.75 12.52 35.06
C GLY A 519 -10.60 11.13 35.62
N ASP A 520 -11.71 10.51 36.02
CA ASP A 520 -11.61 9.10 36.46
C ASP A 520 -11.12 8.15 35.38
N LEU A 521 -11.54 8.39 34.12
CA LEU A 521 -11.11 7.58 33.00
C LEU A 521 -9.66 7.87 32.61
N ALA A 522 -9.27 9.13 32.57
CA ALA A 522 -7.88 9.43 32.23
C ALA A 522 -6.93 8.87 33.28
N GLY A 523 -7.30 8.97 34.56
CA GLY A 523 -6.38 8.73 35.67
C GLY A 523 -6.19 10.05 36.35
N ASN A 524 -6.73 10.22 37.56
CA ASN A 524 -6.64 11.52 38.22
C ASN A 524 -5.22 11.92 38.68
N ASP A 525 -4.39 10.91 38.92
CA ASP A 525 -2.95 11.07 39.14
C ASP A 525 -2.21 11.81 38.03
N ILE A 526 -2.56 11.55 36.77
CA ILE A 526 -1.92 12.28 35.66
C ILE A 526 -2.02 13.77 35.86
N GLY A 527 -3.22 14.24 36.12
CA GLY A 527 -3.43 15.65 36.42
C GLY A 527 -2.69 16.10 37.67
N TRP A 528 -2.62 15.23 38.68
CA TRP A 528 -1.90 15.46 39.96
C TRP A 528 -0.46 15.79 39.65
N ALA A 529 0.17 14.92 38.86
CA ALA A 529 1.55 15.15 38.40
C ALA A 529 1.69 16.52 37.70
N ILE A 530 0.82 16.77 36.72
CA ILE A 530 0.78 18.03 35.99
C ILE A 530 0.73 19.28 36.89
N ARG A 531 -0.30 19.42 37.74
CA ARG A 531 -0.49 20.64 38.57
C ARG A 531 0.70 20.88 39.52
N LYS A 532 1.32 19.79 39.96
CA LYS A 532 2.45 19.87 40.86
C LYS A 532 3.66 20.54 40.20
N ARG A 533 3.83 20.44 38.87
CA ARG A 533 4.79 21.32 38.14
C ARG A 533 4.22 22.65 37.57
N ARG A 534 3.18 23.21 38.19
CA ARG A 534 2.71 24.56 37.87
C ARG A 534 3.20 25.49 38.95
N ALA A 535 2.85 25.18 40.20
CA ALA A 535 3.39 25.94 41.33
C ALA A 535 4.93 25.83 41.40
N VAL A 536 5.50 24.73 40.90
CA VAL A 536 6.97 24.58 40.77
C VAL A 536 7.48 25.62 39.77
N ASP A 537 7.01 25.53 38.53
CA ASP A 537 7.43 26.46 37.47
C ASP A 537 6.94 27.87 37.81
N LYS A 538 7.21 28.83 36.93
CA LYS A 538 6.97 30.25 37.24
C LYS A 538 5.49 30.71 37.42
N PRO A 539 4.45 29.83 37.21
CA PRO A 539 3.09 30.29 37.60
C PRO A 539 2.60 30.00 39.04
N GLU A 540 1.64 30.82 39.47
CA GLU A 540 0.85 30.58 40.67
C GLU A 540 -0.63 30.79 40.36
N ILE A 541 -1.13 30.00 39.41
CA ILE A 541 -2.58 29.90 39.15
C ILE A 541 -3.14 28.97 40.23
N GLN A 542 -4.22 29.37 40.91
CA GLN A 542 -4.91 28.50 41.87
C GLN A 542 -5.81 27.45 41.19
N TYR A 543 -6.00 26.30 41.87
CA TYR A 543 -6.94 25.23 41.52
C TYR A 543 -7.68 24.93 42.81
N SER A 544 -8.88 24.38 42.76
CA SER A 544 -9.50 23.85 43.97
C SER A 544 -8.68 22.68 44.44
N LYS A 545 -8.44 22.57 45.74
CA LYS A 545 -7.55 21.52 46.31
C LYS A 545 -8.22 20.14 46.31
N THR A 546 -9.53 20.15 46.07
CA THR A 546 -10.38 18.97 45.98
C THR A 546 -9.77 17.80 45.16
N ALA A 547 -9.16 18.11 44.02
CA ALA A 547 -8.54 17.06 43.19
C ALA A 547 -7.24 16.53 43.78
N ASP A 548 -6.45 17.41 44.40
CA ASP A 548 -5.25 17.01 45.19
C ASP A 548 -5.62 16.04 46.30
N LEU A 549 -6.58 16.46 47.12
CA LEU A 549 -7.09 15.64 48.20
C LEU A 549 -7.53 14.27 47.72
N LEU A 550 -8.36 14.25 46.67
CA LEU A 550 -8.80 13.00 46.08
C LEU A 550 -7.62 12.08 45.78
N CYS A 551 -6.60 12.62 45.16
CA CYS A 551 -5.39 11.82 44.85
C CYS A 551 -4.54 11.41 46.06
N GLU A 552 -4.49 12.24 47.11
CA GLU A 552 -3.82 11.93 48.40
C GLU A 552 -4.46 10.71 49.03
N MET A 553 -5.76 10.49 48.81
CA MET A 553 -6.40 9.16 49.10
C MET A 553 -6.12 8.01 48.15
N GLY A 554 -5.35 8.22 47.10
CA GLY A 554 -5.11 7.20 46.08
C GLY A 554 -6.32 6.75 45.30
N ARG A 555 -7.30 7.66 45.15
CA ARG A 555 -8.47 7.39 44.31
C ARG A 555 -8.18 7.95 42.91
N PHE A 556 -7.45 7.14 42.15
CA PHE A 556 -6.96 7.57 40.84
C PHE A 556 -7.96 7.31 39.69
N GLY A 557 -9.03 6.55 39.93
CA GLY A 557 -10.07 6.43 38.94
C GLY A 557 -10.42 5.00 38.63
N GLN A 558 -10.81 4.73 37.39
CA GLN A 558 -11.19 3.38 36.98
C GLN A 558 -10.07 2.37 37.14
N LYS A 559 -8.81 2.79 36.94
CA LYS A 559 -7.68 1.87 37.10
C LYS A 559 -7.46 1.41 38.58
N THR A 560 -7.80 2.22 39.58
CA THR A 560 -7.76 1.74 41.00
C THR A 560 -9.12 1.27 41.55
N GLY A 561 -10.15 1.11 40.71
CA GLY A 561 -11.50 0.78 41.19
C GLY A 561 -12.21 1.93 41.88
N ALA A 562 -11.55 3.09 42.00
CA ALA A 562 -12.04 4.19 42.83
C ALA A 562 -11.38 5.55 42.52
N GLY A 563 -12.23 6.54 42.25
CA GLY A 563 -11.86 7.91 41.86
C GLY A 563 -12.84 8.84 42.52
N TRP A 564 -13.40 9.79 41.77
CA TRP A 564 -14.54 10.64 42.25
C TRP A 564 -15.78 9.81 42.51
N TYR A 565 -15.89 8.69 41.79
CA TYR A 565 -16.93 7.69 42.00
C TYR A 565 -16.29 6.32 42.27
N ASP A 566 -17.12 5.32 42.57
CA ASP A 566 -16.70 3.91 42.64
C ASP A 566 -17.06 3.18 41.37
N TYR A 567 -16.29 2.14 41.03
CA TYR A 567 -16.54 1.34 39.82
C TYR A 567 -16.48 -0.12 40.19
N LYS A 568 -17.56 -0.83 39.84
CA LYS A 568 -17.66 -2.26 40.06
C LYS A 568 -17.37 -2.92 38.72
N ALA A 569 -16.72 -4.08 38.75
CA ALA A 569 -16.26 -4.77 37.53
C ALA A 569 -17.40 -5.08 36.54
N GLY A 570 -17.11 -4.91 35.25
CA GLY A 570 -18.09 -5.10 34.17
C GLY A 570 -19.43 -4.37 34.29
N ASP A 571 -19.45 -3.27 35.06
CA ASP A 571 -20.64 -2.47 35.32
C ASP A 571 -20.32 -1.03 34.86
N ARG A 572 -21.19 -0.45 34.03
CA ARG A 572 -20.93 0.86 33.41
C ARG A 572 -21.17 2.07 34.32
N LYS A 573 -21.95 1.88 35.38
CA LYS A 573 -22.40 3.00 36.19
C LYS A 573 -21.25 3.53 37.11
N PRO A 574 -21.07 4.83 37.13
CA PRO A 574 -20.23 5.47 38.17
C PRO A 574 -20.99 5.70 39.46
N TYR A 575 -20.61 5.05 40.54
CA TYR A 575 -21.35 5.14 41.81
C TYR A 575 -20.82 6.31 42.69
N PRO A 576 -21.68 7.28 43.08
CA PRO A 576 -21.21 8.36 44.01
C PRO A 576 -20.69 7.79 45.31
N ASN A 577 -19.62 8.36 45.84
CA ASN A 577 -18.88 7.79 46.99
C ASN A 577 -19.04 8.71 48.18
N GLN A 578 -19.29 8.13 49.35
CA GLN A 578 -19.54 8.97 50.54
C GLN A 578 -18.25 9.67 51.02
N GLN A 579 -17.16 8.93 51.10
CA GLN A 579 -15.85 9.49 51.51
C GLN A 579 -15.45 10.72 50.63
N VAL A 580 -15.77 10.66 49.34
CA VAL A 580 -15.46 11.73 48.42
C VAL A 580 -16.34 12.92 48.71
N ASN A 581 -17.64 12.69 48.86
CA ASN A 581 -18.57 13.79 49.02
C ASN A 581 -18.40 14.46 50.40
N ASP A 582 -17.94 13.72 51.42
CA ASP A 582 -17.62 14.32 52.74
C ASP A 582 -16.33 15.13 52.67
N MET A 583 -15.37 14.66 51.88
CA MET A 583 -14.14 15.44 51.64
C MET A 583 -14.46 16.80 51.03
N ILE A 584 -15.34 16.79 50.02
CA ILE A 584 -15.74 18.01 49.31
C ILE A 584 -16.49 18.95 50.29
N VAL A 585 -17.35 18.37 51.14
CA VAL A 585 -18.12 19.20 52.11
C VAL A 585 -17.25 19.70 53.28
N GLN A 586 -16.34 18.87 53.78
CA GLN A 586 -15.29 19.36 54.71
C GLN A 586 -14.47 20.49 54.10
N HIS A 587 -13.91 20.27 52.92
CA HIS A 587 -13.10 21.30 52.28
C HIS A 587 -13.81 22.65 52.21
N SER A 588 -15.08 22.68 51.84
CA SER A 588 -15.85 23.94 51.84
C SER A 588 -15.94 24.55 53.24
N LYS A 589 -16.13 23.69 54.23
CA LYS A 589 -16.16 24.09 55.64
C LYS A 589 -14.84 24.74 56.00
N ASP A 590 -13.75 24.10 55.60
CA ASP A 590 -12.42 24.62 55.86
C ASP A 590 -12.07 25.91 55.11
N LEU A 591 -12.70 26.18 53.98
CA LEU A 591 -12.39 27.39 53.20
C LEU A 591 -13.17 28.64 53.65
N GLY A 592 -14.11 28.46 54.58
CA GLY A 592 -14.93 29.56 55.06
C GLY A 592 -16.22 29.75 54.31
N ILE A 593 -16.52 28.81 53.39
CA ILE A 593 -17.61 28.95 52.42
C ILE A 593 -18.91 28.34 52.94
N THR A 594 -19.97 29.12 52.88
CA THR A 594 -21.28 28.58 53.06
C THR A 594 -21.72 28.03 51.69
N ARG A 595 -21.68 26.70 51.57
CA ARG A 595 -22.10 25.97 50.37
C ARG A 595 -23.50 26.42 49.96
N ARG A 596 -23.74 26.53 48.66
CA ARG A 596 -25.09 26.87 48.20
C ARG A 596 -25.60 25.99 47.03
N LYS A 597 -26.82 26.30 46.60
CA LYS A 597 -27.44 25.52 45.52
C LYS A 597 -27.04 26.16 44.19
N ILE A 598 -26.31 25.40 43.40
CA ILE A 598 -25.82 25.87 42.13
C ILE A 598 -26.76 25.32 41.05
N SER A 599 -27.23 26.17 40.16
CA SER A 599 -28.15 25.71 39.10
C SER A 599 -27.40 25.02 37.97
N ASP A 600 -28.07 24.09 37.29
CA ASP A 600 -27.50 23.40 36.14
C ASP A 600 -27.04 24.40 35.06
N GLU A 601 -27.74 25.52 34.96
CA GLU A 601 -27.43 26.55 33.98
C GLU A 601 -26.11 27.22 34.29
N GLU A 602 -25.85 27.51 35.56
CA GLU A 602 -24.59 28.04 36.00
C GLU A 602 -23.46 27.00 35.77
N ILE A 603 -23.68 25.75 36.13
CA ILE A 603 -22.64 24.75 35.91
C ILE A 603 -22.17 24.77 34.46
N VAL A 604 -23.12 24.82 33.55
CA VAL A 604 -22.86 24.68 32.15
C VAL A 604 -22.16 25.91 31.65
N GLU A 605 -22.70 27.02 32.05
CA GLU A 605 -22.15 28.30 31.63
C GLU A 605 -20.71 28.49 32.12
N ARG A 606 -20.41 28.07 33.33
CA ARG A 606 -19.08 28.28 33.89
C ARG A 606 -18.11 27.40 33.15
N LEU A 607 -18.45 26.11 33.00
CA LEU A 607 -17.61 25.19 32.29
C LEU A 607 -17.39 25.56 30.79
N VAL A 608 -18.46 25.89 30.08
CA VAL A 608 -18.38 26.09 28.62
C VAL A 608 -17.80 27.45 28.30
N PHE A 609 -18.20 28.48 29.03
CA PHE A 609 -17.58 29.80 28.86
C PHE A 609 -16.07 29.85 29.22
N ALA A 610 -15.60 28.95 30.08
CA ALA A 610 -14.14 28.90 30.34
C ALA A 610 -13.41 28.29 29.13
N LEU A 611 -14.07 27.35 28.41
CA LEU A 611 -13.51 26.83 27.16
C LEU A 611 -13.44 27.98 26.17
N VAL A 612 -14.51 28.75 26.06
CA VAL A 612 -14.56 29.86 25.08
C VAL A 612 -13.55 30.97 25.35
N ASN A 613 -13.43 31.38 26.62
CA ASN A 613 -12.46 32.38 27.02
C ASN A 613 -11.06 32.00 26.61
N GLU A 614 -10.64 30.80 26.98
CA GLU A 614 -9.32 30.32 26.62
C GLU A 614 -9.17 30.12 25.11
N GLY A 615 -10.22 29.59 24.43
CA GLY A 615 -10.17 29.47 22.98
C GLY A 615 -9.89 30.83 22.37
N ALA A 616 -10.50 31.88 22.92
CA ALA A 616 -10.26 33.25 22.42
C ALA A 616 -8.83 33.75 22.60
N ARG A 617 -8.15 33.30 23.65
CA ARG A 617 -6.76 33.67 23.86
C ARG A 617 -5.88 32.85 22.93
N ILE A 618 -6.26 31.60 22.75
CA ILE A 618 -5.56 30.76 21.82
C ILE A 618 -5.58 31.39 20.39
N LEU A 619 -6.70 31.97 19.96
CA LEU A 619 -6.78 32.59 18.63
C LEU A 619 -5.96 33.88 18.56
N GLU A 620 -6.01 34.68 19.62
CA GLU A 620 -5.27 35.90 19.68
C GLU A 620 -3.78 35.59 19.60
N GLU A 621 -3.29 34.59 20.35
CA GLU A 621 -1.88 34.16 20.28
C GLU A 621 -1.48 33.47 18.94
N GLY A 622 -2.45 32.98 18.17
CA GLY A 622 -2.18 32.28 16.93
C GLY A 622 -1.71 30.86 17.12
N ILE A 623 -1.98 30.27 18.28
CA ILE A 623 -1.72 28.84 18.53
C ILE A 623 -2.69 27.96 17.69
N ALA A 624 -3.89 28.48 17.39
CA ALA A 624 -4.76 27.91 16.42
C ALA A 624 -4.93 29.03 15.43
N SER A 625 -5.02 28.64 14.17
CA SER A 625 -5.11 29.53 13.05
C SER A 625 -6.53 30.08 12.80
N LYS A 626 -7.56 29.34 13.25
CA LYS A 626 -8.94 29.74 13.09
C LYS A 626 -9.87 29.08 14.09
N ALA A 627 -11.00 29.72 14.33
CA ALA A 627 -11.95 29.25 15.35
C ALA A 627 -12.54 27.84 15.08
N SER A 628 -12.82 27.54 13.80
CA SER A 628 -13.39 26.23 13.42
C SER A 628 -12.46 25.09 13.78
N ASP A 629 -11.15 25.32 13.74
CA ASP A 629 -10.20 24.32 14.26
C ASP A 629 -10.36 23.96 15.75
N ILE A 630 -10.61 24.97 16.59
CA ILE A 630 -10.84 24.74 18.02
C ILE A 630 -12.11 23.95 18.15
N ASP A 631 -13.11 24.29 17.36
CA ASP A 631 -14.35 23.51 17.33
C ASP A 631 -14.16 22.05 16.92
N MET A 632 -13.36 21.83 15.87
CA MET A 632 -13.04 20.50 15.42
C MET A 632 -12.30 19.68 16.47
N VAL A 633 -11.44 20.36 17.24
CA VAL A 633 -10.73 19.74 18.37
C VAL A 633 -11.71 19.25 19.43
N TYR A 634 -12.65 20.10 19.79
CA TYR A 634 -13.68 19.77 20.80
C TYR A 634 -14.76 18.78 20.32
N LEU A 635 -15.10 18.74 19.04
CA LEU A 635 -15.96 17.64 18.50
C LEU A 635 -15.27 16.32 18.42
N THR A 636 -13.98 16.33 18.13
CA THR A 636 -13.33 15.05 17.83
C THR A 636 -12.43 14.53 18.94
N GLY A 637 -12.10 15.40 19.89
CA GLY A 637 -11.23 15.05 21.03
C GLY A 637 -11.92 14.94 22.36
N TYR A 638 -12.95 15.76 22.61
CA TYR A 638 -13.50 15.99 23.95
C TYR A 638 -14.98 15.68 24.11
N GLY A 639 -15.60 15.15 23.06
CA GLY A 639 -16.99 14.79 23.10
C GLY A 639 -17.90 15.98 23.33
N PHE A 640 -17.53 17.13 22.78
CA PHE A 640 -18.45 18.26 22.67
C PHE A 640 -19.60 17.92 21.69
N PRO A 641 -20.86 18.23 22.06
CA PRO A 641 -22.03 17.75 21.30
C PRO A 641 -22.00 18.26 19.89
N LEU A 642 -21.99 17.32 18.94
CA LEU A 642 -22.12 17.60 17.51
C LEU A 642 -23.29 18.53 17.25
N PHE A 643 -24.39 18.35 17.95
CA PHE A 643 -25.54 19.20 17.70
C PHE A 643 -25.35 20.69 18.02
N ARG A 644 -24.35 21.04 18.78
CA ARG A 644 -24.02 22.44 19.06
C ARG A 644 -22.80 22.95 18.33
N GLY A 645 -22.05 22.04 17.69
CA GLY A 645 -21.04 22.47 16.74
C GLY A 645 -19.68 22.81 17.30
N GLY A 646 -19.57 22.98 18.61
CA GLY A 646 -18.30 23.30 19.26
C GLY A 646 -18.46 24.53 20.12
N PRO A 647 -17.52 24.77 21.07
CA PRO A 647 -17.62 25.89 22.00
C PRO A 647 -17.69 27.24 21.36
N MET A 648 -16.90 27.44 20.32
CA MET A 648 -16.82 28.74 19.63
C MET A 648 -18.08 29.04 18.79
N LEU A 649 -18.57 28.08 17.99
CA LEU A 649 -19.90 28.23 17.36
C LEU A 649 -21.03 28.45 18.41
N TYR A 650 -20.95 27.73 19.53
CA TYR A 650 -21.96 27.83 20.53
C TYR A 650 -21.97 29.23 21.12
N ALA A 651 -20.79 29.78 21.42
CA ALA A 651 -20.74 31.11 21.95
C ALA A 651 -21.34 32.15 20.98
N ASP A 652 -21.08 32.00 19.68
CA ASP A 652 -21.72 32.86 18.64
C ASP A 652 -23.26 32.71 18.63
N GLN A 653 -23.72 31.49 18.81
CA GLN A 653 -25.15 31.19 18.85
C GLN A 653 -25.77 31.89 20.07
N VAL A 654 -25.05 31.82 21.17
CA VAL A 654 -25.45 32.49 22.42
C VAL A 654 -25.38 34.00 22.25
N GLY A 655 -24.37 34.46 21.52
CA GLY A 655 -24.18 35.89 21.17
C GLY A 655 -23.03 36.41 22.02
N LEU A 656 -21.95 36.85 21.37
CA LEU A 656 -20.77 37.21 22.11
C LEU A 656 -20.96 38.31 23.17
N TYR A 657 -21.89 39.24 22.90
CA TYR A 657 -22.19 40.35 23.82
C TYR A 657 -22.71 39.76 25.14
N ASN A 658 -23.57 38.74 25.04
CA ASN A 658 -24.12 38.11 26.22
C ASN A 658 -23.11 37.21 26.91
N VAL A 659 -22.19 36.57 26.19
CA VAL A 659 -21.18 35.72 26.83
C VAL A 659 -20.28 36.63 27.75
N ALA A 660 -19.89 37.76 27.17
CA ALA A 660 -19.08 38.80 27.83
C ALA A 660 -19.69 39.35 29.14
N LEU A 661 -20.96 39.72 29.08
CA LEU A 661 -21.75 40.09 30.26
C LEU A 661 -21.77 39.05 31.38
N SER A 662 -22.18 37.83 31.05
CA SER A 662 -22.08 36.70 32.00
C SER A 662 -20.72 36.61 32.65
N MET A 663 -19.66 36.80 31.86
CA MET A 663 -18.29 36.64 32.36
C MET A 663 -18.01 37.73 33.41
N LYS A 664 -18.41 38.95 33.11
CA LYS A 664 -18.23 40.07 34.06
C LYS A 664 -18.99 39.89 35.35
N ARG A 665 -20.07 39.11 35.34
CA ARG A 665 -20.80 38.76 36.57
C ARG A 665 -20.02 37.72 37.41
N TYR A 666 -19.43 36.74 36.72
CA TYR A 666 -18.63 35.71 37.36
C TYR A 666 -17.28 36.25 37.85
N ALA A 667 -16.86 37.36 37.28
CA ALA A 667 -15.68 38.08 37.75
C ALA A 667 -15.83 38.60 39.19
N LYS A 668 -17.06 38.65 39.69
CA LYS A 668 -17.36 39.17 41.00
C LYS A 668 -17.62 38.11 42.04
N GLY A 669 -17.54 36.83 41.67
CA GLY A 669 -17.83 35.70 42.57
C GLY A 669 -16.52 35.04 42.92
N TYR A 670 -16.62 33.84 43.46
CA TYR A 670 -15.49 33.04 43.87
C TYR A 670 -14.51 32.92 42.72
N HIS A 671 -13.25 33.28 42.99
CA HIS A 671 -12.15 33.20 42.02
C HIS A 671 -12.43 33.98 40.74
N GLY A 672 -12.92 35.20 40.96
CA GLY A 672 -13.17 36.21 39.90
C GLY A 672 -12.07 36.49 38.89
N GLU A 673 -10.82 36.25 39.25
CA GLU A 673 -9.67 36.47 38.31
C GLU A 673 -9.66 35.48 37.13
N ALA A 674 -10.31 34.32 37.29
CA ALA A 674 -10.51 33.37 36.16
C ALA A 674 -11.41 33.93 35.08
N TRP A 675 -12.15 34.98 35.37
CA TRP A 675 -13.16 35.50 34.47
C TRP A 675 -12.89 36.87 33.96
N GLN A 676 -11.62 37.23 33.74
CA GLN A 676 -11.33 38.39 32.91
C GLN A 676 -11.57 38.04 31.44
N VAL A 677 -12.12 38.96 30.69
CA VAL A 677 -12.62 38.63 29.37
C VAL A 677 -11.48 38.67 28.35
N ALA A 678 -11.32 37.59 27.61
CA ALA A 678 -10.31 37.58 26.59
C ALA A 678 -10.51 38.81 25.72
N PRO A 679 -9.42 39.55 25.43
CA PRO A 679 -9.54 40.74 24.59
C PRO A 679 -10.11 40.48 23.15
N LEU A 680 -9.87 39.32 22.58
CA LEU A 680 -10.38 39.10 21.26
C LEU A 680 -11.89 38.96 21.37
N LEU A 681 -12.36 38.23 22.37
CA LEU A 681 -13.81 38.09 22.65
C LEU A 681 -14.51 39.42 22.92
N GLN A 682 -13.89 40.27 23.76
CA GLN A 682 -14.44 41.59 24.05
C GLN A 682 -14.57 42.41 22.78
N LYS A 683 -13.53 42.43 21.97
CA LYS A 683 -13.54 43.20 20.72
C LYS A 683 -14.58 42.71 19.69
N LEU A 684 -14.67 41.39 19.47
CA LEU A 684 -15.71 40.82 18.61
C LEU A 684 -17.09 41.08 19.13
N ALA A 685 -17.22 41.22 20.44
CA ALA A 685 -18.51 41.49 21.08
C ALA A 685 -18.87 42.94 20.88
N ASP A 686 -17.91 43.85 21.13
CA ASP A 686 -18.10 45.29 20.83
C ASP A 686 -18.53 45.53 19.34
N GLU A 687 -18.09 44.71 18.40
CA GLU A 687 -18.34 44.94 16.96
C GLU A 687 -19.48 44.09 16.36
N GLY A 688 -20.20 43.36 17.20
CA GLY A 688 -21.31 42.51 16.75
C GLY A 688 -20.89 41.44 15.76
N LYS A 689 -19.71 40.85 15.99
CA LYS A 689 -19.28 39.75 15.17
C LYS A 689 -19.11 38.51 16.00
N GLY A 690 -19.00 37.40 15.28
CA GLY A 690 -18.71 36.12 15.89
C GLY A 690 -17.27 35.71 15.66
N PHE A 691 -16.88 34.62 16.33
CA PHE A 691 -15.61 33.94 16.08
C PHE A 691 -15.64 33.35 14.69
N ASN A 692 -16.78 32.77 14.29
CA ASN A 692 -16.94 32.08 13.00
C ASN A 692 -17.66 32.86 11.93
N GLY A 693 -18.59 33.73 12.30
CA GLY A 693 -19.37 34.48 11.30
C GLY A 693 -20.79 34.78 11.75
N THR B 2 0.03 -20.34 -39.29
CA THR B 2 0.10 -20.55 -37.82
C THR B 2 -1.24 -20.27 -37.13
N ALA B 3 -2.33 -20.14 -37.89
CA ALA B 3 -3.65 -20.40 -37.35
C ALA B 3 -4.39 -21.28 -38.35
N GLN B 4 -4.70 -22.52 -37.95
CA GLN B 4 -5.43 -23.46 -38.80
C GLN B 4 -6.89 -23.15 -38.76
N TYR B 5 -7.61 -23.56 -39.80
CA TYR B 5 -9.04 -23.28 -39.93
C TYR B 5 -9.67 -24.56 -40.44
N GLN B 6 -10.87 -24.89 -39.96
CA GLN B 6 -11.47 -26.22 -40.16
C GLN B 6 -12.88 -26.20 -39.56
N VAL B 7 -13.90 -26.17 -40.44
CA VAL B 7 -15.30 -26.21 -40.00
C VAL B 7 -15.63 -27.67 -39.62
N GLN B 8 -16.65 -27.86 -38.78
CA GLN B 8 -17.18 -29.19 -38.45
C GLN B 8 -18.51 -29.03 -37.72
N ASP B 9 -19.58 -29.47 -38.36
CA ASP B 9 -20.94 -29.42 -37.82
C ASP B 9 -21.44 -28.00 -37.50
N GLY B 10 -21.06 -27.05 -38.34
CA GLY B 10 -21.48 -25.65 -38.19
C GLY B 10 -20.61 -24.77 -37.29
N VAL B 11 -19.42 -25.29 -36.94
CA VAL B 11 -18.45 -24.63 -36.05
C VAL B 11 -17.06 -24.48 -36.69
N ALA B 12 -16.68 -23.25 -36.99
CA ALA B 12 -15.35 -23.00 -37.47
C ALA B 12 -14.38 -23.05 -36.29
N VAL B 13 -13.34 -23.87 -36.44
CA VAL B 13 -12.37 -24.07 -35.38
C VAL B 13 -11.02 -23.50 -35.83
N ILE B 14 -10.61 -22.43 -35.13
CA ILE B 14 -9.39 -21.68 -35.41
C ILE B 14 -8.39 -22.16 -34.38
N THR B 15 -7.26 -22.70 -34.83
CA THR B 15 -6.30 -23.37 -33.95
C THR B 15 -4.94 -22.67 -34.04
N LEU B 16 -4.51 -22.05 -32.95
CA LEU B 16 -3.20 -21.39 -32.91
C LEU B 16 -2.15 -22.48 -32.96
N ASP B 17 -1.12 -22.27 -33.75
CA ASP B 17 -0.06 -23.25 -33.95
C ASP B 17 1.25 -22.52 -34.14
N ASN B 18 1.98 -22.34 -33.03
CA ASN B 18 3.31 -21.72 -33.11
C ASN B 18 4.16 -22.20 -31.92
N PRO B 19 4.79 -23.38 -32.07
CA PRO B 19 5.43 -23.97 -30.89
C PRO B 19 6.66 -23.18 -30.40
N PRO B 20 7.11 -23.31 -29.15
CA PRO B 20 6.53 -24.21 -28.13
C PRO B 20 5.14 -23.81 -27.57
N VAL B 21 4.83 -22.51 -27.45
CA VAL B 21 3.70 -22.07 -26.61
C VAL B 21 2.62 -21.30 -27.33
N ASN B 22 2.62 -21.37 -28.65
CA ASN B 22 1.64 -20.67 -29.50
C ASN B 22 1.68 -19.15 -29.34
N GLY B 23 2.88 -18.62 -29.47
CA GLY B 23 3.14 -17.21 -29.28
C GLY B 23 2.37 -16.49 -30.34
N LEU B 24 1.81 -15.37 -29.99
CA LEU B 24 0.99 -14.60 -30.91
C LEU B 24 1.95 -13.72 -31.74
N GLY B 25 2.80 -14.38 -32.53
CA GLY B 25 3.64 -13.71 -33.54
C GLY B 25 2.77 -13.17 -34.67
N HIS B 26 3.36 -12.37 -35.56
CA HIS B 26 2.63 -11.84 -36.69
C HIS B 26 1.77 -12.88 -37.50
N SER B 27 2.41 -13.92 -38.00
CA SER B 27 1.69 -14.91 -38.81
C SER B 27 0.45 -15.50 -38.09
N THR B 28 0.52 -15.64 -36.77
CA THR B 28 -0.59 -16.17 -35.94
C THR B 28 -1.69 -15.15 -35.73
N ARG B 29 -1.31 -13.90 -35.45
CA ARG B 29 -2.30 -12.81 -35.35
C ARG B 29 -3.03 -12.61 -36.66
N LEU B 30 -2.31 -12.76 -37.77
CA LEU B 30 -2.96 -12.65 -39.09
C LEU B 30 -3.95 -13.83 -39.31
N GLY B 31 -3.44 -15.05 -39.08
CA GLY B 31 -4.21 -16.30 -39.17
C GLY B 31 -5.56 -16.27 -38.45
N ILE B 32 -5.54 -15.77 -37.22
CA ILE B 32 -6.78 -15.58 -36.45
C ILE B 32 -7.76 -14.71 -37.20
N VAL B 33 -7.30 -13.56 -37.72
CA VAL B 33 -8.20 -12.67 -38.50
C VAL B 33 -8.64 -13.25 -39.85
N GLU B 34 -7.76 -13.96 -40.54
CA GLU B 34 -8.15 -14.68 -41.78
C GLU B 34 -9.17 -15.79 -41.52
N GLY B 35 -9.05 -16.47 -40.39
CA GLY B 35 -10.02 -17.47 -39.94
C GLY B 35 -11.37 -16.86 -39.65
N MET B 36 -11.35 -15.70 -39.03
CA MET B 36 -12.60 -15.02 -38.69
C MET B 36 -13.34 -14.44 -39.89
N THR B 37 -12.60 -14.16 -40.97
CA THR B 37 -13.15 -13.62 -42.20
C THR B 37 -13.90 -14.77 -42.90
N ARG B 38 -13.17 -15.85 -43.16
CA ARG B 38 -13.77 -17.06 -43.72
C ARG B 38 -14.99 -17.49 -42.95
N ALA B 39 -14.84 -17.57 -41.63
CA ALA B 39 -15.93 -17.98 -40.76
C ALA B 39 -17.13 -17.06 -40.88
N LEU B 40 -16.89 -15.77 -40.82
CA LEU B 40 -17.99 -14.81 -40.92
C LEU B 40 -18.65 -14.82 -42.33
N ASP B 41 -17.90 -15.21 -43.36
CA ASP B 41 -18.44 -15.20 -44.74
C ASP B 41 -19.13 -16.51 -45.18
N ASP B 42 -18.84 -17.63 -44.50
CA ASP B 42 -19.49 -18.93 -44.74
C ASP B 42 -20.77 -19.06 -43.85
N ALA B 43 -21.93 -19.30 -44.47
CA ALA B 43 -23.24 -19.30 -43.75
C ALA B 43 -23.58 -20.66 -43.09
N ALA B 44 -22.91 -21.73 -43.54
CA ALA B 44 -22.84 -23.02 -42.82
C ALA B 44 -22.34 -22.86 -41.37
N VAL B 45 -21.40 -21.93 -41.16
CA VAL B 45 -20.76 -21.65 -39.86
C VAL B 45 -21.68 -20.76 -38.99
N LYS B 46 -22.27 -21.34 -37.94
CA LYS B 46 -23.08 -20.58 -36.98
C LYS B 46 -22.23 -20.07 -35.80
N ALA B 47 -21.06 -20.67 -35.56
CA ALA B 47 -20.21 -20.26 -34.43
C ALA B 47 -18.76 -20.58 -34.66
N ILE B 48 -17.90 -20.00 -33.82
CA ILE B 48 -16.43 -20.11 -33.97
C ILE B 48 -15.80 -20.57 -32.68
N VAL B 49 -14.81 -21.46 -32.74
CA VAL B 49 -14.00 -21.82 -31.57
C VAL B 49 -12.52 -21.47 -31.78
N ILE B 50 -11.89 -20.81 -30.79
CA ILE B 50 -10.42 -20.60 -30.82
C ILE B 50 -9.78 -21.47 -29.74
N THR B 51 -8.76 -22.23 -30.15
CA THR B 51 -8.02 -23.03 -29.25
C THR B 51 -6.59 -23.00 -29.67
N GLY B 52 -5.77 -23.63 -28.86
CA GLY B 52 -4.36 -23.85 -29.18
C GLY B 52 -3.98 -25.29 -29.45
N ALA B 53 -2.91 -25.45 -30.22
CA ALA B 53 -2.42 -26.74 -30.64
C ALA B 53 -1.49 -27.19 -29.59
N GLY B 54 -1.32 -28.50 -29.49
CA GLY B 54 -0.20 -29.03 -28.71
C GLY B 54 -0.39 -28.75 -27.25
N LYS B 55 0.64 -28.15 -26.64
CA LYS B 55 0.72 -27.93 -25.18
C LYS B 55 0.38 -26.51 -24.69
N ALA B 56 -0.50 -25.79 -25.39
CA ALA B 56 -0.94 -24.45 -24.98
C ALA B 56 -2.22 -23.97 -25.67
N PHE B 57 -3.02 -23.11 -25.00
CA PHE B 57 -3.91 -22.17 -25.69
C PHE B 57 -2.89 -21.18 -26.29
N SER B 58 -2.30 -20.30 -25.45
CA SER B 58 -1.17 -19.48 -25.81
C SER B 58 -0.45 -18.91 -24.57
N GLY B 59 0.86 -18.80 -24.64
CA GLY B 59 1.68 -18.09 -23.65
C GLY B 59 1.80 -16.60 -23.91
N GLY B 60 1.15 -16.08 -24.94
CA GLY B 60 1.20 -14.66 -25.25
C GLY B 60 2.20 -14.26 -26.33
N ALA B 61 2.79 -13.07 -26.18
CA ALA B 61 3.69 -12.51 -27.19
C ALA B 61 4.78 -13.50 -27.58
N ASP B 62 5.06 -13.60 -28.89
CA ASP B 62 6.17 -14.40 -29.39
C ASP B 62 7.46 -13.69 -28.98
N ILE B 63 8.22 -14.31 -28.08
CA ILE B 63 9.52 -13.76 -27.62
C ILE B 63 10.59 -13.57 -28.74
N ARG B 64 10.52 -14.38 -29.78
CA ARG B 64 11.40 -14.22 -30.96
C ARG B 64 11.19 -12.88 -31.69
N GLU B 65 10.01 -12.27 -31.56
CA GLU B 65 9.76 -10.96 -32.15
C GLU B 65 9.98 -9.78 -31.22
N PHE B 66 10.34 -9.96 -29.95
CA PHE B 66 10.38 -8.81 -28.98
C PHE B 66 10.80 -7.42 -29.58
N ASN B 67 12.03 -7.30 -30.09
CA ASN B 67 12.46 -6.05 -30.76
C ASN B 67 12.71 -6.26 -32.27
N THR B 68 11.69 -6.76 -32.97
CA THR B 68 11.64 -6.66 -34.43
C THR B 68 10.46 -5.76 -34.80
N PRO B 69 10.43 -5.28 -36.08
CA PRO B 69 9.22 -4.69 -36.66
C PRO B 69 8.00 -5.60 -36.53
N LYS B 70 8.23 -6.91 -36.69
CA LYS B 70 7.20 -7.95 -36.63
C LYS B 70 6.31 -7.90 -35.33
N ALA B 71 6.89 -7.54 -34.20
CA ALA B 71 6.14 -7.27 -32.98
C ALA B 71 4.97 -6.28 -33.10
N MET B 72 5.19 -5.18 -33.84
CA MET B 72 4.16 -4.12 -33.97
C MET B 72 3.29 -4.21 -35.24
N GLN B 73 3.55 -5.17 -36.12
CA GLN B 73 2.91 -5.22 -37.44
C GLN B 73 1.42 -5.56 -37.29
N GLU B 74 0.56 -4.79 -37.95
CA GLU B 74 -0.85 -5.10 -37.95
C GLU B 74 -1.15 -6.44 -38.66
N PRO B 75 -2.16 -7.19 -38.21
CA PRO B 75 -3.02 -6.86 -37.05
C PRO B 75 -2.30 -7.14 -35.74
N THR B 76 -2.31 -6.18 -34.82
CA THR B 76 -1.78 -6.37 -33.50
C THR B 76 -2.74 -7.24 -32.72
N LEU B 77 -2.39 -7.57 -31.47
CA LEU B 77 -3.36 -8.21 -30.57
C LEU B 77 -4.59 -7.30 -30.37
N HIS B 78 -4.37 -5.99 -30.23
CA HIS B 78 -5.48 -5.02 -30.08
C HIS B 78 -6.51 -5.08 -31.20
N SER B 79 -6.03 -5.16 -32.44
CA SER B 79 -6.89 -5.14 -33.62
C SER B 79 -7.68 -6.44 -33.72
N VAL B 80 -6.99 -7.54 -33.43
CA VAL B 80 -7.56 -8.90 -33.33
C VAL B 80 -8.72 -8.96 -32.38
N ILE B 81 -8.52 -8.41 -31.19
CA ILE B 81 -9.56 -8.39 -30.18
C ILE B 81 -10.78 -7.59 -30.69
N ARG B 82 -10.51 -6.42 -31.29
CA ARG B 82 -11.55 -5.63 -31.97
C ARG B 82 -12.36 -6.39 -33.02
N VAL B 83 -11.71 -7.23 -33.82
CA VAL B 83 -12.42 -8.10 -34.73
C VAL B 83 -13.33 -9.02 -33.94
N LEU B 84 -12.79 -9.74 -32.94
CA LEU B 84 -13.56 -10.74 -32.20
C LEU B 84 -14.80 -10.16 -31.52
N GLU B 85 -14.63 -8.99 -30.92
CA GLU B 85 -15.75 -8.25 -30.35
C GLU B 85 -16.83 -7.92 -31.38
N GLY B 86 -16.39 -7.59 -32.59
CA GLY B 86 -17.26 -7.20 -33.70
C GLY B 86 -18.01 -8.35 -34.30
N SER B 87 -17.52 -9.57 -34.12
CA SER B 87 -18.16 -10.79 -34.67
C SER B 87 -19.65 -10.81 -34.39
N SER B 88 -20.43 -11.00 -35.43
CA SER B 88 -21.89 -11.17 -35.31
C SER B 88 -22.19 -12.61 -34.87
N LYS B 89 -21.25 -13.49 -35.15
CA LYS B 89 -21.27 -14.87 -34.73
C LYS B 89 -20.53 -15.10 -33.38
N PRO B 90 -21.00 -16.07 -32.59
CA PRO B 90 -20.40 -16.35 -31.29
C PRO B 90 -19.01 -16.95 -31.35
N VAL B 91 -18.09 -16.37 -30.57
CA VAL B 91 -16.75 -16.88 -30.46
C VAL B 91 -16.53 -17.47 -29.09
N VAL B 92 -16.02 -18.69 -29.09
CA VAL B 92 -15.83 -19.47 -27.88
C VAL B 92 -14.36 -19.80 -27.75
N ALA B 93 -13.73 -19.30 -26.70
CA ALA B 93 -12.35 -19.65 -26.42
C ALA B 93 -12.33 -21.02 -25.74
N ALA B 94 -11.52 -21.94 -26.30
CA ALA B 94 -11.27 -23.27 -25.70
C ALA B 94 -9.90 -23.37 -25.06
N VAL B 95 -9.88 -23.28 -23.74
CA VAL B 95 -8.62 -23.06 -23.03
C VAL B 95 -8.15 -24.36 -22.41
N HIS B 96 -6.91 -24.71 -22.65
CA HIS B 96 -6.25 -25.80 -21.95
C HIS B 96 -4.76 -25.46 -21.74
N SER B 97 -4.22 -26.01 -20.67
CA SER B 97 -2.79 -26.07 -20.43
C SER B 97 -2.09 -24.74 -20.10
N VAL B 98 -2.05 -23.79 -21.01
CA VAL B 98 -1.35 -22.53 -20.73
C VAL B 98 -2.06 -21.41 -21.46
N ALA B 99 -2.61 -20.46 -20.68
CA ALA B 99 -3.18 -19.23 -21.21
C ALA B 99 -2.63 -18.07 -20.38
N MET B 100 -1.65 -17.38 -20.94
CA MET B 100 -0.88 -16.38 -20.20
C MET B 100 -0.69 -15.15 -21.04
N GLY B 101 -0.56 -14.00 -20.39
CA GLY B 101 -0.37 -12.73 -21.04
C GLY B 101 -1.37 -12.49 -22.11
N GLY B 102 -0.87 -12.13 -23.29
CA GLY B 102 -1.73 -11.95 -24.45
C GLY B 102 -2.70 -13.08 -24.74
N GLY B 103 -2.29 -14.32 -24.43
CA GLY B 103 -3.18 -15.50 -24.61
C GLY B 103 -4.42 -15.43 -23.74
N LEU B 104 -4.27 -15.00 -22.49
CA LEU B 104 -5.45 -14.77 -21.64
C LEU B 104 -6.32 -13.58 -22.12
N GLU B 105 -5.63 -12.51 -22.55
CA GLU B 105 -6.26 -11.31 -23.11
C GLU B 105 -7.06 -11.66 -24.39
N LEU B 106 -6.48 -12.44 -25.29
CA LEU B 106 -7.23 -12.99 -26.42
C LEU B 106 -8.56 -13.68 -26.01
N ALA B 107 -8.44 -14.62 -25.08
CA ALA B 107 -9.58 -15.36 -24.57
C ALA B 107 -10.61 -14.47 -23.94
N LEU B 108 -10.17 -13.47 -23.17
CA LEU B 108 -11.08 -12.47 -22.63
C LEU B 108 -11.81 -11.65 -23.69
N GLY B 109 -11.19 -11.49 -24.84
CA GLY B 109 -11.86 -10.86 -25.95
C GLY B 109 -12.91 -11.67 -26.68
N CYS B 110 -13.20 -12.89 -26.23
CA CYS B 110 -14.24 -13.73 -26.86
C CYS B 110 -15.55 -13.60 -26.13
N ASN B 111 -16.61 -14.03 -26.78
CA ASN B 111 -17.95 -13.88 -26.20
C ASN B 111 -18.06 -14.90 -25.04
N TYR B 112 -17.40 -16.05 -25.20
CA TYR B 112 -17.56 -17.17 -24.30
C TYR B 112 -16.21 -17.83 -24.14
N ARG B 113 -15.98 -18.39 -22.96
CA ARG B 113 -14.77 -19.11 -22.59
C ARG B 113 -15.12 -20.50 -21.97
N VAL B 114 -14.39 -21.51 -22.39
CA VAL B 114 -14.59 -22.85 -21.92
C VAL B 114 -13.20 -23.34 -21.62
N ALA B 115 -12.97 -23.89 -20.44
CA ALA B 115 -11.63 -24.40 -20.07
C ALA B 115 -11.64 -25.84 -19.62
N SER B 116 -10.52 -26.52 -19.78
CA SER B 116 -10.32 -27.77 -19.05
C SER B 116 -9.57 -27.47 -17.75
N LYS B 117 -9.65 -28.41 -16.78
CA LYS B 117 -8.88 -28.39 -15.53
C LYS B 117 -7.36 -28.51 -15.78
N GLY B 118 -6.55 -27.98 -14.87
CA GLY B 118 -5.11 -28.04 -15.01
C GLY B 118 -4.44 -27.01 -15.95
N ALA B 119 -5.18 -26.03 -16.49
CA ALA B 119 -4.57 -24.98 -17.33
C ALA B 119 -3.95 -23.90 -16.42
N GLN B 120 -2.69 -23.57 -16.68
CA GLN B 120 -2.00 -22.45 -16.01
C GLN B 120 -2.48 -21.09 -16.59
N ILE B 121 -3.04 -20.22 -15.76
CA ILE B 121 -3.68 -18.95 -16.15
C ILE B 121 -2.91 -17.82 -15.43
N ALA B 122 -2.37 -16.86 -16.19
CA ALA B 122 -1.55 -15.76 -15.56
C ALA B 122 -1.47 -14.57 -16.46
N LEU B 123 -1.25 -13.43 -15.85
CA LEU B 123 -0.87 -12.21 -16.53
C LEU B 123 0.43 -11.85 -15.83
N PRO B 124 1.56 -12.40 -16.33
CA PRO B 124 2.85 -12.24 -15.71
C PRO B 124 3.65 -11.00 -16.17
N GLU B 125 3.02 -10.07 -16.87
CA GLU B 125 3.73 -8.91 -17.42
C GLU B 125 4.58 -8.13 -16.36
N VAL B 126 4.11 -8.09 -15.13
CA VAL B 126 4.77 -7.38 -14.07
C VAL B 126 6.15 -7.91 -13.80
N LYS B 127 6.40 -9.19 -14.07
CA LYS B 127 7.72 -9.78 -13.84
C LYS B 127 8.79 -9.20 -14.78
N LEU B 128 8.40 -8.72 -15.95
CA LEU B 128 9.26 -7.98 -16.86
C LEU B 128 9.21 -6.45 -16.67
N GLY B 129 8.59 -5.97 -15.56
CA GLY B 129 8.35 -4.53 -15.30
C GLY B 129 7.36 -3.85 -16.26
N LEU B 130 6.43 -4.64 -16.82
CA LEU B 130 5.37 -4.16 -17.65
C LEU B 130 4.03 -4.36 -16.98
N LEU B 131 2.95 -4.21 -17.76
CA LEU B 131 1.62 -4.50 -17.29
C LEU B 131 0.86 -5.04 -18.47
N PRO B 132 -0.24 -5.74 -18.25
CA PRO B 132 -0.94 -6.32 -19.45
C PRO B 132 -1.56 -5.26 -20.33
N GLY B 133 -1.03 -5.08 -21.51
CA GLY B 133 -1.39 -3.94 -22.31
C GLY B 133 -2.44 -4.21 -23.39
N ALA B 134 -3.15 -5.36 -23.37
CA ALA B 134 -4.18 -5.64 -24.40
C ALA B 134 -5.57 -5.89 -23.85
N GLY B 135 -5.94 -5.04 -22.92
CA GLY B 135 -7.22 -5.06 -22.18
C GLY B 135 -7.34 -5.94 -20.92
N GLY B 136 -6.32 -6.70 -20.57
CA GLY B 136 -6.40 -7.57 -19.39
C GLY B 136 -6.71 -6.93 -18.04
N THR B 137 -6.23 -5.71 -17.81
CA THR B 137 -6.48 -5.02 -16.55
C THR B 137 -7.91 -4.51 -16.50
N GLN B 138 -8.54 -4.41 -17.66
CA GLN B 138 -9.91 -3.94 -17.79
C GLN B 138 -10.92 -5.10 -17.82
N ARG B 139 -10.64 -6.16 -18.59
CA ARG B 139 -11.51 -7.34 -18.68
C ARG B 139 -11.46 -8.26 -17.39
N LEU B 140 -10.26 -8.53 -16.88
CA LEU B 140 -10.17 -9.53 -15.81
C LEU B 140 -10.93 -9.21 -14.53
N PRO B 141 -10.92 -7.96 -14.08
CA PRO B 141 -11.74 -7.65 -12.88
C PRO B 141 -13.25 -7.67 -13.07
N ARG B 142 -13.67 -7.53 -14.34
CA ARG B 142 -15.08 -7.65 -14.69
C ARG B 142 -15.61 -9.10 -14.52
N VAL B 143 -14.74 -10.09 -14.70
CA VAL B 143 -15.11 -11.48 -14.58
C VAL B 143 -14.67 -12.22 -13.26
N ILE B 144 -13.66 -11.71 -12.53
CA ILE B 144 -13.18 -12.34 -11.26
C ILE B 144 -13.11 -11.33 -10.12
N GLY B 145 -13.48 -10.08 -10.41
CA GLY B 145 -13.57 -9.10 -9.37
C GLY B 145 -12.22 -8.41 -9.18
N LEU B 146 -12.25 -7.39 -8.40
CA LEU B 146 -11.25 -6.37 -8.34
C LEU B 146 -10.05 -6.87 -7.55
N GLU B 147 -10.32 -7.42 -6.38
CA GLU B 147 -9.30 -7.91 -5.46
C GLU B 147 -8.56 -9.06 -6.10
N ALA B 148 -9.28 -10.05 -6.68
CA ALA B 148 -8.58 -11.19 -7.24
C ALA B 148 -7.74 -10.80 -8.49
N ALA B 149 -8.28 -9.92 -9.33
CA ALA B 149 -7.55 -9.40 -10.50
C ALA B 149 -6.35 -8.59 -10.09
N ALA B 150 -6.54 -7.69 -9.12
CA ALA B 150 -5.41 -6.88 -8.59
C ALA B 150 -4.27 -7.79 -8.20
N ASN B 151 -4.62 -8.80 -7.43
CA ASN B 151 -3.71 -9.88 -7.06
C ASN B 151 -2.94 -10.63 -8.14
N MET B 152 -3.66 -11.22 -9.11
CA MET B 152 -3.02 -11.89 -10.23
C MET B 152 -2.07 -10.93 -10.98
N ILE B 153 -2.56 -9.74 -11.26
CA ILE B 153 -1.87 -8.78 -12.10
C ILE B 153 -0.68 -8.17 -11.34
N VAL B 154 -0.82 -7.90 -10.06
CA VAL B 154 0.31 -7.32 -9.28
C VAL B 154 1.43 -8.35 -9.00
N SER B 155 1.03 -9.56 -8.64
CA SER B 155 1.98 -10.64 -8.37
C SER B 155 2.52 -11.28 -9.64
N GLY B 156 1.75 -11.30 -10.73
CA GLY B 156 2.14 -12.14 -11.93
C GLY B 156 2.09 -13.69 -11.76
N THR B 157 1.50 -14.20 -10.67
CA THR B 157 1.53 -15.63 -10.32
C THR B 157 0.46 -16.44 -11.11
N PRO B 158 0.82 -17.62 -11.59
CA PRO B 158 -0.18 -18.54 -12.18
C PRO B 158 -1.17 -19.12 -11.20
N VAL B 159 -2.36 -19.36 -11.70
CA VAL B 159 -3.45 -19.97 -10.98
C VAL B 159 -4.03 -21.02 -11.89
N LEU B 160 -4.35 -22.18 -11.32
CA LEU B 160 -4.90 -23.32 -12.15
C LEU B 160 -6.33 -22.98 -12.53
N SER B 161 -6.74 -23.31 -13.76
CA SER B 161 -8.12 -23.04 -14.25
C SER B 161 -9.27 -23.34 -13.31
N GLU B 162 -9.17 -24.48 -12.65
CA GLU B 162 -10.25 -24.97 -11.78
C GLU B 162 -10.46 -24.09 -10.58
N LYS B 163 -9.43 -23.33 -10.20
CA LYS B 163 -9.60 -22.35 -9.17
C LYS B 163 -10.51 -21.20 -9.59
N PHE B 164 -10.93 -21.10 -10.86
CA PHE B 164 -11.85 -20.02 -11.25
C PHE B 164 -13.31 -20.39 -11.26
N ALA B 165 -13.64 -21.60 -10.84
CA ALA B 165 -15.02 -22.03 -10.64
C ALA B 165 -15.68 -21.12 -9.63
N GLY B 166 -16.91 -20.70 -9.93
CA GLY B 166 -17.63 -19.70 -9.17
C GLY B 166 -17.46 -18.22 -9.55
N THR B 167 -16.47 -17.91 -10.41
CA THR B 167 -16.38 -16.63 -11.05
C THR B 167 -16.90 -16.70 -12.51
N LYS B 168 -16.93 -15.55 -13.17
CA LYS B 168 -17.38 -15.45 -14.54
C LYS B 168 -16.30 -15.62 -15.54
N LEU B 169 -15.14 -16.13 -15.18
CA LEU B 169 -14.07 -16.23 -16.15
C LEU B 169 -14.36 -17.27 -17.22
N PHE B 170 -14.71 -18.48 -16.77
CA PHE B 170 -15.10 -19.58 -17.66
C PHE B 170 -16.55 -19.83 -17.48
N ASP B 171 -17.25 -19.90 -18.61
CA ASP B 171 -18.66 -20.25 -18.63
C ASP B 171 -18.81 -21.73 -18.24
N GLU B 172 -17.83 -22.55 -18.61
CA GLU B 172 -17.84 -23.96 -18.34
C GLU B 172 -16.42 -24.41 -18.14
N ILE B 173 -16.18 -25.08 -17.02
CA ILE B 173 -14.97 -25.77 -16.72
C ILE B 173 -15.26 -27.29 -16.78
N VAL B 174 -14.47 -28.04 -17.53
CA VAL B 174 -14.73 -29.45 -17.74
C VAL B 174 -13.52 -30.31 -17.50
N ASP B 175 -13.77 -31.62 -17.29
CA ASP B 175 -12.72 -32.65 -17.09
C ASP B 175 -12.18 -33.27 -18.39
N GLY B 176 -12.93 -33.18 -19.49
CA GLY B 176 -12.42 -33.67 -20.77
C GLY B 176 -11.15 -33.05 -21.34
N ASP B 177 -10.90 -33.34 -22.62
CA ASP B 177 -10.19 -32.42 -23.47
C ASP B 177 -11.22 -31.32 -23.83
N VAL B 178 -10.76 -30.08 -23.77
CA VAL B 178 -11.68 -28.93 -23.92
C VAL B 178 -12.38 -28.88 -25.28
N LEU B 179 -11.74 -29.38 -26.33
CA LEU B 179 -12.23 -29.09 -27.68
C LEU B 179 -13.68 -29.51 -27.96
N PRO B 180 -14.06 -30.80 -27.71
CA PRO B 180 -15.48 -31.20 -27.95
C PRO B 180 -16.50 -30.53 -27.04
N ALA B 181 -16.13 -30.27 -25.79
CA ALA B 181 -17.02 -29.48 -24.92
C ALA B 181 -17.21 -28.09 -25.48
N ALA B 182 -16.11 -27.51 -25.98
CA ALA B 182 -16.18 -26.17 -26.64
C ALA B 182 -17.02 -26.21 -27.93
N VAL B 183 -16.74 -27.20 -28.79
CA VAL B 183 -17.56 -27.44 -30.02
C VAL B 183 -19.05 -27.52 -29.74
N LYS B 184 -19.45 -28.29 -28.74
CA LYS B 184 -20.87 -28.39 -28.42
C LYS B 184 -21.45 -27.16 -27.78
N PHE B 185 -20.65 -26.50 -26.94
CA PHE B 185 -21.03 -25.20 -26.33
C PHE B 185 -21.38 -24.23 -27.45
N ALA B 186 -20.50 -24.19 -28.45
CA ALA B 186 -20.65 -23.35 -29.65
C ALA B 186 -21.91 -23.66 -30.53
N GLN B 187 -22.16 -24.92 -30.86
CA GLN B 187 -23.46 -25.30 -31.51
C GLN B 187 -24.63 -24.82 -30.68
N ASN B 188 -24.58 -25.09 -29.39
CA ASN B 188 -25.65 -24.62 -28.48
C ASN B 188 -25.89 -23.08 -28.50
N VAL B 189 -24.82 -22.27 -28.42
CA VAL B 189 -24.96 -20.78 -28.50
C VAL B 189 -25.06 -20.30 -29.90
N GLY B 190 -24.48 -21.02 -30.87
CA GLY B 190 -24.72 -20.73 -32.29
C GLY B 190 -26.21 -20.76 -32.67
N ALA B 191 -26.92 -21.73 -32.10
CA ALA B 191 -28.36 -21.86 -32.30
C ALA B 191 -29.16 -20.64 -31.84
N ALA B 192 -28.63 -19.84 -30.90
CA ALA B 192 -29.38 -18.69 -30.33
C ALA B 192 -29.40 -17.45 -31.22
N THR B 193 -30.39 -16.59 -31.01
CA THR B 193 -30.68 -15.50 -31.96
C THR B 193 -29.97 -14.21 -31.55
N GLY B 194 -30.18 -13.78 -30.31
CA GLY B 194 -29.75 -12.45 -29.84
C GLY B 194 -28.29 -12.06 -30.01
N PRO B 195 -27.91 -10.84 -29.55
CA PRO B 195 -26.48 -10.45 -29.49
C PRO B 195 -25.78 -11.17 -28.34
N HIS B 196 -24.57 -11.68 -28.56
CA HIS B 196 -23.85 -12.43 -27.50
C HIS B 196 -23.08 -11.51 -26.50
N PRO B 197 -22.83 -11.97 -25.27
CA PRO B 197 -22.22 -11.04 -24.29
C PRO B 197 -20.76 -10.74 -24.59
N LYS B 198 -20.36 -9.54 -24.20
CA LYS B 198 -18.96 -9.15 -24.26
C LYS B 198 -18.61 -8.79 -22.88
N VAL B 199 -17.36 -9.07 -22.53
CA VAL B 199 -16.83 -8.81 -21.18
C VAL B 199 -16.86 -7.32 -20.86
N ARG B 200 -16.56 -6.47 -21.82
CA ARG B 200 -16.67 -5.00 -21.65
C ARG B 200 -18.01 -4.44 -21.24
N ASP B 201 -19.11 -5.17 -21.52
CA ASP B 201 -20.44 -4.81 -21.01
C ASP B 201 -20.64 -4.94 -19.50
N LEU B 202 -19.92 -5.85 -18.85
CA LEU B 202 -20.07 -6.07 -17.42
C LEU B 202 -19.42 -4.94 -16.66
N LYS B 203 -19.90 -4.70 -15.46
CA LYS B 203 -19.47 -3.62 -14.57
C LYS B 203 -18.78 -4.29 -13.43
N VAL B 204 -17.65 -3.70 -13.03
CA VAL B 204 -16.91 -4.15 -11.88
C VAL B 204 -17.80 -3.90 -10.68
N ARG B 205 -18.07 -4.94 -9.90
CA ARG B 205 -18.95 -4.77 -8.75
C ARG B 205 -18.16 -5.10 -7.51
N HIS B 206 -18.18 -4.18 -6.57
CA HIS B 206 -17.42 -4.26 -5.39
C HIS B 206 -18.11 -3.38 -4.31
N GLU B 207 -18.09 -3.87 -3.08
CA GLU B 207 -18.85 -3.33 -1.96
C GLU B 207 -18.32 -1.95 -1.49
N ASN B 208 -17.02 -1.73 -1.59
CA ASN B 208 -16.38 -0.44 -1.30
C ASN B 208 -15.09 -0.27 -2.13
N PRO B 209 -15.23 0.07 -3.42
CA PRO B 209 -14.03 -0.01 -4.25
C PRO B 209 -12.90 0.88 -3.79
N GLU B 210 -13.19 2.06 -3.30
CA GLU B 210 -12.16 3.03 -2.96
C GLU B 210 -11.48 2.72 -1.64
N GLY B 211 -12.18 2.04 -0.78
CA GLY B 211 -11.59 1.58 0.44
C GLY B 211 -10.59 0.48 0.12
N TYR B 212 -10.99 -0.46 -0.73
CA TYR B 212 -10.07 -1.50 -1.12
C TYR B 212 -8.86 -0.91 -1.83
N LEU B 213 -9.05 -0.07 -2.81
CA LEU B 213 -7.91 0.40 -3.61
C LEU B 213 -6.97 1.24 -2.78
N GLY B 214 -7.49 2.00 -1.82
CA GLY B 214 -6.67 2.81 -0.93
C GLY B 214 -5.76 1.93 -0.11
N PHE B 215 -6.34 0.85 0.41
CA PHE B 215 -5.64 -0.08 1.22
C PHE B 215 -4.51 -0.78 0.42
N ALA B 216 -4.86 -1.34 -0.74
CA ALA B 216 -3.94 -2.01 -1.65
C ALA B 216 -2.87 -1.08 -2.24
N ARG B 217 -3.23 0.13 -2.63
CA ARG B 217 -2.23 1.15 -2.96
C ARG B 217 -1.14 1.26 -1.86
N ASN B 218 -1.52 1.30 -0.60
CA ASN B 218 -0.50 1.39 0.47
C ASN B 218 0.33 0.10 0.64
N THR B 219 -0.30 -1.08 0.66
CA THR B 219 0.45 -2.30 0.82
C THR B 219 1.34 -2.53 -0.41
N VAL B 220 0.82 -2.35 -1.60
CA VAL B 220 1.57 -2.63 -2.79
C VAL B 220 2.81 -1.70 -2.84
N ALA B 221 2.68 -0.43 -2.47
CA ALA B 221 3.86 0.49 -2.43
C ALA B 221 4.90 0.18 -1.43
N ALA B 222 4.52 -0.34 -0.28
CA ALA B 222 5.50 -0.74 0.70
C ALA B 222 6.34 -1.95 0.18
N MET B 223 5.70 -2.92 -0.50
CA MET B 223 6.36 -4.11 -1.07
C MET B 223 7.18 -3.94 -2.36
N ALA B 224 6.93 -2.90 -3.13
CA ALA B 224 7.55 -2.77 -4.42
C ALA B 224 8.50 -1.60 -4.39
N LYS B 225 9.26 -1.40 -3.31
CA LYS B 225 10.25 -0.34 -3.32
C LYS B 225 11.26 -0.63 -4.47
N ASN B 226 11.45 0.37 -5.30
CA ASN B 226 12.37 0.36 -6.40
C ASN B 226 11.80 -0.20 -7.66
N PHE B 227 10.58 -0.74 -7.66
CA PHE B 227 9.94 -1.21 -8.93
C PHE B 227 8.66 -0.44 -9.22
N PRO B 228 8.63 0.33 -10.30
CA PRO B 228 7.43 1.07 -10.61
C PRO B 228 6.27 0.22 -11.11
N ALA B 229 6.48 -1.00 -11.62
CA ALA B 229 5.38 -1.67 -12.36
C ALA B 229 4.19 -2.08 -11.48
N PRO B 230 4.44 -2.57 -10.23
CA PRO B 230 3.33 -3.01 -9.36
C PRO B 230 2.25 -1.95 -9.04
N LEU B 231 2.66 -0.76 -8.66
CA LEU B 231 1.73 0.36 -8.50
C LEU B 231 1.03 0.73 -9.80
N LYS B 232 1.73 0.74 -10.95
CA LYS B 232 1.04 1.01 -12.23
C LYS B 232 0.10 -0.10 -12.60
N CYS B 233 0.42 -1.34 -12.24
CA CYS B 233 -0.51 -2.49 -12.43
C CYS B 233 -1.79 -2.29 -11.63
N LEU B 234 -1.64 -1.87 -10.39
CA LEU B 234 -2.79 -1.62 -9.57
C LEU B 234 -3.70 -0.47 -10.13
N GLU B 235 -3.08 0.65 -10.55
CA GLU B 235 -3.76 1.77 -11.17
C GLU B 235 -4.48 1.42 -12.46
N ALA B 236 -3.90 0.62 -13.33
CA ALA B 236 -4.60 0.13 -14.51
C ALA B 236 -5.89 -0.62 -14.10
N VAL B 237 -5.79 -1.50 -13.10
CA VAL B 237 -6.91 -2.29 -12.60
C VAL B 237 -8.00 -1.40 -12.01
N ALA B 238 -7.59 -0.44 -11.20
CA ALA B 238 -8.48 0.61 -10.67
C ALA B 238 -9.29 1.30 -11.77
N GLY B 239 -8.67 1.52 -12.91
CA GLY B 239 -9.33 2.03 -14.10
C GLY B 239 -10.47 1.19 -14.68
N SER B 240 -10.67 -0.04 -14.19
CA SER B 240 -11.72 -0.96 -14.67
C SER B 240 -13.05 -0.53 -14.11
N LEU B 241 -12.98 0.29 -13.05
CA LEU B 241 -14.11 1.07 -12.51
C LEU B 241 -14.68 2.19 -13.43
N LYS B 242 -13.89 2.67 -14.40
CA LYS B 242 -14.32 3.68 -15.36
C LYS B 242 -14.95 2.98 -16.57
N PRO B 243 -15.61 3.74 -17.49
CA PRO B 243 -16.08 3.17 -18.75
C PRO B 243 -14.94 2.56 -19.51
N PHE B 244 -15.30 1.55 -20.29
CA PHE B 244 -14.35 0.62 -20.77
C PHE B 244 -13.26 1.35 -21.47
N GLU B 245 -13.62 2.15 -22.47
CA GLU B 245 -12.68 2.88 -23.34
C GLU B 245 -11.74 3.82 -22.63
N GLN B 246 -12.25 4.56 -21.67
CA GLN B 246 -11.43 5.40 -20.81
C GLN B 246 -10.44 4.52 -20.01
N GLY B 247 -10.91 3.40 -19.41
CA GLY B 247 -10.00 2.42 -18.79
C GLY B 247 -8.89 1.85 -19.69
N LEU B 248 -9.27 1.44 -20.90
CA LEU B 248 -8.33 0.93 -21.90
C LEU B 248 -7.21 1.92 -22.19
N LYS B 249 -7.60 3.20 -22.29
CA LYS B 249 -6.69 4.28 -22.59
C LYS B 249 -5.72 4.51 -21.43
N GLN B 250 -6.20 4.46 -20.21
CA GLN B 250 -5.35 4.61 -19.04
C GLN B 250 -4.37 3.42 -18.91
N GLU B 251 -4.78 2.24 -19.36
CA GLU B 251 -3.92 1.07 -19.34
C GLU B 251 -2.82 1.19 -20.36
N ARG B 252 -3.19 1.63 -21.56
CA ARG B 252 -2.20 1.87 -22.62
C ARG B 252 -1.12 2.89 -22.23
N GLU B 253 -1.53 3.97 -21.62
CA GLU B 253 -0.61 4.95 -21.10
C GLU B 253 0.29 4.38 -20.04
N GLY B 254 -0.27 3.60 -19.12
CA GLY B 254 0.51 2.83 -18.15
C GLY B 254 1.57 1.89 -18.76
N PHE B 255 1.18 1.12 -19.76
CA PHE B 255 2.12 0.22 -20.44
C PHE B 255 3.28 1.00 -21.05
N LEU B 256 2.95 2.08 -21.75
CA LEU B 256 3.94 2.88 -22.51
C LEU B 256 4.91 3.58 -21.56
N TYR B 257 4.42 4.07 -20.43
CA TYR B 257 5.28 4.61 -19.39
C TYR B 257 6.31 3.56 -18.90
N LEU B 258 5.85 2.33 -18.64
CA LEU B 258 6.69 1.26 -18.08
C LEU B 258 7.72 0.73 -19.04
N VAL B 259 7.33 0.58 -20.31
CA VAL B 259 8.20 0.17 -21.37
C VAL B 259 9.53 0.91 -21.41
N THR B 260 9.49 2.21 -21.16
CA THR B 260 10.71 3.02 -21.19
C THR B 260 11.36 3.23 -19.82
N THR B 261 10.95 2.48 -18.80
CA THR B 261 11.62 2.58 -17.53
C THR B 261 12.89 1.74 -17.48
N PRO B 262 13.93 2.25 -16.84
CA PRO B 262 15.14 1.45 -16.68
C PRO B 262 14.93 0.12 -15.90
N GLU B 263 13.97 0.09 -14.98
CA GLU B 263 13.66 -1.12 -14.25
C GLU B 263 13.06 -2.21 -15.19
N SER B 264 12.28 -1.80 -16.17
CA SER B 264 11.77 -2.80 -17.13
C SER B 264 12.88 -3.46 -17.96
N ARG B 265 13.80 -2.67 -18.49
CA ARG B 265 15.00 -3.19 -19.20
C ARG B 265 15.74 -4.17 -18.26
N ALA B 266 15.96 -3.75 -17.01
CA ALA B 266 16.62 -4.60 -16.06
C ALA B 266 15.92 -5.94 -15.88
N LEU B 267 14.63 -5.92 -15.59
CA LEU B 267 13.91 -7.17 -15.32
C LEU B 267 13.83 -8.06 -16.59
N ARG B 268 13.70 -7.46 -17.79
CA ARG B 268 13.80 -8.18 -19.08
C ARG B 268 15.16 -8.83 -19.23
N HIS B 269 16.20 -8.06 -18.89
CA HIS B 269 17.59 -8.53 -18.90
C HIS B 269 17.82 -9.66 -17.94
N ALA B 270 17.32 -9.56 -16.70
CA ALA B 270 17.41 -10.68 -15.77
C ALA B 270 16.65 -11.86 -16.28
N PHE B 271 15.48 -11.66 -16.82
CA PHE B 271 14.66 -12.80 -17.19
C PHE B 271 15.25 -13.61 -18.34
N PHE B 272 15.66 -12.90 -19.39
CA PHE B 272 16.32 -13.53 -20.51
C PHE B 272 17.76 -13.91 -20.24
N GLY B 273 18.40 -13.24 -19.28
CA GLY B 273 19.69 -13.66 -18.76
C GLY B 273 19.69 -14.99 -18.07
N GLU B 274 18.64 -15.30 -17.31
CA GLU B 274 18.55 -16.58 -16.61
C GLU B 274 18.47 -17.73 -17.62
N ARG B 275 17.69 -17.58 -18.70
CA ARG B 275 17.56 -18.63 -19.75
C ARG B 275 18.77 -18.79 -20.63
N ALA B 276 19.44 -17.68 -20.90
CA ALA B 276 20.57 -17.68 -21.76
C ALA B 276 21.84 -18.22 -21.06
N ALA B 277 21.79 -18.37 -19.73
CA ALA B 277 22.95 -18.88 -18.97
C ALA B 277 23.22 -20.38 -19.10
N SER B 278 22.20 -21.13 -19.53
CA SER B 278 22.30 -22.51 -20.00
C SER B 278 22.88 -22.70 -21.38
N LYS B 279 22.98 -21.65 -22.18
CA LYS B 279 23.38 -21.72 -23.56
C LYS B 279 24.88 -21.51 -23.63
N ILE B 280 25.58 -22.57 -24.02
CA ILE B 280 27.00 -22.59 -24.21
C ILE B 280 27.15 -22.61 -25.73
N PRO B 281 27.83 -21.62 -26.34
CA PRO B 281 27.84 -21.39 -27.81
C PRO B 281 28.06 -22.65 -28.68
N ASP B 282 29.03 -23.46 -28.28
CA ASP B 282 29.43 -24.66 -29.05
C ASP B 282 28.88 -25.98 -28.49
N VAL B 283 27.90 -25.96 -27.60
CA VAL B 283 27.33 -27.16 -27.05
C VAL B 283 25.84 -27.20 -27.43
N PRO B 284 25.50 -27.90 -28.53
CA PRO B 284 24.10 -27.89 -29.06
C PRO B 284 23.04 -28.20 -28.01
N GLU B 285 21.84 -27.63 -28.09
CA GLU B 285 20.80 -27.91 -27.06
C GLU B 285 20.46 -29.42 -26.93
N GLY B 286 20.53 -30.15 -28.03
CA GLY B 286 20.34 -31.59 -27.99
C GLY B 286 21.29 -32.42 -27.13
N THR B 287 22.54 -32.00 -26.97
CA THR B 287 23.65 -32.96 -26.67
C THR B 287 23.30 -33.84 -25.50
N PRO B 288 23.47 -35.18 -25.66
CA PRO B 288 23.04 -36.04 -24.53
C PRO B 288 23.92 -35.87 -23.32
N THR B 289 23.48 -36.38 -22.19
CA THR B 289 24.17 -36.20 -20.90
C THR B 289 24.33 -37.51 -20.15
N ARG B 290 25.13 -37.55 -19.10
CA ARG B 290 25.32 -38.78 -18.30
C ARG B 290 24.33 -38.80 -17.16
N LYS B 291 23.69 -39.94 -16.94
CA LYS B 291 22.78 -40.13 -15.82
C LYS B 291 23.56 -40.00 -14.51
N ILE B 292 23.09 -39.10 -13.64
CA ILE B 292 23.72 -38.89 -12.33
C ILE B 292 22.76 -39.41 -11.23
N GLU B 293 23.12 -40.54 -10.64
CA GLU B 293 22.24 -41.27 -9.69
C GLU B 293 22.83 -41.31 -8.27
N LYS B 294 24.15 -41.54 -8.18
CA LYS B 294 24.90 -41.46 -6.93
C LYS B 294 25.97 -40.36 -7.04
N VAL B 295 26.08 -39.55 -5.98
CA VAL B 295 27.03 -38.43 -5.87
C VAL B 295 27.92 -38.69 -4.67
N ALA B 296 29.19 -38.41 -4.81
CA ALA B 296 30.07 -38.37 -3.66
C ALA B 296 30.56 -36.93 -3.49
N VAL B 297 31.08 -36.63 -2.30
CA VAL B 297 31.62 -35.31 -1.94
C VAL B 297 32.82 -35.52 -0.99
N ILE B 298 34.00 -35.00 -1.35
CA ILE B 298 35.22 -35.16 -0.55
C ILE B 298 35.42 -33.95 0.38
N GLY B 299 35.00 -34.09 1.65
CA GLY B 299 35.16 -33.01 2.65
C GLY B 299 33.87 -32.88 3.41
N ALA B 300 33.96 -32.96 4.73
CA ALA B 300 32.78 -32.95 5.61
C ALA B 300 32.51 -31.57 6.17
N GLY B 301 33.33 -30.61 5.74
CA GLY B 301 33.18 -29.27 6.19
C GLY B 301 32.04 -28.42 5.70
N THR B 302 32.26 -27.11 5.85
CA THR B 302 31.18 -26.15 5.66
C THR B 302 30.64 -26.13 4.21
N MET B 303 31.51 -26.23 3.22
CA MET B 303 30.99 -26.38 1.87
C MET B 303 30.66 -27.82 1.55
N GLY B 304 31.57 -28.76 1.83
CA GLY B 304 31.22 -30.21 1.81
C GLY B 304 29.77 -30.50 2.23
N GLY B 305 29.48 -30.15 3.48
CA GLY B 305 28.17 -30.34 4.06
C GLY B 305 27.14 -29.52 3.32
N GLY B 306 27.49 -28.28 3.00
CA GLY B 306 26.63 -27.43 2.16
C GLY B 306 26.22 -28.06 0.82
N ILE B 307 27.22 -28.45 0.04
CA ILE B 307 27.04 -28.98 -1.31
C ILE B 307 26.05 -30.17 -1.23
N SER B 308 26.37 -31.09 -0.30
CA SER B 308 25.64 -32.37 -0.14
C SER B 308 24.16 -32.13 0.04
N MET B 309 23.83 -31.22 0.94
CA MET B 309 22.43 -30.95 1.24
C MET B 309 21.61 -30.65 -0.01
N ASN B 310 22.22 -29.97 -0.99
CA ASN B 310 21.51 -29.68 -2.26
C ASN B 310 21.04 -30.99 -2.94
N PHE B 311 21.94 -31.96 -2.93
CA PHE B 311 21.71 -33.27 -3.51
C PHE B 311 20.70 -34.09 -2.71
N LEU B 312 20.76 -33.98 -1.39
CA LEU B 312 19.75 -34.61 -0.54
C LEU B 312 18.40 -34.03 -0.90
N ASN B 313 18.27 -32.71 -0.90
CA ASN B 313 17.00 -32.06 -1.24
C ASN B 313 16.42 -32.39 -2.60
N ALA B 314 17.28 -32.80 -3.53
CA ALA B 314 16.87 -33.17 -4.88
C ALA B 314 16.29 -34.57 -4.93
N GLY B 315 16.67 -35.37 -3.93
CA GLY B 315 16.40 -36.79 -3.92
C GLY B 315 17.51 -37.46 -4.67
N ILE B 316 18.73 -37.40 -4.13
CA ILE B 316 19.95 -38.02 -4.74
C ILE B 316 20.89 -38.53 -3.64
N PRO B 317 21.20 -39.83 -3.62
CA PRO B 317 22.09 -40.32 -2.55
C PRO B 317 23.52 -39.79 -2.58
N VAL B 318 23.91 -39.16 -1.49
CA VAL B 318 25.25 -38.60 -1.37
C VAL B 318 26.04 -39.44 -0.40
N THR B 319 27.35 -39.50 -0.60
CA THR B 319 28.27 -40.19 0.28
C THR B 319 29.53 -39.34 0.56
N ILE B 320 29.81 -39.01 1.83
CA ILE B 320 30.92 -38.09 2.16
C ILE B 320 32.20 -38.79 2.60
N LEU B 321 33.35 -38.37 2.09
CA LEU B 321 34.64 -38.93 2.49
C LEU B 321 35.44 -37.90 3.27
N GLU B 322 36.16 -38.35 4.30
CA GLU B 322 37.20 -37.54 4.98
C GLU B 322 38.28 -38.47 5.43
N THR B 323 39.31 -37.91 6.05
CA THR B 323 40.16 -38.67 6.96
C THR B 323 39.43 -39.08 8.28
N LYS B 324 39.19 -38.13 9.19
CA LYS B 324 38.74 -38.42 10.60
C LYS B 324 37.32 -39.03 10.72
N GLN B 325 37.13 -39.86 11.74
CA GLN B 325 35.82 -40.54 11.98
C GLN B 325 34.75 -39.63 12.66
N GLU B 326 35.20 -38.60 13.39
CA GLU B 326 34.29 -37.61 14.06
C GLU B 326 34.13 -36.33 13.21
N ALA B 327 35.16 -35.96 12.43
CA ALA B 327 35.01 -34.99 11.31
C ALA B 327 33.77 -35.24 10.43
N LEU B 328 33.36 -36.50 10.28
CA LEU B 328 32.03 -36.84 9.74
C LEU B 328 30.89 -36.47 10.70
N ASP B 329 31.01 -36.87 11.97
CA ASP B 329 29.97 -36.54 12.98
C ASP B 329 29.86 -35.04 13.24
N ARG B 330 31.00 -34.33 13.22
CA ARG B 330 30.98 -32.86 13.24
C ARG B 330 30.20 -32.35 12.02
N GLY B 331 30.58 -32.83 10.84
CA GLY B 331 29.84 -32.61 9.60
C GLY B 331 28.35 -32.95 9.59
N VAL B 332 27.96 -34.14 10.09
CA VAL B 332 26.57 -34.61 9.98
C VAL B 332 25.64 -33.91 11.01
N GLY B 333 26.18 -33.56 12.18
CA GLY B 333 25.42 -32.81 13.21
C GLY B 333 24.94 -31.48 12.68
N ILE B 334 25.83 -30.84 11.92
CA ILE B 334 25.55 -29.56 11.26
C ILE B 334 24.40 -29.68 10.28
N ILE B 335 24.51 -30.64 9.34
CA ILE B 335 23.46 -30.88 8.32
C ILE B 335 22.09 -31.14 8.99
N ARG B 336 22.11 -32.02 9.99
CA ARG B 336 20.97 -32.33 10.89
C ARG B 336 20.35 -31.04 11.46
N LYS B 337 21.17 -30.21 12.11
CA LYS B 337 20.66 -28.95 12.73
C LYS B 337 20.03 -27.99 11.73
N ASN B 338 20.73 -27.70 10.64
CA ASN B 338 20.20 -26.86 9.56
C ASN B 338 18.75 -27.23 9.19
N TYR B 339 18.53 -28.54 8.99
CA TYR B 339 17.24 -29.03 8.45
C TYR B 339 16.07 -28.89 9.41
N GLU B 340 16.28 -29.30 10.67
CA GLU B 340 15.18 -29.38 11.67
C GLU B 340 14.77 -27.99 12.20
N ASN B 341 15.58 -26.98 11.90
CA ASN B 341 15.24 -25.58 12.15
C ASN B 341 14.11 -25.13 11.23
N SER B 342 14.22 -25.46 9.93
CA SER B 342 13.19 -25.19 8.92
C SER B 342 11.92 -26.02 9.11
N ALA B 343 12.01 -27.09 9.90
CA ALA B 343 10.82 -27.83 10.35
C ALA B 343 9.94 -26.94 11.25
N LYS B 344 10.52 -26.47 12.35
CA LYS B 344 9.83 -25.60 13.32
C LYS B 344 10.17 -24.11 13.13
N LYS B 345 10.57 -23.76 11.91
CA LYS B 345 10.27 -22.45 11.32
C LYS B 345 9.15 -22.58 10.26
N GLY B 346 8.88 -23.80 9.77
CA GLY B 346 7.62 -24.12 9.05
C GLY B 346 7.65 -24.25 7.54
N LYS B 347 8.84 -24.35 6.93
CA LYS B 347 8.99 -24.47 5.45
C LYS B 347 8.76 -25.91 4.95
N LEU B 348 9.20 -26.90 5.75
CA LEU B 348 9.00 -28.34 5.47
C LEU B 348 8.85 -29.13 6.77
N THR B 349 8.20 -30.29 6.69
CA THR B 349 7.80 -31.08 7.88
C THR B 349 9.00 -31.85 8.52
N GLN B 350 8.72 -32.84 9.37
CA GLN B 350 9.73 -33.72 9.95
C GLN B 350 9.82 -35.12 9.28
N GLU B 351 8.77 -35.54 8.59
CA GLU B 351 8.86 -36.70 7.67
C GLU B 351 9.85 -36.41 6.54
N LYS B 352 9.84 -35.15 6.06
CA LYS B 352 10.73 -34.68 4.99
C LYS B 352 12.23 -34.70 5.40
N VAL B 353 12.52 -34.41 6.67
CA VAL B 353 13.90 -34.33 7.18
C VAL B 353 14.54 -35.71 7.43
N GLU B 354 13.70 -36.74 7.55
CA GLU B 354 14.18 -38.11 7.67
C GLU B 354 14.56 -38.66 6.30
N GLN B 355 13.68 -38.48 5.31
CA GLN B 355 13.99 -38.92 3.93
C GLN B 355 15.16 -38.15 3.31
N ARG B 356 15.60 -37.04 3.94
CA ARG B 356 16.83 -36.31 3.53
C ARG B 356 18.11 -36.82 4.19
N MET B 357 18.13 -36.98 5.50
CA MET B 357 19.31 -37.61 6.16
C MET B 357 19.38 -39.10 5.84
N GLY B 358 18.20 -39.67 5.53
CA GLY B 358 18.03 -41.00 4.96
C GLY B 358 18.15 -41.08 3.44
N LEU B 359 18.97 -40.18 2.88
CA LEU B 359 19.65 -40.35 1.60
C LEU B 359 21.16 -40.09 1.73
N LEU B 360 21.70 -39.95 2.94
CA LEU B 360 23.10 -39.55 3.15
C LEU B 360 23.92 -40.67 3.75
N SER B 361 25.02 -41.04 3.12
CA SER B 361 26.01 -41.95 3.70
C SER B 361 27.21 -41.14 4.03
N THR B 362 28.15 -41.78 4.70
CA THR B 362 29.44 -41.18 5.05
C THR B 362 30.44 -42.33 5.11
N THR B 363 31.72 -42.06 4.87
CA THR B 363 32.78 -43.09 4.86
C THR B 363 34.17 -42.46 4.92
N LEU B 364 35.18 -43.28 5.13
CA LEU B 364 36.56 -42.81 5.04
C LEU B 364 37.27 -43.60 3.95
N SER B 365 36.55 -44.42 3.20
CA SER B 365 37.21 -45.34 2.29
C SER B 365 37.04 -44.84 0.88
N TYR B 366 38.16 -44.52 0.21
CA TYR B 366 38.11 -44.16 -1.22
C TYR B 366 37.33 -45.23 -2.05
N ASP B 367 37.53 -46.51 -1.70
CA ASP B 367 36.78 -47.63 -2.31
C ASP B 367 35.25 -47.58 -2.23
N ASP B 368 34.68 -46.80 -1.32
CA ASP B 368 33.21 -46.60 -1.31
C ASP B 368 32.73 -45.57 -2.34
N LEU B 369 33.65 -44.89 -3.04
CA LEU B 369 33.29 -44.01 -4.17
C LEU B 369 33.22 -44.74 -5.53
N LYS B 370 33.39 -46.06 -5.53
CA LYS B 370 33.65 -46.85 -6.73
C LYS B 370 32.58 -46.68 -7.79
N ASP B 371 31.33 -46.51 -7.41
CA ASP B 371 30.32 -46.28 -8.44
C ASP B 371 29.55 -44.97 -8.29
N ALA B 372 30.21 -43.93 -7.75
CA ALA B 372 29.66 -42.57 -7.79
C ALA B 372 29.69 -42.07 -9.24
N ASP B 373 28.59 -41.53 -9.72
CA ASP B 373 28.55 -40.86 -11.04
C ASP B 373 29.17 -39.45 -11.13
N LEU B 374 29.18 -38.74 -9.99
CA LEU B 374 29.72 -37.38 -9.82
C LEU B 374 30.44 -37.25 -8.49
N ILE B 375 31.68 -36.82 -8.53
CA ILE B 375 32.42 -36.64 -7.31
C ILE B 375 32.78 -35.13 -7.28
N ILE B 376 32.39 -34.45 -6.21
CA ILE B 376 32.78 -33.06 -5.98
C ILE B 376 33.78 -32.94 -4.83
N GLU B 377 34.99 -32.60 -5.17
CA GLU B 377 36.02 -32.37 -4.18
C GLU B 377 35.82 -30.98 -3.53
N ALA B 378 35.94 -30.90 -2.19
CA ALA B 378 35.79 -29.64 -1.42
C ALA B 378 36.71 -29.63 -0.20
N VAL B 379 38.02 -29.72 -0.44
CA VAL B 379 39.03 -29.86 0.60
C VAL B 379 39.88 -28.59 0.62
N PHE B 380 40.94 -28.54 1.44
CA PHE B 380 41.76 -27.32 1.66
C PHE B 380 42.19 -26.66 0.32
N GLU B 381 42.27 -25.31 0.26
CA GLU B 381 42.63 -24.52 -0.98
C GLU B 381 44.13 -24.54 -1.22
N GLU B 382 44.70 -25.71 -1.49
CA GLU B 382 46.16 -25.81 -1.69
C GLU B 382 46.49 -26.77 -2.85
N MET B 383 47.31 -26.33 -3.81
CA MET B 383 47.46 -27.10 -5.05
C MET B 383 48.01 -28.51 -4.78
N GLY B 384 48.93 -28.63 -3.83
CA GLY B 384 49.43 -29.92 -3.35
C GLY B 384 48.40 -30.88 -2.82
N VAL B 385 47.40 -30.38 -2.11
CA VAL B 385 46.35 -31.24 -1.54
C VAL B 385 45.33 -31.73 -2.61
N LYS B 386 45.02 -30.84 -3.54
CA LYS B 386 44.18 -31.14 -4.68
C LYS B 386 44.85 -32.24 -5.57
N GLU B 387 46.16 -32.09 -5.78
CA GLU B 387 46.95 -33.07 -6.52
C GLU B 387 46.71 -34.45 -5.95
N THR B 388 46.97 -34.59 -4.66
CA THR B 388 46.77 -35.84 -3.95
C THR B 388 45.38 -36.41 -4.11
N VAL B 389 44.36 -35.56 -3.99
CA VAL B 389 42.98 -36.09 -4.03
C VAL B 389 42.51 -36.48 -5.46
N PHE B 390 42.91 -35.68 -6.44
CA PHE B 390 42.56 -35.95 -7.83
C PHE B 390 43.31 -37.18 -8.38
N LYS B 391 44.59 -37.33 -8.06
CA LYS B 391 45.34 -38.59 -8.32
C LYS B 391 44.62 -39.79 -7.75
N LYS B 392 44.16 -39.72 -6.50
CA LYS B 392 43.38 -40.81 -5.90
C LYS B 392 42.03 -41.06 -6.57
N LEU B 393 41.33 -39.99 -6.96
CA LEU B 393 39.99 -40.15 -7.55
C LEU B 393 40.15 -40.79 -8.95
N ASP B 394 41.25 -40.42 -9.61
CA ASP B 394 41.56 -40.88 -10.95
C ASP B 394 41.85 -42.41 -10.95
N GLU B 395 42.64 -42.88 -9.99
CA GLU B 395 42.77 -44.31 -9.69
C GLU B 395 41.44 -45.05 -9.57
N VAL B 396 40.54 -44.46 -8.78
CA VAL B 396 39.43 -45.19 -8.19
C VAL B 396 38.08 -44.97 -8.88
N ALA B 397 37.81 -43.78 -9.41
CA ALA B 397 36.43 -43.48 -9.82
C ALA B 397 36.09 -44.31 -11.09
N LYS B 398 34.84 -44.68 -11.25
CA LYS B 398 34.47 -45.44 -12.41
C LYS B 398 34.62 -44.64 -13.71
N GLN B 399 34.92 -45.38 -14.80
CA GLN B 399 34.86 -44.84 -16.14
C GLN B 399 33.47 -44.26 -16.36
N GLY B 400 33.41 -42.99 -16.78
CA GLY B 400 32.18 -42.21 -16.90
C GLY B 400 31.93 -41.23 -15.77
N ALA B 401 32.76 -41.25 -14.73
CA ALA B 401 32.46 -40.43 -13.54
C ALA B 401 33.00 -39.05 -13.79
N ILE B 402 32.16 -38.06 -13.55
CA ILE B 402 32.55 -36.66 -13.63
C ILE B 402 33.29 -36.30 -12.31
N LEU B 403 34.48 -35.78 -12.41
CA LEU B 403 35.23 -35.32 -11.27
C LEU B 403 35.19 -33.76 -11.22
N ALA B 404 34.64 -33.20 -10.15
CA ALA B 404 34.51 -31.75 -10.02
C ALA B 404 35.28 -31.22 -8.80
N SER B 405 35.91 -30.06 -8.95
CA SER B 405 36.52 -29.37 -7.81
C SER B 405 35.68 -28.15 -7.50
N ASN B 406 35.41 -27.93 -6.22
CA ASN B 406 34.76 -26.71 -5.73
C ASN B 406 35.73 -25.53 -5.55
N THR B 407 36.93 -25.60 -6.08
CA THR B 407 37.91 -24.53 -5.90
C THR B 407 37.47 -23.16 -6.45
N SER B 408 37.96 -22.11 -5.80
CA SER B 408 37.58 -20.74 -6.12
C SER B 408 38.73 -19.89 -6.67
N THR B 409 39.96 -20.21 -6.31
CA THR B 409 41.15 -19.48 -6.79
C THR B 409 42.15 -20.31 -7.67
N LEU B 410 42.21 -21.63 -7.48
CA LEU B 410 43.18 -22.50 -8.16
C LEU B 410 42.86 -22.84 -9.61
N ASP B 411 43.92 -23.09 -10.39
CA ASP B 411 43.83 -23.44 -11.84
C ASP B 411 43.24 -24.83 -12.05
N VAL B 412 42.07 -24.87 -12.64
CA VAL B 412 41.33 -26.09 -12.86
C VAL B 412 41.98 -26.95 -13.92
N ASN B 413 42.60 -26.34 -14.92
CA ASN B 413 43.34 -27.07 -15.95
C ASN B 413 44.49 -27.82 -15.33
N LYS B 414 45.16 -27.19 -14.35
CA LYS B 414 46.25 -27.82 -13.61
C LYS B 414 45.76 -29.00 -12.78
N ILE B 415 44.62 -28.85 -12.13
CA ILE B 415 44.03 -29.97 -11.42
C ILE B 415 43.81 -31.12 -12.44
N ALA B 416 43.22 -30.81 -13.59
CA ALA B 416 42.88 -31.84 -14.60
C ALA B 416 44.12 -32.60 -15.07
N SER B 417 45.21 -31.86 -15.23
CA SER B 417 46.48 -32.36 -15.69
C SER B 417 47.10 -33.42 -14.78
N PHE B 418 46.58 -33.56 -13.54
CA PHE B 418 47.00 -34.61 -12.63
C PHE B 418 46.26 -35.91 -12.88
N THR B 419 45.26 -35.89 -13.72
CA THR B 419 44.51 -37.09 -14.09
C THR B 419 44.90 -37.48 -15.50
N LYS B 420 44.39 -38.61 -15.93
CA LYS B 420 44.60 -39.13 -17.30
C LYS B 420 43.29 -39.05 -18.09
N ARG B 421 42.26 -38.43 -17.49
CA ARG B 421 40.99 -38.18 -18.16
C ARG B 421 40.53 -36.73 -17.87
N PRO B 422 41.40 -35.73 -18.17
CA PRO B 422 41.03 -34.32 -17.95
C PRO B 422 39.69 -33.90 -18.60
N GLN B 423 39.25 -34.64 -19.63
CA GLN B 423 37.89 -34.48 -20.20
C GLN B 423 36.72 -34.68 -19.22
N ASP B 424 37.01 -35.34 -18.13
CA ASP B 424 36.00 -35.62 -17.15
C ASP B 424 36.20 -34.72 -15.95
N VAL B 425 37.14 -33.77 -16.04
CA VAL B 425 37.39 -32.79 -14.99
C VAL B 425 36.71 -31.43 -15.30
N VAL B 426 35.91 -30.99 -14.34
CA VAL B 426 35.20 -29.75 -14.36
C VAL B 426 35.29 -28.98 -13.02
N GLY B 427 35.14 -27.66 -13.03
CA GLY B 427 34.96 -26.85 -11.79
C GLY B 427 33.48 -26.75 -11.48
N MET B 428 33.07 -27.00 -10.26
CA MET B 428 31.70 -26.70 -9.82
C MET B 428 31.90 -25.83 -8.58
N HIS B 429 31.85 -24.51 -8.76
CA HIS B 429 32.16 -23.55 -7.71
C HIS B 429 30.85 -22.99 -7.08
N PHE B 430 30.48 -23.54 -5.93
CA PHE B 430 29.26 -23.18 -5.16
C PHE B 430 29.64 -22.01 -4.23
N PHE B 431 28.66 -21.15 -3.92
CA PHE B 431 28.87 -19.98 -3.04
C PHE B 431 28.31 -20.27 -1.66
N SER B 432 29.05 -19.85 -0.62
CA SER B 432 28.72 -20.10 0.79
C SER B 432 27.51 -19.24 1.20
N PRO B 433 26.55 -19.76 1.97
CA PRO B 433 26.35 -21.20 2.29
C PRO B 433 25.81 -22.00 1.07
N ALA B 434 26.40 -23.16 0.77
CA ALA B 434 26.10 -23.86 -0.52
C ALA B 434 24.67 -24.24 -0.77
N ASN B 435 23.95 -24.55 0.31
CA ASN B 435 22.51 -24.91 0.28
C ASN B 435 21.52 -23.76 0.10
N VAL B 436 21.98 -22.50 0.13
CA VAL B 436 21.11 -21.31 0.07
C VAL B 436 21.37 -20.47 -1.20
N MET B 437 22.64 -20.15 -1.48
CA MET B 437 23.01 -19.30 -2.65
C MET B 437 22.64 -20.00 -3.94
N LYS B 438 21.88 -19.34 -4.81
CA LYS B 438 21.46 -19.92 -6.07
C LYS B 438 22.64 -20.10 -7.09
N LEU B 439 23.76 -19.40 -6.89
CA LEU B 439 24.76 -19.28 -7.94
C LEU B 439 25.70 -20.51 -7.96
N LEU B 440 25.78 -21.16 -9.12
CA LEU B 440 26.77 -22.25 -9.38
C LEU B 440 27.68 -21.83 -10.52
N GLU B 441 28.95 -21.71 -10.27
CA GLU B 441 29.84 -21.25 -11.31
C GLU B 441 30.45 -22.52 -11.87
N VAL B 442 30.10 -22.83 -13.12
CA VAL B 442 30.61 -24.03 -13.80
C VAL B 442 31.86 -23.63 -14.54
N VAL B 443 33.01 -24.15 -14.09
CA VAL B 443 34.30 -23.83 -14.68
C VAL B 443 34.65 -24.85 -15.74
N ARG B 444 34.60 -24.45 -17.00
CA ARG B 444 35.04 -25.25 -18.13
C ARG B 444 36.58 -25.28 -18.25
N GLY B 445 37.18 -26.43 -18.01
CA GLY B 445 38.58 -26.63 -18.29
C GLY B 445 38.80 -26.69 -19.79
N GLU B 446 39.97 -26.31 -20.25
CA GLU B 446 40.29 -26.56 -21.64
C GLU B 446 39.92 -27.94 -22.22
N LYS B 447 40.01 -29.02 -21.43
CA LYS B 447 39.71 -30.38 -21.93
C LYS B 447 38.32 -30.91 -21.61
N THR B 448 37.57 -30.25 -20.70
CA THR B 448 36.25 -30.74 -20.33
C THR B 448 35.39 -31.07 -21.55
N GLY B 449 34.89 -32.29 -21.63
CA GLY B 449 34.08 -32.71 -22.74
C GLY B 449 32.76 -32.00 -22.77
N LYS B 450 32.23 -31.89 -23.98
CA LYS B 450 30.89 -31.30 -24.14
C LYS B 450 29.80 -32.00 -23.34
N ASP B 451 29.83 -33.34 -23.36
CA ASP B 451 28.89 -34.14 -22.57
C ASP B 451 28.99 -33.88 -21.05
N VAL B 452 30.21 -33.76 -20.53
CA VAL B 452 30.41 -33.38 -19.12
C VAL B 452 29.74 -32.05 -18.84
N LEU B 453 29.95 -31.08 -19.71
CA LEU B 453 29.35 -29.75 -19.50
C LEU B 453 27.83 -29.76 -19.52
N ALA B 454 27.25 -30.36 -20.57
CA ALA B 454 25.79 -30.51 -20.68
C ALA B 454 25.27 -31.26 -19.44
N THR B 455 26.02 -32.27 -18.97
CA THR B 455 25.61 -32.99 -17.76
C THR B 455 25.60 -32.06 -16.53
N VAL B 456 26.68 -31.30 -16.30
CA VAL B 456 26.75 -30.42 -15.11
C VAL B 456 25.62 -29.38 -15.12
N MET B 457 25.33 -28.79 -16.28
CA MET B 457 24.18 -27.85 -16.44
C MET B 457 22.84 -28.43 -15.99
N GLN B 458 22.59 -29.70 -16.34
CA GLN B 458 21.32 -30.38 -15.99
C GLN B 458 21.30 -30.70 -14.51
N VAL B 459 22.41 -31.21 -14.00
CA VAL B 459 22.57 -31.36 -12.54
C VAL B 459 22.31 -30.05 -11.78
N GLY B 460 22.72 -28.92 -12.38
CA GLY B 460 22.47 -27.57 -11.87
C GLY B 460 21.01 -27.16 -11.75
N LYS B 461 20.26 -27.41 -12.83
CA LYS B 461 18.78 -27.29 -12.90
C LYS B 461 18.06 -28.07 -11.81
N LYS B 462 18.47 -29.32 -11.61
CA LYS B 462 17.75 -30.21 -10.69
C LYS B 462 17.99 -29.87 -9.24
N ILE B 463 19.15 -29.32 -8.91
CA ILE B 463 19.38 -28.85 -7.54
C ILE B 463 19.12 -27.36 -7.35
N LYS B 464 18.30 -26.76 -8.22
CA LYS B 464 17.75 -25.40 -8.01
C LYS B 464 18.86 -24.34 -7.90
N LYS B 465 19.67 -24.27 -8.97
CA LYS B 465 20.72 -23.26 -9.11
C LYS B 465 20.70 -22.59 -10.46
N THR B 466 21.12 -21.33 -10.44
CA THR B 466 21.49 -20.58 -11.64
C THR B 466 22.96 -20.94 -11.98
N ALA B 467 23.11 -21.80 -12.97
CA ALA B 467 24.41 -22.25 -13.39
C ALA B 467 24.94 -21.34 -14.48
N VAL B 468 26.14 -20.79 -14.29
CA VAL B 468 26.81 -19.96 -15.29
C VAL B 468 28.21 -20.52 -15.60
N VAL B 469 28.53 -20.64 -16.88
CA VAL B 469 29.76 -21.22 -17.37
C VAL B 469 30.85 -20.16 -17.39
N SER B 470 32.02 -20.46 -16.79
CA SER B 470 33.21 -19.56 -16.80
C SER B 470 34.40 -20.33 -17.39
N GLY B 471 35.26 -19.68 -18.17
CA GLY B 471 36.57 -20.24 -18.52
C GLY B 471 37.48 -20.17 -17.30
N VAL B 472 38.71 -20.62 -17.49
CA VAL B 472 39.66 -20.75 -16.41
C VAL B 472 40.54 -19.47 -16.23
N CYS B 473 40.53 -18.86 -15.05
CA CYS B 473 41.50 -17.78 -14.77
C CYS B 473 41.48 -17.66 -13.29
N ASP B 474 42.33 -16.83 -12.71
CA ASP B 474 42.30 -16.59 -11.25
C ASP B 474 40.99 -15.90 -10.84
N GLY B 475 40.17 -16.60 -10.05
CA GLY B 475 38.87 -16.12 -9.63
C GLY B 475 37.70 -16.24 -10.62
N PHE B 476 37.86 -16.89 -11.77
CA PHE B 476 36.74 -17.08 -12.72
C PHE B 476 36.04 -15.74 -13.07
N ILE B 477 34.71 -15.65 -12.96
CA ILE B 477 33.99 -14.40 -13.14
C ILE B 477 33.78 -13.63 -11.82
N GLY B 478 33.12 -14.26 -10.87
CA GLY B 478 32.71 -13.61 -9.63
C GLY B 478 33.83 -12.95 -8.82
N ASN B 479 34.74 -13.79 -8.32
CA ASN B 479 35.77 -13.37 -7.40
C ASN B 479 36.76 -12.51 -8.13
N ARG B 480 36.90 -12.73 -9.42
CA ARG B 480 37.82 -11.92 -10.16
C ARG B 480 37.37 -10.44 -10.18
N MET B 481 36.08 -10.24 -10.46
CA MET B 481 35.47 -8.93 -10.46
C MET B 481 35.42 -8.32 -9.04
N ILE B 482 35.14 -9.13 -8.03
CA ILE B 482 34.93 -8.61 -6.72
C ILE B 482 36.22 -8.14 -6.08
N GLU B 483 37.34 -8.67 -6.56
CA GLU B 483 38.61 -8.26 -6.03
C GLU B 483 38.97 -6.82 -6.44
N GLN B 484 38.60 -6.43 -7.65
CA GLN B 484 38.74 -5.03 -8.07
C GLN B 484 37.80 -4.04 -7.32
N TYR B 485 36.59 -4.50 -7.04
CA TYR B 485 35.65 -3.75 -6.22
C TYR B 485 36.21 -3.50 -4.84
N SER B 486 36.59 -4.58 -4.15
CA SER B 486 37.24 -4.54 -2.83
C SER B 486 38.54 -3.76 -2.80
N ARG B 487 39.33 -3.87 -3.85
CA ARG B 487 40.53 -3.14 -3.90
C ARG B 487 40.17 -1.66 -3.88
N GLN B 488 39.18 -1.27 -4.69
CA GLN B 488 38.72 0.14 -4.63
C GLN B 488 38.18 0.58 -3.29
N ALA B 489 37.44 -0.27 -2.60
CA ALA B 489 36.93 0.12 -1.32
C ALA B 489 38.06 0.38 -0.32
N GLY B 490 39.14 -0.41 -0.43
CA GLY B 490 40.35 -0.28 0.36
C GLY B 490 41.08 1.03 0.10
N TYR B 491 41.16 1.40 -1.18
CA TYR B 491 41.71 2.71 -1.50
C TYR B 491 40.88 3.82 -1.01
N LEU B 492 39.55 3.65 -1.01
CA LEU B 492 38.70 4.71 -0.55
C LEU B 492 38.98 5.01 0.93
N LEU B 493 39.22 4.01 1.78
CA LEU B 493 39.56 4.26 3.17
C LEU B 493 40.85 5.06 3.22
N ASP B 494 41.86 4.65 2.45
CA ASP B 494 43.13 5.38 2.38
C ASP B 494 42.88 6.86 2.13
N GLU B 495 42.00 7.16 1.17
CA GLU B 495 41.83 8.54 0.73
C GLU B 495 40.95 9.42 1.60
N GLY B 496 40.25 8.85 2.58
CA GLY B 496 39.28 9.65 3.33
C GLY B 496 37.95 9.05 3.74
N ALA B 497 37.71 7.77 3.46
CA ALA B 497 36.41 7.19 3.79
C ALA B 497 36.51 6.28 5.00
N LEU B 498 35.36 5.86 5.49
CA LEU B 498 35.24 4.93 6.61
C LEU B 498 34.32 3.73 6.18
N PRO B 499 34.37 2.60 6.90
CA PRO B 499 33.57 1.43 6.51
C PRO B 499 32.05 1.63 6.47
N GLU B 500 31.46 2.29 7.48
CA GLU B 500 30.02 2.64 7.48
C GLU B 500 29.60 3.53 6.27
N GLN B 501 30.43 4.53 5.97
CA GLN B 501 30.24 5.45 4.85
C GLN B 501 30.20 4.77 3.49
N VAL B 502 31.18 3.88 3.25
CA VAL B 502 31.23 3.15 1.99
C VAL B 502 30.04 2.17 1.83
N ASP B 503 29.83 1.39 2.89
CA ASP B 503 28.80 0.37 2.93
C ASP B 503 27.41 0.99 2.69
N LYS B 504 27.12 2.12 3.36
CA LYS B 504 25.82 2.82 3.20
C LYS B 504 25.61 3.41 1.81
N ALA B 505 26.65 3.99 1.23
CA ALA B 505 26.52 4.54 -0.10
C ALA B 505 26.18 3.45 -1.13
N ILE B 506 26.81 2.29 -1.00
CA ILE B 506 26.69 1.27 -1.98
C ILE B 506 25.41 0.46 -1.69
N GLU B 507 25.06 0.34 -0.42
CA GLU B 507 23.71 -0.11 -0.06
C GLU B 507 22.58 0.81 -0.56
N LYS B 508 22.81 2.13 -0.58
CA LYS B 508 21.82 3.09 -1.11
C LYS B 508 21.62 2.84 -2.59
N PHE B 509 22.72 2.60 -3.29
CA PHE B 509 22.69 2.24 -4.71
C PHE B 509 21.88 0.94 -5.02
N GLY B 510 21.73 0.06 -4.03
CA GLY B 510 20.87 -1.13 -4.10
C GLY B 510 21.57 -2.45 -3.82
N PHE B 511 22.88 -2.45 -3.50
CA PHE B 511 23.49 -3.71 -3.05
C PHE B 511 22.87 -4.17 -1.72
N ALA B 512 22.62 -5.46 -1.59
CA ALA B 512 22.15 -6.07 -0.38
C ALA B 512 23.11 -5.80 0.79
N MET B 513 24.40 -5.78 0.51
CA MET B 513 25.41 -5.65 1.54
C MET B 513 26.67 -5.05 1.02
N GLY B 514 27.22 -4.11 1.78
CA GLY B 514 28.43 -3.40 1.42
C GLY B 514 29.68 -4.24 1.62
N PRO B 515 30.78 -3.86 1.00
CA PRO B 515 32.00 -4.70 1.10
C PRO B 515 32.54 -4.93 2.55
N PHE B 516 32.46 -3.96 3.43
CA PHE B 516 32.99 -4.17 4.77
C PHE B 516 32.13 -5.12 5.60
N ARG B 517 30.82 -4.99 5.51
CA ARG B 517 29.90 -6.00 6.08
C ARG B 517 30.13 -7.36 5.47
N MET B 518 30.37 -7.39 4.16
CA MET B 518 30.62 -8.62 3.42
C MET B 518 31.88 -9.37 3.91
N GLY B 519 32.97 -8.63 4.11
CA GLY B 519 34.22 -9.21 4.60
C GLY B 519 34.00 -9.82 5.97
N ASP B 520 33.34 -9.06 6.84
CA ASP B 520 33.11 -9.54 8.20
C ASP B 520 32.26 -10.82 8.22
N LEU B 521 31.32 -10.92 7.27
CA LEU B 521 30.46 -12.10 7.17
C LEU B 521 31.27 -13.24 6.68
N ALA B 522 32.09 -13.03 5.65
CA ALA B 522 32.96 -14.08 5.13
C ALA B 522 34.02 -14.49 6.19
N GLY B 523 34.59 -13.52 6.90
CA GLY B 523 35.78 -13.74 7.70
C GLY B 523 36.91 -13.11 6.92
N ASN B 524 37.39 -11.98 7.42
CA ASN B 524 38.45 -11.23 6.73
C ASN B 524 39.75 -12.05 6.57
N ASP B 525 39.94 -13.03 7.45
CA ASP B 525 41.13 -13.90 7.46
C ASP B 525 41.31 -14.75 6.20
N ILE B 526 40.19 -15.16 5.60
CA ILE B 526 40.17 -15.82 4.27
C ILE B 526 40.84 -14.95 3.18
N GLY B 527 40.48 -13.67 3.15
CA GLY B 527 41.11 -12.74 2.23
C GLY B 527 42.56 -12.47 2.54
N TRP B 528 42.88 -12.37 3.82
CA TRP B 528 44.27 -12.27 4.31
C TRP B 528 45.26 -13.35 3.75
N ALA B 529 44.96 -14.62 3.94
CA ALA B 529 45.78 -15.72 3.45
C ALA B 529 45.81 -15.85 1.93
N ILE B 530 44.99 -15.08 1.23
CA ILE B 530 44.98 -15.05 -0.21
C ILE B 530 45.81 -13.86 -0.68
N ARG B 531 45.62 -12.68 -0.09
CA ARG B 531 46.48 -11.52 -0.37
C ARG B 531 47.96 -11.80 -0.12
N LYS B 532 48.26 -12.66 0.85
CA LYS B 532 49.64 -12.98 1.21
C LYS B 532 50.21 -14.12 0.32
N ARG B 533 49.41 -14.65 -0.60
CA ARG B 533 49.92 -15.29 -1.83
C ARG B 533 50.10 -14.26 -2.98
N ARG B 534 49.34 -13.17 -2.99
CA ARG B 534 49.49 -12.07 -3.99
C ARG B 534 50.70 -11.14 -3.83
N ALA B 535 51.24 -11.01 -2.62
CA ALA B 535 52.50 -10.28 -2.43
C ALA B 535 53.67 -11.21 -2.79
N VAL B 536 53.66 -12.41 -2.20
CA VAL B 536 54.80 -13.35 -2.24
C VAL B 536 55.07 -13.84 -3.64
N ASP B 537 54.03 -14.35 -4.27
CA ASP B 537 54.13 -14.70 -5.67
C ASP B 537 53.96 -13.42 -6.50
N LYS B 538 54.30 -13.48 -7.80
CA LYS B 538 54.26 -12.28 -8.66
C LYS B 538 52.87 -11.62 -8.66
N PRO B 539 52.77 -10.31 -8.92
CA PRO B 539 53.86 -9.34 -8.73
C PRO B 539 53.70 -8.65 -7.35
N GLU B 540 53.93 -7.34 -7.31
CA GLU B 540 53.34 -6.50 -6.29
C GLU B 540 52.14 -5.86 -6.97
N ILE B 541 51.00 -6.57 -6.96
CA ILE B 541 49.72 -5.85 -7.13
C ILE B 541 49.49 -5.32 -5.73
N GLN B 542 49.00 -4.09 -5.67
CA GLN B 542 49.11 -3.23 -4.52
C GLN B 542 47.75 -2.93 -3.91
N TYR B 543 47.45 -3.51 -2.76
CA TYR B 543 46.21 -3.27 -2.03
C TYR B 543 46.48 -2.29 -0.93
N SER B 544 45.42 -1.65 -0.45
CA SER B 544 45.51 -0.89 0.79
C SER B 544 45.85 -1.87 1.89
N LYS B 545 46.82 -1.55 2.75
CA LYS B 545 47.21 -2.48 3.83
C LYS B 545 46.26 -2.44 5.07
N THR B 546 45.28 -1.53 5.01
CA THR B 546 44.16 -1.41 5.95
C THR B 546 43.55 -2.80 6.28
N ALA B 547 43.33 -3.63 5.26
CA ALA B 547 42.78 -4.99 5.44
C ALA B 547 43.72 -5.96 6.16
N ASP B 548 45.04 -5.84 5.90
CA ASP B 548 46.04 -6.66 6.58
C ASP B 548 46.13 -6.19 8.03
N LEU B 549 46.19 -4.89 8.21
CA LEU B 549 46.29 -4.34 9.55
C LEU B 549 45.15 -4.79 10.47
N LEU B 550 44.00 -5.08 9.88
CA LEU B 550 42.83 -5.47 10.66
C LEU B 550 42.96 -6.89 11.07
N CYS B 551 43.29 -7.75 10.11
CA CYS B 551 43.51 -9.15 10.44
C CYS B 551 44.63 -9.33 11.51
N GLU B 552 45.70 -8.53 11.43
CA GLU B 552 46.79 -8.50 12.43
C GLU B 552 46.26 -8.21 13.83
N MET B 553 45.27 -7.32 13.99
CA MET B 553 44.56 -7.16 15.28
C MET B 553 43.64 -8.34 15.69
N GLY B 554 43.60 -9.39 14.88
CA GLY B 554 42.67 -10.49 15.13
C GLY B 554 41.19 -10.27 14.77
N ARG B 555 40.82 -9.12 14.24
CA ARG B 555 39.43 -8.76 14.01
C ARG B 555 38.96 -9.32 12.68
N PHE B 556 38.62 -10.60 12.68
CA PHE B 556 38.23 -11.33 11.51
C PHE B 556 36.74 -11.20 11.09
N GLY B 557 35.95 -10.45 11.85
CA GLY B 557 34.50 -10.30 11.61
C GLY B 557 33.60 -11.11 12.53
N GLN B 558 32.41 -11.41 12.01
CA GLN B 558 31.31 -11.93 12.84
C GLN B 558 31.67 -13.14 13.67
N LYS B 559 32.35 -14.11 13.10
CA LYS B 559 32.73 -15.27 13.87
C LYS B 559 33.63 -15.01 15.12
N THR B 560 34.24 -13.83 15.28
CA THR B 560 34.93 -13.44 16.52
C THR B 560 34.39 -12.18 17.17
N GLY B 561 33.19 -11.77 16.75
CA GLY B 561 32.52 -10.62 17.34
C GLY B 561 33.03 -9.29 16.85
N ALA B 562 34.09 -9.29 16.03
CA ALA B 562 34.84 -8.05 15.77
C ALA B 562 35.55 -8.12 14.44
N GLY B 563 35.31 -7.11 13.60
CA GLY B 563 35.88 -7.05 12.27
C GLY B 563 36.10 -5.60 11.99
N TRP B 564 35.67 -5.20 10.79
CA TRP B 564 35.53 -3.80 10.43
C TRP B 564 34.56 -3.10 11.40
N TYR B 565 33.62 -3.89 11.91
CA TYR B 565 32.60 -3.49 12.85
C TYR B 565 32.62 -4.44 14.08
N ASP B 566 31.94 -4.06 15.17
CA ASP B 566 31.67 -4.95 16.31
C ASP B 566 30.26 -5.52 16.13
N TYR B 567 30.02 -6.70 16.72
CA TYR B 567 28.74 -7.43 16.65
C TYR B 567 28.28 -8.01 17.99
N LYS B 568 27.20 -7.46 18.54
CA LYS B 568 26.62 -7.98 19.80
C LYS B 568 25.73 -9.19 19.46
N ALA B 569 25.61 -10.16 20.36
CA ALA B 569 24.96 -11.46 20.04
C ALA B 569 23.45 -11.31 19.81
N GLY B 570 22.93 -11.99 18.79
CA GLY B 570 21.54 -11.80 18.31
C GLY B 570 21.10 -10.38 17.88
N ASP B 571 22.08 -9.51 17.57
CA ASP B 571 21.87 -8.11 17.19
C ASP B 571 22.58 -7.96 15.84
N ARG B 572 21.81 -7.72 14.79
CA ARG B 572 22.33 -7.59 13.43
C ARG B 572 23.05 -6.25 13.16
N LYS B 573 22.83 -5.23 13.98
CA LYS B 573 23.57 -3.98 13.85
C LYS B 573 25.05 -4.31 13.87
N PRO B 574 25.77 -3.91 12.79
CA PRO B 574 27.22 -3.76 12.85
C PRO B 574 27.61 -2.37 13.38
N TYR B 575 28.25 -2.28 14.55
CA TYR B 575 28.62 -0.96 15.17
C TYR B 575 30.01 -0.49 14.71
N PRO B 576 30.18 0.78 14.32
CA PRO B 576 31.55 1.18 13.95
C PRO B 576 32.46 1.20 15.20
N ASN B 577 33.72 0.82 15.03
CA ASN B 577 34.63 0.56 16.13
C ASN B 577 35.68 1.64 16.10
N GLN B 578 36.00 2.22 17.26
CA GLN B 578 36.89 3.42 17.30
C GLN B 578 38.32 3.05 16.88
N GLN B 579 38.74 1.85 17.28
CA GLN B 579 40.06 1.33 16.98
C GLN B 579 40.35 1.15 15.47
N VAL B 580 39.33 0.67 14.73
CA VAL B 580 39.32 0.48 13.27
C VAL B 580 39.37 1.87 12.58
N ASN B 581 38.51 2.79 13.04
CA ASN B 581 38.45 4.16 12.48
C ASN B 581 39.80 4.87 12.78
N ASP B 582 40.31 4.75 14.00
CA ASP B 582 41.66 5.26 14.34
C ASP B 582 42.81 4.57 13.58
N MET B 583 42.72 3.26 13.33
CA MET B 583 43.69 2.59 12.45
C MET B 583 43.68 3.13 11.02
N ILE B 584 42.51 3.53 10.53
CA ILE B 584 42.40 4.02 9.15
C ILE B 584 42.91 5.46 9.00
N VAL B 585 42.71 6.29 10.02
CA VAL B 585 43.22 7.66 9.96
C VAL B 585 44.73 7.65 10.10
N GLN B 586 45.22 6.84 11.05
CA GLN B 586 46.66 6.52 11.15
C GLN B 586 47.27 6.09 9.83
N HIS B 587 46.61 5.17 9.14
CA HIS B 587 47.17 4.67 7.91
C HIS B 587 47.31 5.75 6.86
N SER B 588 46.30 6.63 6.75
CA SER B 588 46.32 7.70 5.74
C SER B 588 47.49 8.61 6.09
N LYS B 589 47.49 9.05 7.36
CA LYS B 589 48.57 9.87 7.91
C LYS B 589 49.94 9.30 7.58
N ASP B 590 50.14 8.00 7.80
CA ASP B 590 51.41 7.34 7.48
C ASP B 590 51.73 7.37 5.97
N LEU B 591 50.72 7.21 5.10
CA LEU B 591 50.89 7.35 3.64
C LEU B 591 51.12 8.80 3.15
N GLY B 592 50.94 9.81 4.03
CA GLY B 592 51.25 11.22 3.71
C GLY B 592 50.08 11.93 3.07
N ILE B 593 48.87 11.44 3.37
CA ILE B 593 47.65 11.82 2.66
C ILE B 593 46.83 12.74 3.54
N THR B 594 46.26 13.78 2.93
CA THR B 594 45.23 14.60 3.58
C THR B 594 43.88 13.96 3.26
N ARG B 595 43.16 13.55 4.29
CA ARG B 595 41.92 12.81 4.13
C ARG B 595 40.80 13.73 3.68
N ARG B 596 40.47 13.69 2.40
CA ARG B 596 39.35 14.46 1.89
C ARG B 596 38.01 13.82 2.23
N LYS B 597 36.94 14.50 1.84
CA LYS B 597 35.58 14.05 2.04
C LYS B 597 35.16 13.55 0.68
N ILE B 598 34.52 12.39 0.65
CA ILE B 598 34.29 11.70 -0.61
C ILE B 598 32.80 11.57 -0.76
N SER B 599 32.25 11.99 -1.89
CA SER B 599 30.80 11.74 -2.11
C SER B 599 30.42 10.24 -2.11
N ASP B 600 29.14 9.98 -1.83
CA ASP B 600 28.53 8.71 -2.13
C ASP B 600 28.62 8.38 -3.60
N GLU B 601 28.57 9.42 -4.44
CA GLU B 601 28.57 9.29 -5.88
C GLU B 601 29.89 8.73 -6.35
N GLU B 602 30.97 9.24 -5.76
CA GLU B 602 32.31 8.78 -6.06
C GLU B 602 32.49 7.36 -5.51
N ILE B 603 32.10 7.12 -4.27
CA ILE B 603 32.13 5.78 -3.73
C ILE B 603 31.48 4.78 -4.72
N VAL B 604 30.23 5.03 -5.07
CA VAL B 604 29.46 4.13 -5.93
C VAL B 604 30.12 3.91 -7.28
N GLU B 605 30.59 4.98 -7.88
CA GLU B 605 31.16 4.89 -9.22
C GLU B 605 32.48 4.05 -9.31
N ARG B 606 33.36 4.34 -8.36
CA ARG B 606 34.63 3.68 -8.22
C ARG B 606 34.43 2.19 -7.98
N LEU B 607 33.57 1.83 -7.02
CA LEU B 607 33.25 0.39 -6.78
C LEU B 607 32.61 -0.33 -7.98
N VAL B 608 31.67 0.33 -8.63
CA VAL B 608 30.87 -0.30 -9.69
C VAL B 608 31.65 -0.29 -10.99
N PHE B 609 32.39 0.79 -11.27
CA PHE B 609 33.16 0.78 -12.52
C PHE B 609 34.43 -0.09 -12.43
N ALA B 610 34.89 -0.39 -11.21
CA ALA B 610 35.90 -1.41 -11.01
C ALA B 610 35.36 -2.72 -11.55
N LEU B 611 34.12 -3.03 -11.22
CA LEU B 611 33.47 -4.27 -11.66
C LEU B 611 33.32 -4.29 -13.15
N VAL B 612 32.74 -3.22 -13.67
CA VAL B 612 32.49 -3.13 -15.13
C VAL B 612 33.78 -3.29 -15.95
N ASN B 613 34.84 -2.62 -15.54
CA ASN B 613 36.08 -2.65 -16.28
C ASN B 613 36.67 -4.05 -16.30
N GLU B 614 36.68 -4.70 -15.14
CA GLU B 614 37.09 -6.10 -15.06
C GLU B 614 36.15 -7.09 -15.82
N GLY B 615 34.85 -6.85 -15.79
CA GLY B 615 33.94 -7.55 -16.66
C GLY B 615 34.27 -7.39 -18.12
N ALA B 616 34.67 -6.18 -18.53
CA ALA B 616 35.05 -5.94 -19.92
C ALA B 616 36.25 -6.79 -20.37
N ARG B 617 37.20 -7.01 -19.46
CA ARG B 617 38.37 -7.87 -19.77
C ARG B 617 37.98 -9.35 -19.83
N ILE B 618 37.21 -9.80 -18.85
CA ILE B 618 36.63 -11.13 -18.90
C ILE B 618 35.89 -11.43 -20.23
N LEU B 619 35.23 -10.43 -20.81
CA LEU B 619 34.50 -10.62 -22.08
C LEU B 619 35.44 -10.71 -23.27
N GLU B 620 36.46 -9.84 -23.28
CA GLU B 620 37.43 -9.79 -24.35
C GLU B 620 38.26 -11.09 -24.37
N GLU B 621 38.69 -11.54 -23.19
CA GLU B 621 39.39 -12.84 -23.01
C GLU B 621 38.58 -14.11 -23.32
N GLY B 622 37.26 -14.05 -23.32
CA GLY B 622 36.38 -15.23 -23.54
C GLY B 622 36.08 -16.06 -22.32
N ILE B 623 36.47 -15.57 -21.15
CA ILE B 623 36.20 -16.21 -19.88
C ILE B 623 34.71 -16.27 -19.62
N ALA B 624 33.99 -15.20 -19.98
CA ALA B 624 32.53 -15.23 -20.05
C ALA B 624 32.11 -15.16 -21.52
N SER B 625 31.10 -15.92 -21.90
CA SER B 625 30.71 -15.95 -23.32
C SER B 625 29.74 -14.79 -23.69
N LYS B 626 29.16 -14.11 -22.68
CA LYS B 626 28.33 -12.93 -22.93
C LYS B 626 28.10 -12.10 -21.68
N ALA B 627 27.64 -10.88 -21.88
CA ALA B 627 27.57 -9.89 -20.80
C ALA B 627 26.43 -10.23 -19.86
N SER B 628 25.38 -10.86 -20.39
CA SER B 628 24.31 -11.22 -19.52
C SER B 628 24.77 -12.21 -18.46
N ASP B 629 25.67 -13.15 -18.79
CA ASP B 629 26.22 -14.13 -17.81
C ASP B 629 26.95 -13.48 -16.61
N ILE B 630 27.66 -12.42 -16.89
CA ILE B 630 28.33 -11.69 -15.84
C ILE B 630 27.28 -11.09 -14.93
N ASP B 631 26.23 -10.54 -15.57
CA ASP B 631 25.16 -9.88 -14.85
C ASP B 631 24.42 -10.91 -13.99
N MET B 632 24.20 -12.13 -14.48
CA MET B 632 23.57 -13.18 -13.64
C MET B 632 24.44 -13.56 -12.46
N VAL B 633 25.74 -13.56 -12.67
CA VAL B 633 26.61 -13.88 -11.60
C VAL B 633 26.43 -12.83 -10.52
N TYR B 634 26.38 -11.56 -10.91
CA TYR B 634 26.24 -10.46 -9.94
C TYR B 634 24.86 -10.41 -9.27
N LEU B 635 23.84 -10.76 -10.01
CA LEU B 635 22.51 -10.77 -9.46
C LEU B 635 22.31 -11.90 -8.45
N THR B 636 22.82 -13.10 -8.80
CA THR B 636 22.54 -14.28 -8.01
C THR B 636 23.59 -14.49 -6.89
N GLY B 637 24.84 -14.08 -7.11
CA GLY B 637 25.92 -14.30 -6.17
C GLY B 637 26.39 -13.15 -5.28
N TYR B 638 26.21 -11.90 -5.71
CA TYR B 638 26.80 -10.77 -4.97
C TYR B 638 25.86 -9.70 -4.48
N GLY B 639 24.55 -9.90 -4.66
CA GLY B 639 23.62 -8.92 -4.18
C GLY B 639 23.51 -7.67 -5.01
N PHE B 640 23.85 -7.75 -6.29
CA PHE B 640 23.71 -6.57 -7.18
C PHE B 640 22.19 -6.34 -7.34
N PRO B 641 21.73 -5.07 -7.20
CA PRO B 641 20.27 -4.78 -7.15
C PRO B 641 19.59 -5.19 -8.44
N LEU B 642 18.58 -6.02 -8.31
CA LEU B 642 17.81 -6.55 -9.46
C LEU B 642 17.24 -5.48 -10.35
N PHE B 643 16.76 -4.38 -9.74
CA PHE B 643 16.19 -3.22 -10.47
C PHE B 643 17.17 -2.47 -11.38
N ARG B 644 18.48 -2.77 -11.27
CA ARG B 644 19.44 -2.24 -12.22
C ARG B 644 20.00 -3.30 -13.20
N GLY B 645 19.68 -4.56 -13.00
CA GLY B 645 19.98 -5.57 -13.97
C GLY B 645 21.36 -6.18 -13.89
N GLY B 646 22.32 -5.48 -13.31
CA GLY B 646 23.68 -6.01 -13.15
C GLY B 646 24.64 -4.99 -13.65
N PRO B 647 25.94 -5.22 -13.41
CA PRO B 647 26.93 -4.19 -13.77
C PRO B 647 27.11 -3.90 -15.23
N MET B 648 26.95 -4.90 -16.11
CA MET B 648 27.17 -4.65 -17.53
C MET B 648 25.98 -3.88 -18.14
N LEU B 649 24.75 -4.18 -17.71
CA LEU B 649 23.58 -3.43 -18.15
C LEU B 649 23.61 -2.04 -17.54
N TYR B 650 23.89 -1.93 -16.25
CA TYR B 650 23.99 -0.63 -15.60
C TYR B 650 24.95 0.25 -16.37
N ALA B 651 26.09 -0.29 -16.77
CA ALA B 651 27.04 0.46 -17.59
C ALA B 651 26.51 0.91 -18.94
N ASP B 652 25.75 0.06 -19.65
CA ASP B 652 25.06 0.48 -20.89
C ASP B 652 24.04 1.59 -20.65
N GLN B 653 23.41 1.55 -19.48
CA GLN B 653 22.39 2.51 -19.09
C GLN B 653 23.02 3.88 -18.83
N VAL B 654 24.15 3.91 -18.12
CA VAL B 654 24.91 5.16 -17.89
C VAL B 654 25.57 5.62 -19.20
N GLY B 655 25.75 4.72 -20.16
CA GLY B 655 26.39 5.01 -21.43
C GLY B 655 27.89 4.83 -21.31
N LEU B 656 28.43 3.93 -22.12
CA LEU B 656 29.80 3.51 -21.95
C LEU B 656 30.76 4.68 -22.07
N TYR B 657 30.44 5.59 -23.00
CA TYR B 657 31.25 6.78 -23.21
C TYR B 657 31.51 7.45 -21.87
N ASN B 658 30.48 7.54 -21.03
CA ASN B 658 30.56 8.24 -19.73
C ASN B 658 31.35 7.47 -18.68
N VAL B 659 31.27 6.15 -18.80
CA VAL B 659 32.00 5.25 -17.93
C VAL B 659 33.51 5.38 -18.22
N ALA B 660 33.86 5.22 -19.49
CA ALA B 660 35.24 5.45 -19.92
C ALA B 660 35.78 6.80 -19.48
N LEU B 661 34.98 7.82 -19.73
CA LEU B 661 35.33 9.19 -19.35
C LEU B 661 35.66 9.33 -17.87
N SER B 662 34.81 8.79 -17.00
CA SER B 662 35.07 8.89 -15.56
C SER B 662 36.27 8.01 -15.16
N MET B 663 36.49 6.91 -15.88
CA MET B 663 37.71 6.07 -15.67
C MET B 663 38.96 6.86 -15.97
N LYS B 664 39.01 7.52 -17.14
CA LYS B 664 40.15 8.39 -17.49
C LYS B 664 40.44 9.44 -16.44
N ARG B 665 39.41 9.96 -15.79
CA ARG B 665 39.62 10.97 -14.77
C ARG B 665 40.12 10.36 -13.48
N TYR B 666 39.60 9.18 -13.11
CA TYR B 666 40.10 8.46 -11.92
C TYR B 666 41.54 7.94 -12.12
N ALA B 667 41.85 7.58 -13.36
CA ALA B 667 43.25 7.28 -13.76
C ALA B 667 44.31 8.33 -13.37
N LYS B 668 43.90 9.58 -13.03
CA LYS B 668 44.83 10.67 -12.65
C LYS B 668 44.97 10.87 -11.16
N GLY B 669 44.31 10.02 -10.36
CA GLY B 669 44.33 10.16 -8.91
C GLY B 669 45.10 9.05 -8.20
N TYR B 670 44.76 8.81 -6.94
CA TYR B 670 45.35 7.70 -6.17
C TYR B 670 45.15 6.33 -6.88
N HIS B 671 46.29 5.69 -7.15
CA HIS B 671 46.36 4.40 -7.77
C HIS B 671 45.69 4.36 -9.10
N GLY B 672 46.18 5.28 -9.91
CA GLY B 672 45.71 5.49 -11.25
C GLY B 672 45.82 4.31 -12.14
N GLU B 673 46.79 3.44 -11.86
CA GLU B 673 47.03 2.22 -12.66
C GLU B 673 45.81 1.35 -12.71
N ALA B 674 45.00 1.36 -11.65
CA ALA B 674 43.79 0.54 -11.62
C ALA B 674 42.70 0.99 -12.59
N TRP B 675 42.94 2.04 -13.40
CA TRP B 675 41.89 2.68 -14.17
C TRP B 675 42.19 2.80 -15.61
N GLN B 676 43.01 1.90 -16.11
CA GLN B 676 43.23 1.81 -17.51
C GLN B 676 41.98 1.18 -18.12
N VAL B 677 41.48 1.76 -19.20
CA VAL B 677 40.19 1.38 -19.69
C VAL B 677 40.42 0.09 -20.42
N ALA B 678 39.67 -0.93 -20.06
CA ALA B 678 39.59 -2.15 -20.80
C ALA B 678 39.39 -1.85 -22.25
N PRO B 679 40.20 -2.42 -23.14
CA PRO B 679 40.04 -2.20 -24.58
C PRO B 679 38.66 -2.42 -25.16
N LEU B 680 37.94 -3.46 -24.74
CA LEU B 680 36.60 -3.74 -25.31
C LEU B 680 35.63 -2.59 -24.93
N LEU B 681 35.78 -2.09 -23.69
CA LEU B 681 34.96 -1.04 -23.21
C LEU B 681 35.26 0.21 -24.03
N GLN B 682 36.54 0.41 -24.38
CA GLN B 682 36.95 1.56 -25.21
C GLN B 682 36.48 1.42 -26.65
N LYS B 683 36.57 0.23 -27.24
CA LYS B 683 36.10 0.02 -28.61
C LYS B 683 34.57 0.19 -28.73
N LEU B 684 33.81 -0.17 -27.68
CA LEU B 684 32.34 -0.17 -27.78
C LEU B 684 31.79 1.21 -27.57
N ALA B 685 32.34 1.93 -26.58
CA ALA B 685 32.14 3.36 -26.39
C ALA B 685 32.37 4.17 -27.67
N ASP B 686 33.59 4.13 -28.21
CA ASP B 686 33.89 4.77 -29.51
C ASP B 686 32.90 4.39 -30.64
N GLU B 687 32.44 3.13 -30.70
CA GLU B 687 31.43 2.75 -31.69
C GLU B 687 29.97 3.12 -31.36
N GLY B 688 29.72 3.85 -30.26
CA GLY B 688 28.36 4.08 -29.77
C GLY B 688 27.57 2.82 -29.42
N LYS B 689 28.26 1.76 -28.99
CA LYS B 689 27.61 0.47 -28.69
C LYS B 689 27.65 0.17 -27.21
N GLY B 690 26.92 -0.87 -26.82
CA GLY B 690 26.89 -1.37 -25.42
C GLY B 690 27.25 -2.84 -25.31
N PHE B 691 27.49 -3.33 -24.11
CA PHE B 691 27.86 -4.73 -23.88
C PHE B 691 26.77 -5.67 -24.33
N ASN B 692 25.52 -5.24 -24.12
CA ASN B 692 24.32 -6.02 -24.42
C ASN B 692 23.57 -5.62 -25.68
N GLY B 693 24.08 -4.71 -26.50
CA GLY B 693 23.25 -4.11 -27.56
C GLY B 693 22.51 -5.09 -28.45
C1 GOL C . -26.43 13.12 11.61
O1 GOL C . -26.13 13.67 12.90
C2 GOL C . -27.53 12.09 11.81
O2 GOL C . -27.54 11.11 10.73
C3 GOL C . -28.88 12.79 11.89
O3 GOL C . -28.77 13.89 12.78
C1 GOL D . -40.65 20.28 -6.36
O1 GOL D . -40.04 19.14 -6.96
C2 GOL D . -40.31 21.47 -7.22
O2 GOL D . -40.23 22.54 -6.30
C3 GOL D . -41.33 21.79 -8.32
O3 GOL D . -42.26 20.69 -8.50
C1 GOL E . -1.23 22.08 3.38
O1 GOL E . -2.14 21.20 4.05
C2 GOL E . -2.01 22.88 2.35
O2 GOL E . -2.63 22.01 1.40
C3 GOL E . -3.08 23.77 2.99
O3 GOL E . -2.57 24.63 4.05
PA NAD F . 3.61 2.22 27.05
O1A NAD F . 3.95 0.72 27.05
O2A NAD F . 3.23 2.86 25.69
O5B NAD F . 4.78 3.16 27.61
C5B NAD F . 5.94 3.29 26.81
C4B NAD F . 6.46 1.92 26.46
O4B NAD F . 7.63 2.10 25.69
C3B NAD F . 6.70 1.06 27.70
O3B NAD F . 5.86 -0.12 27.69
C2B NAD F . 8.12 0.64 27.60
O2B NAD F . 8.11 -0.79 27.52
C1B NAD F . 8.61 1.33 26.31
N9A NAD F . 9.68 2.27 26.58
C8A NAD F . 9.88 3.07 27.64
N7A NAD F . 11.05 3.74 27.44
C5A NAD F . 11.58 3.35 26.25
C6A NAD F . 12.78 3.64 25.39
N6A NAD F . 13.71 4.52 25.79
N1A NAD F . 12.93 3.00 24.19
C2A NAD F . 12.01 2.12 23.76
N3A NAD F . 10.90 1.80 24.46
C4A NAD F . 10.65 2.38 25.67
O3 NAD F . 2.50 2.24 28.18
PN NAD F . 1.65 3.53 28.30
O1N NAD F . 2.82 4.49 28.42
O2N NAD F . 0.60 3.25 29.36
O5D NAD F . 0.76 3.65 26.90
C5D NAD F . 0.95 4.57 25.80
C4D NAD F . 1.88 5.74 26.09
O4D NAD F . 2.24 6.82 25.15
C3D NAD F . 1.07 6.57 26.99
O3D NAD F . 0.35 5.82 27.95
C2D NAD F . 2.16 7.60 27.31
O2D NAD F . 3.36 7.18 27.99
C1D NAD F . 2.50 8.06 25.87
N1N NAD F . 1.54 9.17 25.78
C2N NAD F . 1.73 10.16 26.60
C3N NAD F . 0.79 11.13 26.67
C7N NAD F . 1.21 12.16 27.60
O7N NAD F . 0.87 12.17 28.78
N7N NAD F . 2.04 12.98 27.00
C4N NAD F . -0.36 11.20 25.90
C5N NAD F . -0.56 10.15 25.06
C6N NAD F . 0.43 9.16 25.08
C1 GOL G . 10.31 -7.58 -8.90
O1 GOL G . 10.69 -8.93 -9.10
C2 GOL G . 8.82 -7.47 -9.10
O2 GOL G . 8.51 -6.08 -9.15
C3 GOL G . 8.45 -8.18 -10.40
O3 GOL G . 8.50 -9.59 -10.13
C1 GOL H . 49.32 -25.34 -16.81
O1 GOL H . 48.67 -24.24 -16.18
C2 GOL H . 48.33 -26.47 -17.00
O2 GOL H . 47.24 -25.88 -17.69
C3 GOL H . 48.97 -27.58 -17.82
O3 GOL H . 48.03 -28.46 -18.46
C1 GOL I . 37.77 -5.79 3.09
O1 GOL I . 37.57 -6.87 4.04
C2 GOL I . 37.12 -6.05 1.73
O2 GOL I . 36.73 -4.79 1.14
C3 GOL I . 35.91 -6.99 1.84
O3 GOL I . 35.36 -7.37 0.57
PA NAD J . 35.74 -27.50 6.18
O1A NAD J . 35.45 -28.02 7.59
O2A NAD J . 34.78 -26.43 5.70
O5B NAD J . 35.80 -28.75 5.09
C5B NAD J . 36.85 -29.16 4.19
C4B NAD J . 37.56 -30.44 4.66
O4B NAD J . 38.67 -30.82 3.82
C3B NAD J . 38.16 -30.43 6.08
O3B NAD J . 37.25 -31.12 6.97
C2B NAD J . 39.53 -31.09 5.94
O2B NAD J . 39.83 -32.09 6.92
C1B NAD J . 39.39 -31.78 4.60
N9A NAD J . 40.62 -32.26 3.95
C8A NAD J . 41.82 -31.63 3.83
N7A NAD J . 42.69 -32.41 3.11
C5A NAD J . 42.02 -33.54 2.76
C6A NAD J . 42.30 -34.78 2.00
N6A NAD J . 43.51 -34.97 1.48
N1A NAD J . 41.32 -35.70 1.85
C2A NAD J . 40.07 -35.55 2.37
N3A NAD J . 39.75 -34.46 3.07
C4A NAD J . 40.66 -33.44 3.31
O3 NAD J . 37.25 -26.99 6.33
PN NAD J . 38.13 -26.01 5.43
O1N NAD J . 38.47 -24.74 6.22
O2N NAD J . 39.24 -26.86 4.84
O5D NAD J . 37.09 -25.67 4.31
C5D NAD J . 36.48 -24.42 4.37
C4D NAD J . 35.66 -24.56 3.17
O4D NAD J . 36.61 -24.62 2.14
C3D NAD J . 34.87 -25.81 2.84
O3D NAD J . 33.57 -25.67 3.43
C2D NAD J . 34.98 -25.87 1.30
O2D NAD J . 33.90 -25.58 0.41
C1D NAD J . 35.66 -24.57 1.07
N1N NAD J . 36.13 -24.26 -0.25
C2N NAD J . 37.34 -24.66 -0.45
C3N NAD J . 37.89 -24.34 -1.64
C7N NAD J . 39.24 -24.85 -1.75
O7N NAD J . 39.93 -24.71 -0.76
N7N NAD J . 39.69 -25.36 -2.87
C4N NAD J . 37.22 -23.57 -2.58
C5N NAD J . 35.93 -23.14 -2.34
C6N NAD J . 35.41 -23.49 -1.12
#